data_6JXK
#
_entry.id   6JXK
#
_cell.length_a   191.510
_cell.length_b   106.430
_cell.length_c   250.960
_cell.angle_alpha   90.000
_cell.angle_beta   107.790
_cell.angle_gamma   90.000
#
_symmetry.space_group_name_H-M   'C 1 2 1'
#
loop_
_entity.id
_entity.type
_entity.pdbx_description
1 polymer 'Potassium-transporting ATPase alpha chain 1'
2 polymer 'Potassium-transporting ATPase subunit beta'
3 non-polymer TETRAFLUOROMAGNESATE(2-)
4 non-polymer 'MAGNESIUM ION'
5 non-polymer CHOLESTEROL
6 non-polymer 'POTASSIUM ION'
7 non-polymer 2-acetamido-2-deoxy-beta-D-glucopyranose
#
loop_
_entity_poly.entity_id
_entity_poly.type
_entity_poly.pdbx_seq_one_letter_code
_entity_poly.pdbx_strand_id
1 'polypeptide(L)'
;GMEINDHQLSVAELEQKYQTSATKGLSASLAAELLLRDGPNALRPPRGTPEYVKFARQLAGGLQCLMWVAAAICLIAFAI
QASEGDLTTDDNLYLALALIAVVVVTGCFGYYQEFKSTNIIASFKNLVPQQATVIRDGDKFQINADQLVVGDLVEMKGGD
RVPADIRILQAQGCKVDNSSLTGESEPQTRSPECTHESPLETRNIAFFSTMCLEGTAQGLVVNTGDRTIIGRIASLASGV
ENEKTPIAIEIEHFVDIIAGLAILFGATFFIVAMCIGYTFLRAMVFFMAIVVAYVPEGLLATVTVCLSLTAKRLASKNCV
VKNLEAVETLGSTSVICSDKTGTLTQNRMTVSHLWFDNHIHSADTTEDQSGQTFDQSSETWRALCRVLTLCNRAAFKSGQ
DAVPVPKRIVIGDASETALLKFSELTLGNAMGYRERFPKVCEIPFNSTNKFQLSIHTLEDPRDPRHVLVMKGAPERVLER
CSSILIKGQELPLDEQWREAFQTAYLSLGGLGERVLGFCQLYLSEKDYPPGYAFDVEAMNFPTSGLCFAGLVSMIDPPRA
TVPDAVLKCRTAGIRVIMVTGDHPITAKAIAASVGIISEGSETVEDIAARLRVPVDQVNRKDARACVINGMQLKDMDPSE
LVEALRTHPEMVFARTSPQQKLVIVESCQRLGAIVAVTGDGVNDSPALKKADIGVAMGIAGSDAAKNAADMILLDDNFAS
IVTGVEQGRLIFDNLKKSIAYTLTKNIPELTPYLIYITVSVPLPLGCITILFIELCTDIFPSVSLAYEKAESDIMHLRPR
NPKRDRLVNEPLAAYSYFQIGAIQSFAGFTDYFTAMAQEGWFPLLCVGLRPQWENHHLQDLQDSYGQEWTFGQRLYQQYT
CYTVFFISIEMCQIADVLIRKTRRLSAFQQGFFRNRILVIAIVFQVCIGCFLCYCPGMPNIFNFMPIRFQWWLVPMPFSL
LIFVYDEIRKLGVRCCPGSWWDQELYY
;
A,E
2 'polypeptide(L)'
;AALQEKKSCSQRMEEFQRYCWNPDTGQMLGRTLSRWVWISLYYVAFYVVMSGIFALCIYVLMRTIDPYTPDYQDQLKSPG
VTLRPDVYGEKGLDISYNVSDSTTWAGLAHTLHRFLAGYSPAAQEGSINCTSEKYFFQESFLAPNHTKFSCKFTADMLQN
CSGRPDPTFGFAEGKPCFIIKMNRIVKFLPGNSTAPRVDCAFLDQPRDGPPLQVEYFPANGTYSLHYFPYYGKKAQPHYS
NPLVAAKLLNVPRNRDVVIVCKILAEHVSFDNPHDPYEGKVEFKLKIQK
;
B,F
#
# COMPACT_ATOMS: atom_id res chain seq x y z
N GLY A 1 12.78 -48.63 61.70
CA GLY A 1 13.71 -47.66 61.14
C GLY A 1 13.10 -46.28 60.95
N MET A 2 13.16 -45.47 62.00
CA MET A 2 12.62 -44.08 61.96
C MET A 2 11.10 -44.13 62.18
N GLU A 3 10.51 -45.33 62.16
CA GLU A 3 9.05 -45.51 62.35
C GLU A 3 8.69 -45.21 63.81
N ILE A 4 8.09 -44.04 64.05
CA ILE A 4 7.69 -43.63 65.44
C ILE A 4 6.85 -44.75 66.05
N ASN A 5 7.49 -45.65 66.80
CA ASN A 5 6.78 -46.76 67.44
C ASN A 5 6.75 -46.57 68.95
N ASP A 6 7.27 -45.44 69.44
CA ASP A 6 7.37 -45.19 70.88
C ASP A 6 6.02 -45.02 71.55
N HIS A 7 4.95 -44.78 70.79
CA HIS A 7 3.63 -44.66 71.43
C HIS A 7 3.14 -46.01 71.94
N GLN A 8 3.59 -47.10 71.31
CA GLN A 8 3.15 -48.43 71.73
C GLN A 8 3.80 -48.85 73.04
N LEU A 9 5.03 -48.42 73.28
CA LEU A 9 5.83 -48.97 74.38
C LEU A 9 5.33 -48.47 75.73
N SER A 10 5.87 -49.06 76.79
CA SER A 10 5.46 -48.76 78.16
C SER A 10 6.29 -47.62 78.72
N VAL A 11 6.05 -47.30 79.99
CA VAL A 11 6.91 -46.33 80.67
C VAL A 11 8.26 -46.98 81.00
N ALA A 12 8.24 -48.27 81.33
CA ALA A 12 9.47 -48.95 81.69
C ALA A 12 10.33 -49.22 80.46
N GLU A 13 9.71 -49.62 79.35
CA GLU A 13 10.45 -49.82 78.11
C GLU A 13 11.04 -48.53 77.57
N LEU A 14 10.75 -47.39 78.19
CA LEU A 14 11.17 -46.07 77.72
C LEU A 14 12.46 -45.59 78.38
N GLU A 15 12.52 -45.63 79.72
CA GLU A 15 13.78 -45.31 80.38
C GLU A 15 14.89 -46.27 79.97
N GLN A 16 14.53 -47.42 79.40
CA GLN A 16 15.51 -48.29 78.75
C GLN A 16 15.86 -47.81 77.35
N LYS A 17 14.90 -47.20 76.65
CA LYS A 17 15.15 -46.80 75.26
C LYS A 17 15.88 -45.46 75.16
N TYR A 18 15.87 -44.64 76.21
CA TYR A 18 16.64 -43.40 76.20
C TYR A 18 17.44 -43.20 77.49
N GLN A 19 17.75 -44.30 78.20
CA GLN A 19 18.62 -44.28 79.37
C GLN A 19 18.29 -43.15 80.34
N THR A 20 17.03 -42.72 80.34
CA THR A 20 16.59 -41.52 81.01
C THR A 20 15.78 -41.87 82.26
N SER A 21 15.11 -40.86 82.80
CA SER A 21 14.19 -41.04 83.91
C SER A 21 12.84 -40.43 83.55
N ALA A 22 11.80 -40.90 84.23
CA ALA A 22 10.45 -40.49 83.88
C ALA A 22 10.08 -39.14 84.47
N THR A 23 10.69 -38.77 85.59
CA THR A 23 10.41 -37.50 86.23
C THR A 23 11.64 -36.62 86.42
N LYS A 24 12.83 -37.17 86.18
CA LYS A 24 14.08 -36.45 86.36
C LYS A 24 14.65 -35.90 85.06
N GLY A 25 14.32 -36.52 83.94
CA GLY A 25 14.96 -36.19 82.68
C GLY A 25 16.26 -36.96 82.51
N LEU A 26 17.05 -36.49 81.55
CA LEU A 26 18.34 -37.09 81.27
C LEU A 26 19.37 -36.65 82.31
N SER A 27 20.61 -37.08 82.12
CA SER A 27 21.75 -36.59 82.88
C SER A 27 22.44 -35.50 82.04
N ALA A 28 22.74 -34.37 82.69
CA ALA A 28 23.28 -33.19 82.03
C ALA A 28 24.38 -33.53 81.03
N SER A 29 25.20 -34.53 81.37
CA SER A 29 26.22 -35.00 80.43
C SER A 29 25.57 -35.60 79.19
N LEU A 30 24.74 -36.62 79.37
CA LEU A 30 24.18 -37.38 78.25
C LEU A 30 23.45 -36.48 77.25
N ALA A 31 22.92 -35.34 77.71
CA ALA A 31 22.26 -34.41 76.81
C ALA A 31 23.22 -33.83 75.79
N ALA A 32 24.52 -33.93 76.04
CA ALA A 32 25.52 -33.48 75.07
C ALA A 32 26.05 -34.64 74.24
N GLU A 33 26.21 -35.82 74.86
CA GLU A 33 26.61 -37.01 74.12
C GLU A 33 25.69 -37.25 72.94
N LEU A 34 24.38 -37.14 73.16
CA LEU A 34 23.42 -37.30 72.07
C LEU A 34 23.53 -36.15 71.08
N LEU A 35 23.69 -34.92 71.59
CA LEU A 35 23.88 -33.76 70.72
C LEU A 35 25.15 -33.90 69.89
N LEU A 36 26.19 -34.51 70.47
CA LEU A 36 27.42 -34.80 69.74
C LEU A 36 27.39 -36.19 69.10
N ARG A 37 26.25 -36.86 69.14
CA ARG A 37 25.95 -38.02 68.31
C ARG A 37 24.96 -37.74 67.20
N ASP A 38 23.90 -36.99 67.49
CA ASP A 38 22.81 -36.77 66.55
C ASP A 38 22.70 -35.33 66.08
N GLY A 39 23.60 -34.44 66.50
CA GLY A 39 23.53 -33.05 66.11
C GLY A 39 22.34 -32.35 66.73
N PRO A 40 22.23 -31.06 66.46
CA PRO A 40 21.17 -30.26 67.10
C PRO A 40 19.79 -30.62 66.59
N ASN A 41 18.78 -30.06 67.28
CA ASN A 41 17.37 -30.23 66.94
C ASN A 41 16.94 -29.02 66.10
N ALA A 42 17.22 -29.10 64.80
CA ALA A 42 16.90 -28.03 63.87
C ALA A 42 16.82 -28.64 62.47
N LEU A 43 16.73 -27.80 61.46
CA LEU A 43 16.54 -28.24 60.08
C LEU A 43 17.78 -27.89 59.26
N ARG A 44 18.45 -28.92 58.73
CA ARG A 44 19.57 -28.73 57.82
C ARG A 44 19.10 -27.95 56.60
N PRO A 45 19.59 -26.72 56.40
CA PRO A 45 19.22 -25.97 55.22
C PRO A 45 19.98 -26.45 54.01
N PRO A 46 19.30 -27.02 53.02
CA PRO A 46 19.98 -27.45 51.80
C PRO A 46 20.13 -26.30 50.83
N ARG A 47 21.37 -25.87 50.61
CA ARG A 47 21.64 -24.94 49.54
C ARG A 47 21.43 -25.62 48.20
N GLY A 48 20.84 -24.90 47.26
CA GLY A 48 20.94 -25.31 45.88
C GLY A 48 22.34 -25.02 45.37
N THR A 49 22.51 -25.20 44.08
CA THR A 49 23.72 -24.71 43.45
C THR A 49 23.69 -23.18 43.45
N PRO A 50 24.85 -22.52 43.44
CA PRO A 50 24.90 -21.07 43.63
C PRO A 50 24.07 -20.23 42.64
N GLU A 51 24.10 -18.92 42.84
CA GLU A 51 23.29 -17.99 42.06
C GLU A 51 23.92 -17.61 40.73
N TYR A 52 25.22 -17.84 40.55
CA TYR A 52 25.87 -17.51 39.28
C TYR A 52 26.10 -18.73 38.40
N VAL A 53 26.19 -19.93 38.98
CA VAL A 53 26.33 -21.12 38.18
C VAL A 53 25.02 -21.51 37.50
N LYS A 54 23.91 -20.88 37.88
CA LYS A 54 22.70 -20.96 37.08
C LYS A 54 22.63 -19.85 36.04
N PHE A 55 23.69 -19.05 35.92
CA PHE A 55 23.97 -18.27 34.72
C PHE A 55 24.94 -19.00 33.80
N ALA A 56 25.61 -20.04 34.31
CA ALA A 56 26.69 -20.68 33.58
C ALA A 56 26.17 -21.71 32.58
N ARG A 57 25.13 -22.46 32.96
CA ARG A 57 24.51 -23.37 31.98
C ARG A 57 23.61 -22.61 31.02
N GLN A 58 23.08 -21.45 31.44
CA GLN A 58 22.26 -20.64 30.56
C GLN A 58 23.03 -20.10 29.37
N LEU A 59 24.37 -20.16 29.40
CA LEU A 59 25.20 -19.83 28.26
C LEU A 59 25.65 -21.08 27.51
N ALA A 60 25.03 -22.23 27.77
CA ALA A 60 25.35 -23.47 27.09
C ALA A 60 24.05 -24.15 26.66
N GLY A 61 24.15 -25.05 25.70
CA GLY A 61 23.00 -25.76 25.20
C GLY A 61 23.20 -26.17 23.75
N GLY A 62 22.11 -26.11 22.98
CA GLY A 62 22.15 -26.51 21.58
C GLY A 62 22.26 -25.34 20.61
N LEU A 63 21.65 -24.21 20.94
CA LEU A 63 21.93 -22.96 20.25
C LEU A 63 23.05 -22.18 20.91
N GLN A 64 23.46 -22.54 22.12
CA GLN A 64 24.49 -21.82 22.84
C GLN A 64 25.87 -22.45 22.72
N CYS A 65 25.95 -23.74 22.38
CA CYS A 65 27.24 -24.35 22.08
C CYS A 65 27.69 -24.07 20.65
N LEU A 66 26.81 -23.56 19.80
CA LEU A 66 27.17 -23.15 18.44
C LEU A 66 27.61 -21.70 18.38
N MET A 67 26.87 -20.80 19.03
CA MET A 67 27.21 -19.38 19.04
C MET A 67 28.42 -19.06 19.92
N TRP A 68 29.05 -20.08 20.54
CA TRP A 68 30.39 -19.92 21.08
C TRP A 68 31.45 -20.20 20.02
N VAL A 69 31.17 -21.14 19.12
CA VAL A 69 32.17 -21.56 18.13
C VAL A 69 32.22 -20.57 16.96
N ALA A 70 31.09 -19.95 16.62
CA ALA A 70 31.06 -18.96 15.55
C ALA A 70 31.59 -17.60 15.98
N ALA A 71 31.59 -17.30 17.29
CA ALA A 71 32.34 -16.18 17.82
C ALA A 71 33.79 -16.55 18.12
N ALA A 72 34.12 -17.84 18.06
CA ALA A 72 35.49 -18.31 18.06
C ALA A 72 36.04 -18.53 16.65
N ILE A 73 35.15 -18.59 15.65
CA ILE A 73 35.58 -18.48 14.26
C ILE A 73 35.71 -17.02 13.85
N CYS A 74 35.00 -16.11 14.52
CA CYS A 74 35.11 -14.70 14.22
C CYS A 74 36.26 -14.01 14.96
N LEU A 75 36.77 -14.60 16.05
CA LEU A 75 37.98 -14.13 16.70
C LEU A 75 39.18 -15.05 16.44
N ILE A 76 39.07 -15.94 15.46
CA ILE A 76 40.21 -16.52 14.78
C ILE A 76 40.13 -16.20 13.28
N ALA A 77 39.35 -15.17 12.95
CA ALA A 77 39.35 -14.55 11.63
C ALA A 77 39.47 -13.03 11.71
N PHE A 78 39.50 -12.46 12.91
CA PHE A 78 40.04 -11.13 13.18
C PHE A 78 41.44 -11.24 13.79
N ALA A 79 42.05 -12.42 13.70
CA ALA A 79 43.28 -12.74 14.41
C ALA A 79 44.36 -13.31 13.47
N ILE A 80 43.96 -13.94 12.38
CA ILE A 80 44.88 -14.37 11.35
C ILE A 80 44.94 -13.34 10.20
N GLN A 81 44.19 -12.25 10.32
CA GLN A 81 44.25 -11.15 9.37
C GLN A 81 44.44 -9.79 10.04
N ALA A 82 44.88 -9.77 11.30
CA ALA A 82 45.36 -8.54 11.93
C ALA A 82 46.83 -8.60 12.31
N SER A 83 47.40 -9.79 12.44
CA SER A 83 48.85 -9.96 12.54
C SER A 83 49.51 -9.86 11.17
N GLU A 84 48.74 -10.02 10.10
CA GLU A 84 49.24 -9.83 8.75
C GLU A 84 48.92 -8.44 8.20
N GLY A 85 48.28 -7.58 8.99
CA GLY A 85 47.94 -6.24 8.54
C GLY A 85 46.82 -6.20 7.53
N ASP A 86 45.58 -6.36 8.01
CA ASP A 86 44.40 -6.37 7.13
C ASP A 86 43.25 -5.76 7.94
N LEU A 87 43.22 -4.43 7.99
CA LEU A 87 42.21 -3.70 8.76
C LEU A 87 40.82 -3.79 8.14
N THR A 88 40.70 -4.26 6.90
CA THR A 88 39.40 -4.26 6.24
C THR A 88 38.47 -5.31 6.82
N THR A 89 39.01 -6.41 7.33
CA THR A 89 38.16 -7.47 7.89
C THR A 89 37.98 -7.27 9.40
N ASP A 90 37.44 -6.10 9.74
CA ASP A 90 36.69 -5.96 10.98
C ASP A 90 35.20 -6.18 10.75
N ASP A 91 34.85 -6.88 9.66
CA ASP A 91 33.55 -7.51 9.47
C ASP A 91 33.46 -8.84 10.22
N ASN A 92 34.53 -9.27 10.88
CA ASN A 92 34.50 -10.44 11.75
C ASN A 92 34.83 -10.10 13.19
N LEU A 93 35.18 -8.85 13.49
CA LEU A 93 35.14 -8.35 14.87
C LEU A 93 33.76 -7.79 15.20
N TYR A 94 33.16 -7.05 14.27
CA TYR A 94 31.75 -6.71 14.37
C TYR A 94 30.84 -7.93 14.37
N LEU A 95 31.36 -9.10 13.97
CA LEU A 95 30.57 -10.32 13.89
C LEU A 95 30.88 -11.31 15.00
N ALA A 96 31.82 -10.98 15.89
CA ALA A 96 32.12 -11.79 17.06
C ALA A 96 31.47 -11.26 18.33
N LEU A 97 31.52 -9.94 18.53
CA LEU A 97 30.95 -9.32 19.72
C LEU A 97 29.43 -9.19 19.64
N ALA A 98 28.85 -9.27 18.43
CA ALA A 98 27.41 -9.26 18.30
C ALA A 98 26.80 -10.64 18.46
N LEU A 99 27.62 -11.69 18.35
CA LEU A 99 27.15 -13.06 18.56
C LEU A 99 27.32 -13.50 20.01
N ILE A 100 28.42 -13.10 20.65
CA ILE A 100 28.54 -13.30 22.09
C ILE A 100 27.53 -12.43 22.84
N ALA A 101 27.13 -11.30 22.23
CA ALA A 101 25.98 -10.55 22.75
C ALA A 101 24.69 -11.32 22.55
N VAL A 102 24.62 -12.18 21.53
CA VAL A 102 23.49 -13.08 21.38
C VAL A 102 23.59 -14.25 22.35
N VAL A 103 24.79 -14.53 22.87
CA VAL A 103 24.95 -15.61 23.83
C VAL A 103 24.45 -15.19 25.21
N VAL A 104 24.75 -13.96 25.62
CA VAL A 104 24.56 -13.55 27.01
C VAL A 104 23.22 -12.86 27.21
N VAL A 105 22.73 -12.15 26.20
CA VAL A 105 21.37 -11.62 26.29
C VAL A 105 20.36 -12.75 26.19
N THR A 106 20.59 -13.70 25.27
CA THR A 106 19.80 -14.92 25.28
C THR A 106 20.06 -15.72 26.55
N GLY A 107 21.25 -15.60 27.12
CA GLY A 107 21.51 -16.14 28.45
C GLY A 107 20.78 -15.38 29.54
N CYS A 108 20.57 -14.08 29.33
CA CYS A 108 19.75 -13.30 30.24
C CYS A 108 18.26 -13.48 29.94
N PHE A 109 17.91 -14.02 28.79
CA PHE A 109 16.54 -14.35 28.43
C PHE A 109 16.13 -15.74 28.90
N GLY A 110 16.94 -16.38 29.74
CA GLY A 110 16.61 -17.69 30.26
C GLY A 110 16.82 -17.77 31.76
N TYR A 111 17.52 -16.77 32.30
CA TYR A 111 17.77 -16.60 33.72
C TYR A 111 16.78 -15.65 34.39
N TYR A 112 16.43 -14.55 33.72
CA TYR A 112 15.41 -13.61 34.20
C TYR A 112 14.00 -14.18 34.11
N GLN A 113 13.90 -15.50 33.95
CA GLN A 113 12.62 -16.17 34.07
C GLN A 113 12.42 -16.79 35.45
N GLU A 114 13.25 -16.43 36.42
CA GLU A 114 13.14 -16.95 37.79
C GLU A 114 12.83 -15.75 38.71
N PHE A 115 11.55 -15.53 38.97
CA PHE A 115 11.12 -14.39 39.78
C PHE A 115 11.57 -14.55 41.24
N LYS A 116 10.97 -15.51 41.95
CA LYS A 116 11.27 -15.68 43.36
C LYS A 116 12.59 -16.42 43.58
N SER A 117 12.65 -17.69 43.18
CA SER A 117 13.77 -18.58 43.50
C SER A 117 14.03 -18.66 45.00
N THR A 118 12.97 -18.47 45.79
CA THR A 118 13.12 -18.41 47.24
C THR A 118 13.43 -19.79 47.81
N ASN A 119 14.27 -19.82 48.82
CA ASN A 119 14.54 -21.07 49.52
C ASN A 119 13.28 -21.56 50.21
N ILE A 120 12.91 -22.83 49.95
CA ILE A 120 11.73 -23.39 50.59
C ILE A 120 11.92 -23.54 52.09
N ILE A 121 13.15 -23.85 52.53
CA ILE A 121 13.40 -24.10 53.94
C ILE A 121 13.52 -22.76 54.65
N ALA A 122 13.13 -21.68 53.97
CA ALA A 122 13.00 -20.40 54.66
C ALA A 122 11.81 -20.43 55.62
N SER A 123 10.68 -20.99 55.16
CA SER A 123 9.43 -20.97 55.92
C SER A 123 9.27 -22.17 56.84
N PHE A 124 10.19 -23.13 56.82
CA PHE A 124 10.20 -24.21 57.79
C PHE A 124 10.97 -23.86 59.06
N LYS A 125 11.70 -22.74 59.07
CA LYS A 125 12.34 -22.26 60.28
C LYS A 125 11.55 -21.16 60.97
N ASN A 126 10.35 -20.84 60.47
CA ASN A 126 9.51 -19.82 61.05
C ASN A 126 8.26 -20.37 61.74
N LEU A 127 7.91 -21.63 61.49
CA LEU A 127 6.87 -22.30 62.26
C LEU A 127 7.41 -22.99 63.51
N VAL A 128 8.68 -22.75 63.83
CA VAL A 128 9.40 -23.51 64.86
C VAL A 128 9.60 -22.63 66.09
N PRO A 129 9.56 -23.19 67.30
CA PRO A 129 9.81 -22.40 68.50
C PRO A 129 11.29 -22.20 68.80
N GLN A 130 11.59 -21.03 69.38
CA GLN A 130 12.97 -20.71 69.72
C GLN A 130 13.43 -21.47 70.96
N GLN A 131 12.64 -21.38 72.04
CA GLN A 131 13.01 -21.98 73.31
C GLN A 131 12.02 -23.08 73.71
N ALA A 132 12.54 -24.04 74.47
CA ALA A 132 11.74 -25.10 75.06
C ALA A 132 11.76 -24.94 76.59
N THR A 133 11.32 -25.98 77.31
CA THR A 133 11.28 -26.00 78.77
C THR A 133 11.46 -27.47 79.19
N VAL A 134 12.69 -27.82 79.60
CA VAL A 134 13.07 -29.22 79.75
C VAL A 134 13.37 -29.53 81.21
N ILE A 135 13.67 -30.80 81.52
CA ILE A 135 14.18 -31.21 82.82
C ILE A 135 15.37 -32.13 82.60
N ARG A 136 16.49 -31.81 83.23
CA ARG A 136 17.65 -32.68 83.32
C ARG A 136 18.23 -32.55 84.71
N ASP A 137 18.71 -33.67 85.26
CA ASP A 137 19.14 -33.73 86.66
C ASP A 137 18.02 -33.30 87.62
N GLY A 138 16.77 -33.49 87.22
CA GLY A 138 15.65 -33.23 88.12
C GLY A 138 15.49 -31.77 88.49
N ASP A 139 15.70 -30.87 87.53
CA ASP A 139 15.52 -29.45 87.76
C ASP A 139 14.84 -28.87 86.52
N LYS A 140 13.80 -28.06 86.73
CA LYS A 140 13.01 -27.53 85.64
C LYS A 140 13.51 -26.14 85.27
N PHE A 141 13.86 -25.95 84.01
CA PHE A 141 14.43 -24.69 83.53
C PHE A 141 13.97 -24.47 82.10
N GLN A 142 14.64 -23.55 81.40
CA GLN A 142 14.24 -23.10 80.07
C GLN A 142 15.46 -23.12 79.16
N ILE A 143 15.32 -23.79 78.02
CA ILE A 143 16.45 -24.11 77.15
C ILE A 143 16.10 -23.72 75.72
N ASN A 144 17.14 -23.59 74.90
CA ASN A 144 16.93 -23.38 73.47
C ASN A 144 16.41 -24.67 72.84
N ALA A 145 15.54 -24.52 71.84
CA ALA A 145 15.00 -25.69 71.17
C ALA A 145 16.10 -26.55 70.58
N ASP A 146 17.10 -25.92 69.96
CA ASP A 146 18.15 -26.64 69.26
C ASP A 146 19.07 -27.38 70.23
N GLN A 147 18.74 -27.36 71.52
CA GLN A 147 19.48 -28.10 72.54
C GLN A 147 18.73 -29.32 73.04
N LEU A 148 17.61 -29.69 72.43
CA LEU A 148 16.85 -30.85 72.85
C LEU A 148 17.31 -32.10 72.12
N VAL A 149 17.42 -33.20 72.86
CA VAL A 149 17.97 -34.44 72.35
C VAL A 149 16.99 -35.57 72.57
N VAL A 150 17.22 -36.68 71.86
CA VAL A 150 16.34 -37.85 71.90
C VAL A 150 16.39 -38.52 73.28
N GLY A 151 15.39 -38.22 74.11
CA GLY A 151 15.35 -38.71 75.47
C GLY A 151 15.14 -37.59 76.46
N ASP A 152 15.14 -36.35 75.96
CA ASP A 152 14.89 -35.20 76.81
C ASP A 152 13.46 -35.23 77.34
N LEU A 153 13.28 -34.78 78.58
CA LEU A 153 11.98 -34.77 79.24
C LEU A 153 11.47 -33.33 79.27
N VAL A 154 10.52 -33.03 78.40
CA VAL A 154 10.10 -31.65 78.13
C VAL A 154 8.71 -31.44 78.71
N GLU A 155 8.38 -30.18 79.00
CA GLU A 155 7.04 -29.77 79.38
C GLU A 155 6.45 -28.88 78.29
N MET A 156 5.22 -29.20 77.89
CA MET A 156 4.44 -28.37 76.98
C MET A 156 3.40 -27.58 77.77
N LYS A 157 3.08 -26.39 77.27
CA LYS A 157 1.88 -25.68 77.72
C LYS A 157 1.40 -24.78 76.59
N GLY A 158 0.11 -24.47 76.62
CA GLY A 158 -0.59 -23.96 75.45
C GLY A 158 -0.25 -22.51 75.14
N GLY A 159 -0.07 -22.21 73.85
CA GLY A 159 0.37 -20.91 73.41
C GLY A 159 1.72 -21.01 72.72
N ASP A 160 2.61 -21.79 73.30
CA ASP A 160 3.88 -22.13 72.67
C ASP A 160 3.69 -23.27 71.69
N ARG A 161 4.63 -23.41 70.78
CA ARG A 161 4.62 -24.54 69.86
C ARG A 161 5.42 -25.69 70.47
N VAL A 162 5.21 -26.88 69.95
CA VAL A 162 5.84 -28.08 70.50
C VAL A 162 7.29 -28.14 70.03
N PRO A 163 8.26 -28.39 70.90
CA PRO A 163 9.68 -28.28 70.52
C PRO A 163 10.35 -29.56 70.06
N ALA A 164 9.65 -30.69 69.96
CA ALA A 164 10.25 -31.92 69.44
C ALA A 164 9.13 -32.90 69.13
N ASP A 165 9.51 -34.02 68.52
CA ASP A 165 8.62 -35.17 68.41
C ASP A 165 8.65 -35.89 69.75
N ILE A 166 7.54 -35.82 70.48
CA ILE A 166 7.53 -36.08 71.92
C ILE A 166 6.38 -37.03 72.24
N ARG A 167 6.70 -38.18 72.82
CA ARG A 167 5.69 -39.10 73.30
C ARG A 167 5.22 -38.65 74.67
N ILE A 168 3.91 -38.50 74.84
CA ILE A 168 3.36 -37.90 76.04
C ILE A 168 3.16 -38.97 77.11
N LEU A 169 3.57 -38.64 78.33
CA LEU A 169 3.41 -39.52 79.49
C LEU A 169 2.34 -39.04 80.45
N GLN A 170 2.20 -37.71 80.61
CA GLN A 170 1.15 -37.10 81.41
C GLN A 170 0.76 -35.80 80.74
N ALA A 171 -0.53 -35.49 80.76
CA ALA A 171 -1.07 -34.35 80.04
C ALA A 171 -2.45 -34.03 80.62
N GLN A 172 -2.73 -32.74 80.80
CA GLN A 172 -3.93 -32.29 81.51
C GLN A 172 -4.72 -31.33 80.62
N GLY A 173 -5.78 -31.83 80.01
CA GLY A 173 -6.63 -30.99 79.15
C GLY A 173 -5.86 -30.39 78.00
N CYS A 174 -5.13 -31.24 77.28
CA CYS A 174 -4.12 -30.79 76.33
C CYS A 174 -4.61 -30.99 74.90
N LYS A 175 -4.41 -29.96 74.07
CA LYS A 175 -4.87 -29.98 72.68
C LYS A 175 -3.88 -29.24 71.79
N VAL A 176 -3.77 -29.69 70.54
CA VAL A 176 -2.74 -29.24 69.62
C VAL A 176 -3.40 -28.79 68.32
N ASP A 177 -2.58 -28.27 67.41
CA ASP A 177 -3.02 -27.92 66.05
C ASP A 177 -2.16 -28.72 65.08
N ASN A 178 -2.75 -29.77 64.51
CA ASN A 178 -2.07 -30.62 63.54
C ASN A 178 -2.51 -30.34 62.11
N SER A 179 -2.72 -29.07 61.78
CA SER A 179 -2.93 -28.71 60.37
C SER A 179 -1.66 -28.98 59.58
N SER A 180 -0.51 -28.58 60.11
CA SER A 180 0.77 -28.80 59.44
C SER A 180 0.99 -30.26 59.09
N LEU A 181 0.33 -31.19 59.77
CA LEU A 181 0.39 -32.59 59.36
C LEU A 181 -0.81 -32.99 58.51
N THR A 182 -2.01 -32.61 58.92
CA THR A 182 -3.23 -33.03 58.23
C THR A 182 -3.79 -31.98 57.29
N GLY A 183 -3.31 -30.74 57.36
CA GLY A 183 -4.00 -29.66 56.69
C GLY A 183 -5.27 -29.23 57.37
N GLU A 184 -5.56 -29.79 58.56
CA GLU A 184 -6.82 -29.59 59.25
C GLU A 184 -6.56 -28.85 60.56
N SER A 185 -7.15 -27.68 60.69
CA SER A 185 -7.00 -26.86 61.89
C SER A 185 -8.20 -27.01 62.82
N GLU A 186 -8.39 -28.25 63.27
CA GLU A 186 -9.34 -28.58 64.31
C GLU A 186 -8.60 -29.25 65.46
N PRO A 187 -8.78 -28.80 66.69
CA PRO A 187 -7.95 -29.28 67.81
C PRO A 187 -8.02 -30.80 67.95
N GLN A 188 -6.88 -31.39 68.30
CA GLN A 188 -6.78 -32.82 68.51
C GLN A 188 -6.29 -33.08 69.93
N THR A 189 -7.12 -33.74 70.72
CA THR A 189 -6.78 -34.05 72.10
C THR A 189 -5.54 -34.95 72.16
N ARG A 190 -4.85 -34.91 73.31
CA ARG A 190 -3.71 -35.76 73.55
C ARG A 190 -3.80 -36.32 74.96
N SER A 191 -3.19 -37.48 75.17
CA SER A 191 -3.35 -38.22 76.42
C SER A 191 -2.18 -39.19 76.55
N PRO A 192 -1.99 -39.78 77.73
CA PRO A 192 -0.99 -40.85 77.87
C PRO A 192 -1.39 -42.16 77.19
N GLU A 193 -2.55 -42.23 76.58
CA GLU A 193 -3.03 -43.49 76.01
C GLU A 193 -2.51 -43.70 74.61
N CYS A 194 -2.28 -44.97 74.28
CA CYS A 194 -1.84 -45.37 72.94
C CYS A 194 -3.10 -45.71 72.14
N THR A 195 -3.68 -44.71 71.50
CA THR A 195 -4.99 -44.85 70.89
C THR A 195 -4.95 -45.20 69.40
N HIS A 196 -3.79 -45.58 68.86
CA HIS A 196 -3.79 -46.08 67.49
C HIS A 196 -2.51 -46.84 67.16
N GLU A 197 -2.64 -47.70 66.16
CA GLU A 197 -1.50 -48.37 65.54
C GLU A 197 -0.54 -47.35 64.92
N SER A 198 -1.09 -46.37 64.21
CA SER A 198 -0.26 -45.34 63.59
C SER A 198 0.04 -44.25 64.61
N PRO A 199 1.28 -43.75 64.64
CA PRO A 199 1.60 -42.61 65.52
C PRO A 199 1.03 -41.30 65.03
N LEU A 200 0.61 -41.22 63.77
CA LEU A 200 -0.01 -40.00 63.26
C LEU A 200 -1.43 -39.81 63.75
N GLU A 201 -2.07 -40.88 64.23
CA GLU A 201 -3.43 -40.81 64.76
C GLU A 201 -3.47 -40.80 66.28
N THR A 202 -2.65 -41.63 66.92
CA THR A 202 -2.71 -41.80 68.36
C THR A 202 -2.51 -40.46 69.08
N ARG A 203 -2.87 -40.45 70.36
CA ARG A 203 -2.92 -39.21 71.13
C ARG A 203 -1.67 -38.97 71.97
N ASN A 204 -0.84 -39.99 72.20
CA ASN A 204 0.34 -39.82 73.03
C ASN A 204 1.58 -39.42 72.24
N ILE A 205 1.41 -38.73 71.12
CA ILE A 205 2.52 -38.21 70.32
C ILE A 205 2.22 -36.76 69.98
N ALA A 206 3.18 -35.88 70.26
CA ALA A 206 3.09 -34.46 69.92
C ALA A 206 4.29 -34.10 69.05
N PHE A 207 4.02 -33.34 67.99
CA PHE A 207 4.95 -33.20 66.87
C PHE A 207 5.59 -31.83 66.86
N PHE A 208 6.88 -31.80 66.49
CA PHE A 208 7.61 -30.55 66.31
C PHE A 208 6.81 -29.60 65.42
N SER A 209 6.78 -28.32 65.80
CA SER A 209 6.11 -27.22 65.10
C SER A 209 4.60 -27.28 65.19
N THR A 210 4.02 -28.28 65.87
CA THR A 210 2.59 -28.25 66.13
C THR A 210 2.29 -27.25 67.22
N MET A 211 1.37 -26.33 66.94
CA MET A 211 1.05 -25.27 67.88
C MET A 211 0.17 -25.85 68.98
N CYS A 212 0.70 -25.98 70.19
CA CYS A 212 -0.04 -26.52 71.31
C CYS A 212 -1.04 -25.48 71.81
N LEU A 213 -2.33 -25.80 71.72
CA LEU A 213 -3.36 -24.77 71.86
C LEU A 213 -3.76 -24.51 73.31
N GLU A 214 -3.90 -25.54 74.13
CA GLU A 214 -4.46 -25.35 75.46
C GLU A 214 -4.18 -26.58 76.31
N GLY A 215 -3.80 -26.34 77.58
CA GLY A 215 -3.48 -27.41 78.51
C GLY A 215 -2.02 -27.44 78.89
N THR A 216 -1.58 -28.54 79.49
CA THR A 216 -0.16 -28.80 79.72
C THR A 216 0.11 -30.28 79.43
N ALA A 217 1.39 -30.62 79.34
CA ALA A 217 1.81 -31.99 79.14
C ALA A 217 3.29 -32.12 79.46
N GLN A 218 3.70 -33.33 79.81
CA GLN A 218 5.11 -33.68 79.94
C GLN A 218 5.35 -35.03 79.28
N GLY A 219 6.48 -35.13 78.61
CA GLY A 219 6.84 -36.34 77.90
C GLY A 219 8.29 -36.29 77.47
N LEU A 220 8.68 -37.28 76.67
CA LEU A 220 10.06 -37.42 76.25
C LEU A 220 10.21 -37.16 74.76
N VAL A 221 11.34 -36.55 74.39
CA VAL A 221 11.69 -36.35 72.99
C VAL A 221 11.94 -37.70 72.33
N VAL A 222 11.40 -37.89 71.14
CA VAL A 222 11.43 -39.21 70.51
C VAL A 222 12.13 -39.10 69.15
N ASN A 223 12.00 -37.94 68.50
CA ASN A 223 12.71 -37.66 67.27
C ASN A 223 13.20 -36.21 67.33
N THR A 224 14.29 -35.94 66.61
CA THR A 224 14.94 -34.64 66.68
C THR A 224 15.36 -34.16 65.29
N GLY A 225 15.32 -32.84 65.13
CA GLY A 225 15.84 -32.17 63.96
C GLY A 225 15.12 -32.47 62.67
N ASP A 226 15.80 -33.17 61.77
CA ASP A 226 15.20 -33.66 60.54
C ASP A 226 14.46 -34.98 60.75
N ARG A 227 14.72 -35.67 61.86
CA ARG A 227 14.05 -36.95 62.12
C ARG A 227 12.61 -36.77 62.60
N THR A 228 12.23 -35.57 63.02
CA THR A 228 10.85 -35.33 63.41
C THR A 228 9.93 -35.48 62.20
N ILE A 229 8.62 -35.45 62.46
CA ILE A 229 7.65 -35.59 61.37
C ILE A 229 7.69 -34.36 60.49
N ILE A 230 7.67 -33.17 61.09
CA ILE A 230 7.71 -31.96 60.27
C ILE A 230 9.06 -31.81 59.58
N GLY A 231 10.11 -32.42 60.13
CA GLY A 231 11.42 -32.39 59.47
C GLY A 231 11.48 -33.28 58.25
N ARG A 232 10.83 -34.45 58.32
CA ARG A 232 10.72 -35.31 57.15
C ARG A 232 9.95 -34.60 56.03
N ILE A 233 9.00 -33.73 56.39
CA ILE A 233 8.25 -32.97 55.40
C ILE A 233 9.16 -32.02 54.65
N ALA A 234 10.15 -31.44 55.35
CA ALA A 234 11.04 -30.49 54.70
C ALA A 234 12.04 -31.18 53.78
N SER A 235 12.44 -32.41 54.11
CA SER A 235 13.41 -33.12 53.28
C SER A 235 12.85 -33.44 51.90
N LEU A 236 11.55 -33.76 51.82
CA LEU A 236 10.91 -34.03 50.53
C LEU A 236 10.65 -32.77 49.72
N ALA A 237 10.61 -31.61 50.37
CA ALA A 237 10.33 -30.35 49.67
C ALA A 237 11.51 -29.89 48.84
N SER A 238 12.62 -29.54 49.50
CA SER A 238 13.80 -29.12 48.76
C SER A 238 14.36 -30.26 47.93
N GLY A 239 14.40 -31.47 48.50
CA GLY A 239 15.02 -32.61 47.87
C GLY A 239 14.18 -33.28 46.82
N VAL A 240 13.80 -32.52 45.79
CA VAL A 240 13.02 -33.03 44.67
C VAL A 240 13.85 -32.88 43.40
N GLU A 241 13.93 -33.96 42.63
CA GLU A 241 14.49 -33.91 41.28
C GLU A 241 13.85 -32.77 40.49
N ASN A 242 14.62 -31.72 40.20
CA ASN A 242 14.11 -30.61 39.41
C ASN A 242 14.03 -31.04 37.95
N GLU A 243 13.02 -31.87 37.67
CA GLU A 243 12.74 -32.23 36.30
C GLU A 243 12.41 -30.98 35.50
N LYS A 244 12.86 -30.95 34.25
CA LYS A 244 12.52 -29.84 33.38
C LYS A 244 11.01 -29.75 33.21
N THR A 245 10.52 -28.55 32.95
CA THR A 245 9.10 -28.31 32.80
C THR A 245 8.62 -28.92 31.48
N PRO A 246 7.29 -28.93 31.21
CA PRO A 246 6.84 -29.44 29.91
C PRO A 246 7.49 -28.69 28.77
N ILE A 247 7.32 -27.36 28.76
CA ILE A 247 7.85 -26.54 27.69
C ILE A 247 9.37 -26.60 27.65
N ALA A 248 10.02 -26.83 28.79
CA ALA A 248 11.48 -26.95 28.78
C ALA A 248 11.92 -28.13 27.94
N ILE A 249 11.30 -29.29 28.15
CA ILE A 249 11.59 -30.45 27.32
C ILE A 249 11.27 -30.16 25.86
N GLU A 250 10.14 -29.50 25.61
CA GLU A 250 9.79 -29.15 24.24
C GLU A 250 10.76 -28.12 23.67
N ILE A 251 11.21 -27.18 24.49
CA ILE A 251 12.23 -26.24 24.05
C ILE A 251 13.51 -27.00 23.68
N GLU A 252 13.93 -27.90 24.56
CA GLU A 252 15.16 -28.65 24.29
C GLU A 252 14.98 -29.66 23.17
N HIS A 253 13.76 -30.06 22.83
CA HIS A 253 13.56 -30.95 21.70
C HIS A 253 13.98 -30.28 20.39
N PHE A 254 13.29 -29.20 20.02
CA PHE A 254 13.58 -28.56 18.74
C PHE A 254 14.95 -27.91 18.72
N VAL A 255 15.48 -27.54 19.88
CA VAL A 255 16.88 -27.12 19.95
C VAL A 255 17.78 -28.25 19.47
N ASP A 256 17.51 -29.48 19.93
CA ASP A 256 18.30 -30.63 19.47
C ASP A 256 18.03 -30.95 18.01
N ILE A 257 16.83 -30.67 17.51
CA ILE A 257 16.57 -30.84 16.08
C ILE A 257 17.38 -29.83 15.28
N ILE A 258 17.33 -28.55 15.67
CA ILE A 258 18.07 -27.53 14.95
C ILE A 258 19.57 -27.68 15.19
N ALA A 259 19.96 -28.04 16.42
CA ALA A 259 21.38 -28.25 16.70
C ALA A 259 21.94 -29.39 15.87
N GLY A 260 21.13 -30.41 15.58
CA GLY A 260 21.57 -31.44 14.65
C GLY A 260 21.54 -30.96 13.22
N LEU A 261 20.55 -30.15 12.86
CA LEU A 261 20.38 -29.73 11.48
C LEU A 261 21.43 -28.69 11.09
N ALA A 262 21.80 -27.81 12.02
CA ALA A 262 22.84 -26.84 11.72
C ALA A 262 24.22 -27.48 11.57
N ILE A 263 24.39 -28.69 12.09
CA ILE A 263 25.69 -29.35 12.05
C ILE A 263 25.80 -30.32 10.87
N LEU A 264 24.68 -30.81 10.33
CA LEU A 264 24.74 -31.47 9.03
C LEU A 264 25.10 -30.46 7.94
N PHE A 265 24.23 -29.45 7.78
CA PHE A 265 24.31 -28.56 6.62
C PHE A 265 25.68 -27.92 6.48
N GLY A 266 26.13 -27.22 7.52
CA GLY A 266 27.41 -26.52 7.45
C GLY A 266 28.60 -27.44 7.29
N ALA A 267 28.46 -28.70 7.71
CA ALA A 267 29.59 -29.63 7.74
C ALA A 267 29.43 -30.78 6.76
N THR A 268 28.48 -30.70 5.84
CA THR A 268 28.61 -31.42 4.58
C THR A 268 29.06 -30.50 3.45
N PHE A 269 28.95 -29.18 3.66
CA PHE A 269 29.49 -28.18 2.74
C PHE A 269 30.87 -27.70 3.15
N PHE A 270 31.37 -28.14 4.31
CA PHE A 270 32.79 -28.06 4.58
C PHE A 270 33.54 -29.17 3.85
N ILE A 271 32.91 -30.34 3.70
CA ILE A 271 33.46 -31.37 2.82
C ILE A 271 33.36 -30.92 1.37
N VAL A 272 32.25 -30.28 1.00
CA VAL A 272 32.14 -29.72 -0.34
C VAL A 272 33.20 -28.65 -0.57
N ALA A 273 33.43 -27.80 0.44
CA ALA A 273 34.25 -26.61 0.23
C ALA A 273 35.71 -26.98 -0.04
N MET A 274 36.28 -27.86 0.78
CA MET A 274 37.63 -28.33 0.52
C MET A 274 37.71 -29.19 -0.73
N CYS A 275 36.59 -29.72 -1.20
CA CYS A 275 36.57 -30.63 -2.34
C CYS A 275 35.94 -30.01 -3.57
N ILE A 276 35.70 -28.69 -3.57
CA ILE A 276 35.59 -27.99 -4.83
C ILE A 276 36.57 -26.82 -4.78
N GLY A 277 37.55 -26.91 -3.88
CA GLY A 277 38.81 -26.23 -4.08
C GLY A 277 39.14 -25.05 -3.17
N TYR A 278 38.35 -24.79 -2.14
CA TYR A 278 38.75 -23.74 -1.21
C TYR A 278 39.76 -24.31 -0.20
N THR A 279 40.62 -23.44 0.31
CA THR A 279 41.58 -23.85 1.31
C THR A 279 40.87 -24.06 2.65
N PHE A 280 41.62 -24.45 3.68
CA PHE A 280 40.99 -24.66 4.97
C PHE A 280 40.63 -23.33 5.63
N LEU A 281 41.53 -22.33 5.54
CA LEU A 281 41.29 -21.03 6.15
C LEU A 281 40.25 -20.22 5.38
N ARG A 282 39.70 -20.76 4.31
CA ARG A 282 38.41 -20.37 3.72
C ARG A 282 37.28 -21.32 4.11
N ALA A 283 37.49 -22.63 4.03
CA ALA A 283 36.44 -23.61 4.25
C ALA A 283 35.87 -23.58 5.66
N MET A 284 36.61 -23.03 6.62
CA MET A 284 36.11 -22.85 7.97
C MET A 284 35.23 -21.60 8.08
N VAL A 285 35.26 -20.72 7.09
CA VAL A 285 34.47 -19.49 7.10
C VAL A 285 33.29 -19.65 6.14
N PHE A 286 32.87 -20.91 5.95
CA PHE A 286 31.56 -21.18 5.38
C PHE A 286 30.60 -21.77 6.40
N PHE A 287 31.06 -22.76 7.17
CA PHE A 287 30.29 -23.26 8.30
C PHE A 287 29.82 -22.11 9.19
N MET A 288 30.73 -21.20 9.53
CA MET A 288 30.37 -20.05 10.36
C MET A 288 29.26 -19.24 9.71
N ALA A 289 29.37 -18.98 8.41
CA ALA A 289 28.37 -18.18 7.73
C ALA A 289 27.06 -18.94 7.53
N ILE A 290 27.14 -20.26 7.35
CA ILE A 290 25.93 -21.06 7.20
C ILE A 290 25.15 -21.11 8.51
N VAL A 291 25.85 -21.33 9.62
CA VAL A 291 25.16 -21.49 10.91
C VAL A 291 24.52 -20.19 11.34
N VAL A 292 25.17 -19.06 11.08
CA VAL A 292 24.55 -17.76 11.36
C VAL A 292 23.31 -17.58 10.50
N ALA A 293 23.30 -18.18 9.30
CA ALA A 293 22.16 -18.07 8.42
C ALA A 293 21.03 -19.02 8.82
N TYR A 294 21.36 -20.27 9.15
CA TYR A 294 20.33 -21.27 9.42
C TYR A 294 19.76 -21.14 10.83
N VAL A 295 20.61 -20.91 11.82
CA VAL A 295 20.15 -20.82 13.20
C VAL A 295 19.35 -19.53 13.38
N PRO A 296 18.16 -19.58 13.95
CA PRO A 296 17.48 -18.32 14.31
C PRO A 296 18.00 -17.80 15.64
N GLU A 297 18.89 -16.82 15.58
CA GLU A 297 19.53 -16.27 16.77
C GLU A 297 18.48 -15.85 17.78
N GLY A 298 17.66 -14.86 17.41
CA GLY A 298 16.67 -14.33 18.31
C GLY A 298 15.38 -15.12 18.31
N LEU A 299 15.46 -16.44 18.18
CA LEU A 299 14.31 -17.28 18.43
C LEU A 299 14.07 -17.44 19.93
N LEU A 300 15.10 -17.89 20.66
CA LEU A 300 14.97 -18.10 22.10
C LEU A 300 14.38 -16.88 22.79
N ALA A 301 14.66 -15.69 22.26
CA ALA A 301 14.06 -14.46 22.76
C ALA A 301 12.55 -14.48 22.55
N THR A 302 12.12 -14.48 21.29
CA THR A 302 10.70 -14.41 20.97
C THR A 302 9.89 -15.44 21.74
N VAL A 303 10.50 -16.57 22.08
CA VAL A 303 9.82 -17.57 22.90
C VAL A 303 9.51 -17.00 24.27
N THR A 304 10.55 -16.62 25.01
CA THR A 304 10.37 -16.20 26.39
C THR A 304 9.57 -14.91 26.50
N VAL A 305 9.70 -14.02 25.53
CA VAL A 305 8.93 -12.77 25.53
C VAL A 305 7.44 -13.08 25.41
N CYS A 306 7.09 -13.99 24.49
CA CYS A 306 5.71 -14.45 24.35
C CYS A 306 5.17 -14.97 25.67
N LEU A 307 5.97 -15.78 26.37
CA LEU A 307 5.56 -16.32 27.66
C LEU A 307 5.23 -15.23 28.66
N SER A 308 5.88 -14.07 28.55
CA SER A 308 5.61 -12.98 29.48
C SER A 308 4.26 -12.33 29.19
N LEU A 309 3.95 -12.09 27.92
CA LEU A 309 2.67 -11.49 27.57
C LEU A 309 1.49 -12.39 27.93
N THR A 310 1.75 -13.65 28.26
CA THR A 310 0.76 -14.46 28.96
C THR A 310 0.82 -14.21 30.47
N ALA A 311 2.03 -14.27 31.05
CA ALA A 311 2.18 -14.15 32.49
C ALA A 311 1.58 -12.84 33.01
N LYS A 312 1.79 -11.74 32.28
CA LYS A 312 1.13 -10.49 32.67
C LYS A 312 -0.38 -10.63 32.61
N ARG A 313 -0.90 -11.15 31.49
CA ARG A 313 -2.33 -11.43 31.38
C ARG A 313 -2.80 -12.31 32.53
N LEU A 314 -1.95 -13.25 32.96
CA LEU A 314 -2.28 -14.05 34.13
C LEU A 314 -2.29 -13.19 35.39
N ALA A 315 -1.27 -12.34 35.55
CA ALA A 315 -1.21 -11.50 36.74
C ALA A 315 -2.39 -10.53 36.82
N SER A 316 -2.82 -9.99 35.68
CA SER A 316 -3.93 -9.04 35.69
C SER A 316 -5.24 -9.69 36.15
N LYS A 317 -5.43 -10.97 35.87
CA LYS A 317 -6.52 -11.73 36.51
C LYS A 317 -6.04 -12.42 37.78
N ASN A 318 -5.16 -11.74 38.50
CA ASN A 318 -4.72 -12.09 39.86
C ASN A 318 -4.24 -13.54 39.95
N CYS A 319 -3.42 -13.93 38.97
CA CYS A 319 -2.68 -15.19 39.02
C CYS A 319 -1.24 -14.86 38.65
N VAL A 320 -0.34 -14.94 39.62
CA VAL A 320 1.05 -14.57 39.42
C VAL A 320 1.90 -15.84 39.41
N VAL A 321 2.81 -15.92 38.44
CA VAL A 321 3.69 -17.07 38.26
C VAL A 321 4.90 -16.89 39.17
N LYS A 322 5.82 -17.86 39.17
CA LYS A 322 7.15 -17.65 39.72
C LYS A 322 8.28 -18.00 38.76
N ASN A 323 8.02 -18.77 37.70
CA ASN A 323 8.95 -18.88 36.58
C ASN A 323 8.15 -19.16 35.32
N LEU A 324 8.55 -18.49 34.23
CA LEU A 324 7.73 -18.44 33.02
C LEU A 324 7.35 -19.81 32.49
N GLU A 325 8.19 -20.83 32.74
CA GLU A 325 7.90 -22.18 32.29
C GLU A 325 6.55 -22.67 32.79
N ALA A 326 6.09 -22.16 33.93
CA ALA A 326 4.81 -22.61 34.49
C ALA A 326 3.63 -22.10 33.65
N VAL A 327 3.76 -20.90 33.08
CA VAL A 327 2.62 -20.19 32.48
C VAL A 327 1.85 -21.04 31.48
N GLU A 328 2.51 -22.04 30.89
CA GLU A 328 1.83 -22.94 29.97
C GLU A 328 1.34 -24.28 30.51
N THR A 329 1.89 -24.70 31.65
CA THR A 329 1.87 -26.09 32.13
C THR A 329 0.42 -26.55 32.28
N LEU A 330 -0.48 -25.61 32.57
CA LEU A 330 -1.87 -25.97 32.82
C LEU A 330 -2.54 -26.55 31.58
N GLY A 331 -2.33 -25.91 30.42
CA GLY A 331 -2.97 -26.39 29.20
C GLY A 331 -2.53 -27.78 28.79
N SER A 332 -1.32 -28.17 29.19
CA SER A 332 -0.79 -29.49 28.93
C SER A 332 -1.05 -30.47 30.08
N THR A 333 -1.68 -30.02 31.15
CA THR A 333 -1.90 -30.86 32.31
C THR A 333 -3.10 -31.78 32.09
N SER A 334 -2.92 -33.04 32.45
CA SER A 334 -3.97 -34.04 32.33
C SER A 334 -4.65 -34.34 33.66
N VAL A 335 -3.94 -34.11 34.76
CA VAL A 335 -4.32 -34.58 36.08
C VAL A 335 -4.10 -33.45 37.07
N ILE A 336 -5.10 -33.17 37.89
CA ILE A 336 -4.99 -32.17 38.96
C ILE A 336 -5.29 -32.87 40.27
N CYS A 337 -4.32 -32.85 41.18
CA CYS A 337 -4.53 -33.32 42.54
C CYS A 337 -4.64 -32.12 43.45
N SER A 338 -5.69 -32.10 44.26
CA SER A 338 -6.02 -30.94 45.09
C SER A 338 -6.15 -31.35 46.53
N ASP A 339 -5.62 -30.51 47.41
CA ASP A 339 -6.08 -30.50 48.79
C ASP A 339 -7.55 -30.11 48.86
N LYS A 340 -8.22 -30.55 49.93
CA LYS A 340 -9.59 -30.17 50.18
C LYS A 340 -9.66 -28.93 51.06
N THR A 341 -9.09 -29.02 52.27
CA THR A 341 -9.16 -27.93 53.23
C THR A 341 -8.50 -26.67 52.67
N GLY A 342 -9.24 -25.55 52.73
CA GLY A 342 -8.79 -24.22 52.28
C GLY A 342 -8.15 -24.24 50.90
N THR A 343 -8.51 -25.22 50.08
CA THR A 343 -8.18 -25.19 48.67
C THR A 343 -9.47 -25.08 47.89
N LEU A 344 -10.20 -26.20 47.80
CA LEU A 344 -11.56 -26.14 47.31
C LEU A 344 -12.49 -25.56 48.37
N THR A 345 -12.20 -25.82 49.64
CA THR A 345 -13.05 -25.42 50.73
C THR A 345 -12.70 -24.01 51.20
N GLN A 346 -13.46 -23.54 52.20
CA GLN A 346 -13.20 -22.27 52.85
C GLN A 346 -12.50 -22.42 54.20
N ASN A 347 -12.20 -23.65 54.61
CA ASN A 347 -11.52 -23.96 55.87
C ASN A 347 -12.17 -23.16 57.00
N ARG A 348 -13.49 -23.08 56.97
CA ARG A 348 -14.22 -22.24 57.91
C ARG A 348 -15.55 -22.95 58.18
N MET A 349 -15.60 -23.66 59.31
CA MET A 349 -16.80 -24.36 59.73
C MET A 349 -18.02 -23.47 59.57
N THR A 350 -19.04 -23.98 58.88
CA THR A 350 -20.18 -23.15 58.53
C THR A 350 -21.42 -24.03 58.36
N VAL A 351 -22.61 -23.42 58.56
CA VAL A 351 -23.86 -24.13 58.72
C VAL A 351 -24.39 -24.57 57.36
N SER A 352 -24.96 -25.78 57.30
CA SER A 352 -25.36 -26.39 56.02
C SER A 352 -26.78 -26.97 56.01
N HIS A 353 -27.24 -27.57 57.11
CA HIS A 353 -28.57 -28.17 57.15
C HIS A 353 -29.19 -27.96 58.54
N LEU A 354 -30.52 -28.09 58.60
CA LEU A 354 -31.25 -27.95 59.87
C LEU A 354 -32.52 -28.80 59.79
N TRP A 355 -32.53 -29.94 60.50
CA TRP A 355 -33.69 -30.81 60.55
C TRP A 355 -34.79 -30.18 61.40
N PHE A 356 -35.87 -29.77 60.74
CA PHE A 356 -37.13 -29.47 61.41
C PHE A 356 -38.25 -29.74 60.42
N ASP A 357 -39.48 -29.72 60.91
CA ASP A 357 -40.65 -30.11 60.11
C ASP A 357 -40.42 -31.49 59.49
N ASN A 358 -39.75 -32.37 60.26
CA ASN A 358 -39.35 -33.72 59.85
C ASN A 358 -38.87 -33.74 58.40
N HIS A 359 -37.88 -32.92 58.08
CA HIS A 359 -37.35 -32.82 56.73
C HIS A 359 -36.11 -31.95 56.77
N ILE A 360 -35.10 -32.33 55.99
CA ILE A 360 -33.81 -31.68 56.02
C ILE A 360 -33.79 -30.56 54.99
N HIS A 361 -33.68 -29.32 55.45
CA HIS A 361 -33.57 -28.16 54.58
C HIS A 361 -32.10 -27.82 54.38
N SER A 362 -31.75 -27.46 53.15
CA SER A 362 -30.36 -27.22 52.76
C SER A 362 -30.03 -25.73 52.89
N ALA A 363 -29.05 -25.41 53.73
CA ALA A 363 -28.65 -24.03 53.93
C ALA A 363 -27.67 -23.59 52.85
N ASP A 364 -27.23 -22.34 52.94
CA ASP A 364 -26.49 -21.64 51.89
C ASP A 364 -25.05 -21.49 52.36
N THR A 365 -24.12 -22.22 51.72
CA THR A 365 -22.78 -22.42 52.24
C THR A 365 -21.72 -21.58 51.53
N THR A 366 -22.10 -20.49 50.88
CA THR A 366 -21.20 -19.76 50.02
C THR A 366 -20.67 -18.49 50.70
N GLU A 367 -19.41 -18.15 50.41
CA GLU A 367 -18.74 -17.04 51.06
C GLU A 367 -19.36 -15.68 50.74
N ASP A 368 -20.21 -15.59 49.72
CA ASP A 368 -20.86 -14.34 49.37
C ASP A 368 -22.37 -14.44 49.42
N GLN A 369 -22.91 -15.54 49.95
CA GLN A 369 -24.35 -15.82 49.94
C GLN A 369 -24.93 -15.66 48.55
N SER A 370 -24.75 -16.67 47.70
CA SER A 370 -25.26 -16.66 46.34
C SER A 370 -26.34 -17.70 46.09
N GLY A 371 -26.21 -18.88 46.70
CA GLY A 371 -27.01 -20.02 46.31
C GLY A 371 -28.39 -20.14 46.92
N GLN A 372 -28.71 -21.33 47.42
CA GLN A 372 -30.07 -21.74 47.74
C GLN A 372 -30.33 -21.58 49.24
N THR A 373 -31.20 -20.63 49.57
CA THR A 373 -31.65 -20.42 50.94
C THR A 373 -32.71 -21.45 51.30
N PHE A 374 -33.28 -21.37 52.50
CA PHE A 374 -34.17 -22.42 52.98
C PHE A 374 -35.38 -21.80 53.69
N ASP A 375 -36.11 -22.67 54.39
CA ASP A 375 -37.52 -22.48 54.74
C ASP A 375 -37.64 -21.76 56.07
N GLN A 376 -37.96 -20.47 56.03
CA GLN A 376 -37.96 -19.64 57.23
C GLN A 376 -39.32 -19.04 57.60
N SER A 377 -40.41 -19.54 57.03
CA SER A 377 -41.73 -19.12 57.46
C SER A 377 -42.38 -20.13 58.39
N SER A 378 -41.68 -21.20 58.72
CA SER A 378 -42.18 -22.19 59.68
C SER A 378 -42.11 -21.61 61.08
N GLU A 379 -43.25 -21.57 61.77
CA GLU A 379 -43.24 -21.13 63.16
C GLU A 379 -42.42 -22.07 64.02
N THR A 380 -42.33 -23.34 63.62
CA THR A 380 -41.45 -24.28 64.29
C THR A 380 -39.98 -23.95 64.04
N TRP A 381 -39.68 -23.21 62.96
CA TRP A 381 -38.30 -22.82 62.71
C TRP A 381 -37.90 -21.62 63.56
N ARG A 382 -38.73 -20.57 63.57
CA ARG A 382 -38.37 -19.35 64.28
C ARG A 382 -38.15 -19.59 65.76
N ALA A 383 -38.59 -20.74 66.29
CA ALA A 383 -38.19 -21.15 67.62
C ALA A 383 -36.80 -21.77 67.60
N LEU A 384 -36.56 -22.68 66.66
CA LEU A 384 -35.24 -23.28 66.51
C LEU A 384 -34.16 -22.23 66.30
N CYS A 385 -34.49 -21.13 65.63
CA CYS A 385 -33.55 -20.02 65.48
C CYS A 385 -33.36 -19.24 66.78
N ARG A 386 -34.37 -19.25 67.66
CA ARG A 386 -34.29 -18.54 68.93
C ARG A 386 -33.43 -19.28 69.93
N VAL A 387 -33.33 -20.60 69.81
CA VAL A 387 -32.53 -21.40 70.75
C VAL A 387 -31.05 -21.29 70.45
N LEU A 388 -30.67 -21.45 69.18
CA LEU A 388 -29.25 -21.44 68.83
C LEU A 388 -28.65 -20.05 68.95
N THR A 389 -29.42 -19.01 68.62
CA THR A 389 -28.92 -17.65 68.75
C THR A 389 -28.63 -17.31 70.21
N LEU A 390 -29.58 -17.60 71.11
CA LEU A 390 -29.38 -17.35 72.53
C LEU A 390 -28.26 -18.24 73.08
N CYS A 391 -28.41 -19.55 72.93
CA CYS A 391 -27.40 -20.49 73.43
C CYS A 391 -26.17 -20.40 72.53
N ASN A 392 -25.38 -19.36 72.77
CA ASN A 392 -24.19 -19.10 71.97
C ASN A 392 -23.31 -18.13 72.75
N ARG A 393 -22.09 -18.55 73.07
CA ARG A 393 -21.20 -17.74 73.89
C ARG A 393 -20.09 -17.06 73.10
N ALA A 394 -19.97 -17.35 71.81
CA ALA A 394 -19.03 -16.65 70.95
C ALA A 394 -19.53 -15.24 70.68
N ALA A 395 -18.67 -14.42 70.07
CA ALA A 395 -19.00 -13.02 69.86
C ALA A 395 -18.13 -12.44 68.76
N PHE A 396 -18.73 -11.51 68.01
CA PHE A 396 -17.97 -10.69 67.07
C PHE A 396 -17.15 -9.65 67.84
N LYS A 397 -16.00 -9.28 67.27
CA LYS A 397 -15.24 -8.17 67.83
C LYS A 397 -15.75 -6.85 67.30
N SER A 398 -15.51 -5.79 68.07
CA SER A 398 -16.03 -4.48 67.70
C SER A 398 -15.36 -3.96 66.45
N GLY A 399 -16.14 -3.34 65.58
CA GLY A 399 -15.60 -2.65 64.42
C GLY A 399 -15.45 -3.51 63.19
N GLN A 400 -16.46 -4.31 62.86
CA GLN A 400 -16.41 -5.15 61.67
C GLN A 400 -17.69 -5.00 60.84
N ASP A 401 -18.34 -3.85 60.92
CA ASP A 401 -19.62 -3.65 60.23
C ASP A 401 -19.45 -3.66 58.71
N ALA A 402 -18.25 -3.37 58.20
CA ALA A 402 -17.97 -3.42 56.78
C ALA A 402 -17.30 -4.73 56.37
N VAL A 403 -17.32 -5.73 57.24
CA VAL A 403 -16.69 -7.01 56.97
C VAL A 403 -17.76 -8.03 56.61
N PRO A 404 -17.53 -8.88 55.61
CA PRO A 404 -18.47 -9.96 55.34
C PRO A 404 -18.58 -10.90 56.53
N VAL A 405 -19.83 -11.28 56.85
CA VAL A 405 -20.06 -12.19 57.96
C VAL A 405 -19.15 -13.41 57.92
N PRO A 406 -18.91 -14.07 56.78
CA PRO A 406 -17.94 -15.18 56.80
C PRO A 406 -16.54 -14.76 57.19
N LYS A 407 -16.04 -13.65 56.65
CA LYS A 407 -14.65 -13.27 56.88
C LYS A 407 -14.43 -12.56 58.22
N ARG A 408 -15.46 -12.43 59.04
CA ARG A 408 -15.30 -11.81 60.35
C ARG A 408 -14.53 -12.74 61.29
N ILE A 409 -13.94 -12.13 62.32
CA ILE A 409 -13.15 -12.85 63.31
C ILE A 409 -13.98 -13.00 64.57
N VAL A 410 -14.12 -14.24 65.04
CA VAL A 410 -14.98 -14.56 66.17
C VAL A 410 -14.14 -15.15 67.29
N ILE A 411 -14.44 -14.75 68.52
CA ILE A 411 -13.79 -15.31 69.71
C ILE A 411 -14.50 -16.60 70.09
N GLY A 412 -13.73 -17.68 70.22
CA GLY A 412 -14.27 -18.96 70.65
C GLY A 412 -13.89 -20.05 69.68
N ASP A 413 -14.69 -21.12 69.68
CA ASP A 413 -14.46 -22.30 68.85
C ASP A 413 -15.31 -22.24 67.58
N ALA A 414 -14.94 -23.08 66.62
CA ALA A 414 -15.51 -22.98 65.28
C ALA A 414 -17.01 -23.32 65.26
N SER A 415 -17.47 -24.15 66.18
CA SER A 415 -18.89 -24.49 66.26
C SER A 415 -19.72 -23.22 66.47
N GLU A 416 -19.58 -22.61 67.65
CA GLU A 416 -20.28 -21.36 67.93
C GLU A 416 -19.95 -20.29 66.91
N THR A 417 -18.72 -20.30 66.38
CA THR A 417 -18.35 -19.40 65.30
C THR A 417 -19.32 -19.51 64.13
N ALA A 418 -19.58 -20.74 63.68
CA ALA A 418 -20.45 -20.95 62.54
C ALA A 418 -21.87 -20.46 62.85
N LEU A 419 -22.46 -20.99 63.93
CA LEU A 419 -23.83 -20.61 64.29
C LEU A 419 -23.99 -19.10 64.40
N LEU A 420 -23.03 -18.43 65.04
CA LEU A 420 -23.11 -16.98 65.23
C LEU A 420 -23.18 -16.26 63.89
N LYS A 421 -22.32 -16.66 62.95
CA LYS A 421 -22.33 -16.04 61.63
C LYS A 421 -23.65 -16.32 60.90
N PHE A 422 -24.08 -17.58 60.90
CA PHE A 422 -25.41 -17.93 60.42
C PHE A 422 -26.47 -17.05 61.07
N SER A 423 -26.34 -16.79 62.37
CA SER A 423 -27.30 -15.93 63.05
C SER A 423 -27.16 -14.48 62.60
N GLU A 424 -25.99 -14.08 62.13
CA GLU A 424 -25.80 -12.73 61.62
C GLU A 424 -26.34 -12.58 60.20
N LEU A 425 -26.71 -13.69 59.55
CA LEU A 425 -27.16 -13.64 58.17
C LEU A 425 -28.68 -13.71 58.07
N THR A 426 -29.30 -14.75 58.64
CA THR A 426 -30.75 -14.84 58.62
C THR A 426 -31.39 -13.71 59.42
N LEU A 427 -30.92 -13.52 60.65
CA LEU A 427 -31.30 -12.35 61.42
C LEU A 427 -30.44 -11.16 61.04
N GLY A 428 -30.93 -9.96 61.35
CA GLY A 428 -30.16 -8.75 61.07
C GLY A 428 -28.90 -8.69 61.90
N ASN A 429 -29.03 -8.85 63.22
CA ASN A 429 -27.90 -8.87 64.12
C ASN A 429 -28.08 -10.00 65.12
N ALA A 430 -27.01 -10.72 65.36
CA ALA A 430 -27.07 -11.85 66.28
C ALA A 430 -26.80 -11.42 67.72
N MET A 431 -26.06 -10.33 67.90
CA MET A 431 -25.74 -9.87 69.25
C MET A 431 -26.88 -9.08 69.86
N GLY A 432 -27.56 -8.24 69.07
CA GLY A 432 -28.63 -7.42 69.62
C GLY A 432 -29.85 -8.22 70.00
N TYR A 433 -30.10 -9.32 69.31
CA TYR A 433 -31.24 -10.18 69.60
C TYR A 433 -30.99 -11.07 70.81
N ARG A 434 -29.74 -11.20 71.22
CA ARG A 434 -29.34 -11.88 72.45
C ARG A 434 -29.35 -10.95 73.66
N GLU A 435 -29.49 -9.64 73.44
CA GLU A 435 -29.56 -8.68 74.52
C GLU A 435 -30.97 -8.21 74.82
N ARG A 436 -31.87 -8.21 73.83
CA ARG A 436 -33.28 -7.98 74.12
C ARG A 436 -33.88 -9.09 74.97
N PHE A 437 -33.23 -10.27 74.99
CA PHE A 437 -33.61 -11.43 75.78
C PHE A 437 -32.53 -11.66 76.83
N PRO A 438 -32.38 -10.79 77.84
CA PRO A 438 -31.22 -10.87 78.72
C PRO A 438 -31.13 -12.18 79.48
N LYS A 439 -29.89 -12.60 79.72
CA LYS A 439 -29.60 -13.91 80.29
C LYS A 439 -29.51 -13.82 81.81
N VAL A 440 -30.16 -14.74 82.51
CA VAL A 440 -30.14 -14.73 83.97
C VAL A 440 -29.23 -15.84 84.50
N CYS A 441 -29.13 -16.95 83.76
CA CYS A 441 -28.39 -18.10 84.24
C CYS A 441 -27.54 -18.68 83.12
N GLU A 442 -26.85 -19.80 83.38
CA GLU A 442 -26.12 -20.53 82.36
C GLU A 442 -25.51 -21.82 82.89
N ILE A 443 -25.33 -22.78 81.99
CA ILE A 443 -24.29 -23.81 82.11
C ILE A 443 -23.62 -23.93 80.75
N PRO A 444 -22.31 -23.67 80.65
CA PRO A 444 -21.63 -23.86 79.36
C PRO A 444 -21.48 -25.34 79.02
N PHE A 445 -21.22 -25.60 77.74
CA PHE A 445 -20.97 -26.95 77.26
C PHE A 445 -19.93 -27.51 78.22
N ASN A 446 -20.31 -28.51 79.00
CA ASN A 446 -19.38 -29.22 79.86
C ASN A 446 -19.28 -30.62 79.25
N SER A 447 -18.55 -31.52 79.90
CA SER A 447 -18.42 -32.88 79.42
C SER A 447 -19.05 -33.93 80.33
N THR A 448 -19.22 -33.64 81.62
CA THR A 448 -20.15 -34.43 82.42
C THR A 448 -21.58 -34.17 81.96
N ASN A 449 -21.87 -32.92 81.59
CA ASN A 449 -23.17 -32.58 81.03
C ASN A 449 -23.34 -33.17 79.63
N LYS A 450 -22.34 -32.96 78.78
CA LYS A 450 -22.41 -33.27 77.34
C LYS A 450 -23.53 -32.49 76.65
N PHE A 451 -23.70 -31.22 77.06
CA PHE A 451 -24.57 -30.26 76.39
C PHE A 451 -24.35 -28.88 77.01
N GLN A 452 -25.03 -27.88 76.44
CA GLN A 452 -25.06 -26.49 76.89
C GLN A 452 -26.45 -26.14 77.36
N LEU A 453 -26.57 -25.07 78.16
CA LEU A 453 -27.88 -24.69 78.68
C LEU A 453 -27.88 -23.29 79.33
N SER A 454 -28.82 -22.44 78.92
CA SER A 454 -29.00 -21.11 79.50
C SER A 454 -30.48 -20.75 79.56
N ILE A 455 -30.82 -19.81 80.44
CA ILE A 455 -32.20 -19.43 80.73
C ILE A 455 -32.29 -17.91 80.80
N HIS A 456 -33.28 -17.33 80.13
CA HIS A 456 -33.34 -15.89 79.89
C HIS A 456 -34.73 -15.34 80.16
N THR A 457 -34.81 -14.07 80.56
CA THR A 457 -36.06 -13.34 80.49
C THR A 457 -36.30 -12.86 79.06
N LEU A 458 -37.52 -12.38 78.82
CA LEU A 458 -38.01 -12.17 77.47
C LEU A 458 -38.07 -10.70 77.10
N GLU A 459 -38.06 -10.46 75.79
CA GLU A 459 -38.15 -9.12 75.23
C GLU A 459 -39.53 -8.51 75.44
N ASP A 460 -40.56 -9.35 75.49
CA ASP A 460 -41.93 -8.89 75.66
C ASP A 460 -42.15 -8.38 77.09
N PRO A 461 -42.59 -7.13 77.27
CA PRO A 461 -42.97 -6.70 78.63
C PRO A 461 -44.15 -7.48 79.18
N ARG A 462 -45.15 -7.77 78.33
CA ARG A 462 -46.34 -8.48 78.77
C ARG A 462 -46.09 -9.95 79.07
N ASP A 463 -44.96 -10.51 78.65
CA ASP A 463 -44.63 -11.89 78.96
C ASP A 463 -43.58 -11.92 80.06
N PRO A 464 -43.86 -12.53 81.22
CA PRO A 464 -42.87 -12.59 82.31
C PRO A 464 -42.14 -13.91 82.46
N ARG A 465 -42.33 -14.86 81.53
CA ARG A 465 -41.88 -16.22 81.73
C ARG A 465 -40.36 -16.29 81.74
N HIS A 466 -39.86 -17.51 81.91
CA HIS A 466 -38.46 -17.86 81.76
C HIS A 466 -38.33 -18.93 80.69
N VAL A 467 -37.35 -18.77 79.80
CA VAL A 467 -37.16 -19.70 78.68
C VAL A 467 -35.78 -20.34 78.79
N LEU A 468 -35.77 -21.67 78.70
CA LEU A 468 -34.55 -22.47 78.80
C LEU A 468 -34.15 -22.90 77.39
N VAL A 469 -32.89 -22.66 77.03
CA VAL A 469 -32.35 -23.06 75.73
C VAL A 469 -31.17 -24.00 75.94
N MET A 470 -31.01 -24.95 75.03
CA MET A 470 -30.04 -26.02 75.21
C MET A 470 -29.59 -26.54 73.85
N LYS A 471 -28.33 -27.00 73.80
CA LYS A 471 -27.77 -27.64 72.62
C LYS A 471 -26.76 -28.70 73.07
N GLY A 472 -26.69 -29.79 72.31
CA GLY A 472 -25.81 -30.88 72.67
C GLY A 472 -25.75 -31.97 71.62
N ALA A 473 -25.12 -33.07 71.99
CA ALA A 473 -24.83 -34.17 71.09
C ALA A 473 -26.11 -34.92 70.71
N PRO A 474 -26.59 -34.80 69.44
CA PRO A 474 -27.96 -35.18 69.08
C PRO A 474 -28.63 -36.31 69.84
N GLU A 475 -27.93 -37.44 70.04
CA GLU A 475 -28.57 -38.55 70.75
C GLU A 475 -28.95 -38.18 72.17
N ARG A 476 -28.05 -37.48 72.88
CA ARG A 476 -28.34 -37.11 74.26
C ARG A 476 -29.37 -35.99 74.35
N VAL A 477 -29.59 -35.25 73.26
CA VAL A 477 -30.64 -34.23 73.25
C VAL A 477 -32.01 -34.88 73.15
N LEU A 478 -32.09 -36.14 72.71
CA LEU A 478 -33.37 -36.82 72.59
C LEU A 478 -33.82 -37.41 73.92
N GLU A 479 -32.91 -38.08 74.64
CA GLU A 479 -33.27 -38.77 75.88
C GLU A 479 -33.34 -37.84 77.09
N ARG A 480 -33.34 -36.53 76.88
CA ARG A 480 -33.79 -35.56 77.87
C ARG A 480 -34.85 -34.63 77.28
N CYS A 481 -35.51 -35.07 76.21
CA CYS A 481 -36.60 -34.37 75.58
C CYS A 481 -37.80 -35.31 75.53
N SER A 482 -38.98 -34.80 75.87
CA SER A 482 -40.19 -35.59 75.84
C SER A 482 -41.28 -35.00 74.96
N SER A 483 -41.14 -33.76 74.50
CA SER A 483 -42.08 -33.13 73.60
C SER A 483 -41.32 -32.49 72.45
N ILE A 484 -42.04 -32.17 71.37
CA ILE A 484 -41.42 -31.88 70.08
C ILE A 484 -42.34 -30.99 69.26
N LEU A 485 -41.74 -30.15 68.41
CA LEU A 485 -42.46 -29.21 67.56
C LEU A 485 -42.54 -29.75 66.13
N ILE A 486 -43.74 -30.07 65.68
CA ILE A 486 -43.97 -30.47 64.28
C ILE A 486 -44.98 -29.49 63.70
N LYS A 487 -44.49 -28.57 62.86
CA LYS A 487 -45.27 -27.69 62.01
C LYS A 487 -46.08 -26.62 62.76
N GLY A 488 -45.88 -26.47 64.06
CA GLY A 488 -46.59 -25.45 64.81
C GLY A 488 -47.24 -25.99 66.07
N GLN A 489 -47.72 -27.22 66.01
CA GLN A 489 -48.19 -27.91 67.20
C GLN A 489 -47.03 -28.24 68.11
N GLU A 490 -47.34 -28.92 69.22
CA GLU A 490 -46.37 -29.68 69.97
C GLU A 490 -46.93 -31.09 70.13
N LEU A 491 -46.08 -32.08 69.95
CA LEU A 491 -46.54 -33.46 69.97
C LEU A 491 -45.73 -34.26 70.98
N PRO A 492 -46.32 -35.29 71.58
CA PRO A 492 -45.54 -36.24 72.36
C PRO A 492 -44.48 -36.93 71.49
N LEU A 493 -43.42 -37.39 72.15
CA LEU A 493 -42.36 -38.14 71.49
C LEU A 493 -42.66 -39.63 71.63
N ASP A 494 -43.44 -40.14 70.68
CA ASP A 494 -43.73 -41.57 70.61
C ASP A 494 -42.51 -42.31 70.07
N GLU A 495 -42.69 -43.57 69.71
CA GLU A 495 -41.63 -44.36 69.08
C GLU A 495 -41.67 -44.27 67.56
N GLN A 496 -42.51 -43.39 67.01
CA GLN A 496 -42.45 -43.05 65.59
C GLN A 496 -41.69 -41.77 65.32
N TRP A 497 -41.51 -40.92 66.32
CA TRP A 497 -40.67 -39.73 66.20
C TRP A 497 -39.23 -40.01 66.62
N ARG A 498 -39.02 -40.78 67.69
CA ARG A 498 -37.68 -41.18 68.09
C ARG A 498 -37.03 -42.08 67.04
N GLU A 499 -37.76 -42.34 65.96
CA GLU A 499 -37.25 -43.05 64.79
C GLU A 499 -37.02 -42.15 63.59
N ALA A 500 -37.84 -41.09 63.43
CA ALA A 500 -37.65 -40.15 62.34
C ALA A 500 -36.55 -39.13 62.63
N PHE A 501 -36.18 -38.97 63.90
CA PHE A 501 -35.02 -38.17 64.25
C PHE A 501 -33.74 -38.97 64.08
N GLN A 502 -33.72 -40.20 64.60
CA GLN A 502 -32.59 -41.10 64.39
C GLN A 502 -32.45 -41.53 62.94
N THR A 503 -33.38 -41.08 62.08
CA THR A 503 -33.20 -41.13 60.64
C THR A 503 -32.29 -39.99 60.18
N ALA A 504 -32.63 -38.76 60.57
CA ALA A 504 -32.01 -37.59 59.95
C ALA A 504 -30.59 -37.37 60.48
N TYR A 505 -30.40 -37.50 61.79
CA TYR A 505 -29.07 -37.28 62.36
C TYR A 505 -28.07 -38.32 61.85
N LEU A 506 -28.55 -39.48 61.40
CA LEU A 506 -27.71 -40.43 60.68
C LEU A 506 -27.78 -40.24 59.17
N SER A 507 -28.76 -39.50 58.66
CA SER A 507 -28.77 -39.17 57.23
C SER A 507 -27.66 -38.18 56.91
N LEU A 508 -27.65 -37.03 57.59
CA LEU A 508 -26.58 -36.07 57.40
C LEU A 508 -25.26 -36.58 57.95
N GLY A 509 -25.29 -37.54 58.87
CA GLY A 509 -24.06 -38.17 59.33
C GLY A 509 -23.37 -38.97 58.25
N GLY A 510 -24.09 -39.32 57.18
CA GLY A 510 -23.52 -39.87 55.97
C GLY A 510 -22.95 -38.85 55.01
N LEU A 511 -23.34 -37.59 55.17
CA LEU A 511 -22.67 -36.47 54.53
C LEU A 511 -21.48 -35.98 55.34
N GLY A 512 -21.17 -36.64 56.46
CA GLY A 512 -19.94 -36.41 57.19
C GLY A 512 -19.84 -35.11 57.95
N GLU A 513 -20.95 -34.59 58.45
CA GLU A 513 -20.99 -33.26 59.01
C GLU A 513 -21.20 -33.29 60.52
N ARG A 514 -20.76 -32.21 61.17
CA ARG A 514 -21.09 -31.98 62.58
C ARG A 514 -22.60 -31.89 62.73
N VAL A 515 -23.16 -32.64 63.68
CA VAL A 515 -24.60 -32.60 63.96
C VAL A 515 -24.79 -32.17 65.40
N LEU A 516 -25.82 -31.35 65.62
CA LEU A 516 -26.12 -30.81 66.95
C LEU A 516 -27.62 -30.87 67.20
N GLY A 517 -28.01 -31.38 68.36
CA GLY A 517 -29.38 -31.25 68.79
C GLY A 517 -29.69 -29.86 69.30
N PHE A 518 -30.98 -29.53 69.33
CA PHE A 518 -31.45 -28.27 69.90
C PHE A 518 -32.82 -28.51 70.51
N CYS A 519 -33.08 -27.82 71.62
CA CYS A 519 -34.31 -28.04 72.36
C CYS A 519 -34.60 -26.81 73.21
N GLN A 520 -35.82 -26.77 73.76
CA GLN A 520 -36.25 -25.62 74.55
C GLN A 520 -37.34 -26.05 75.53
N LEU A 521 -37.84 -25.07 76.28
CA LEU A 521 -38.88 -25.22 77.29
C LEU A 521 -39.11 -23.86 77.95
N TYR A 522 -40.37 -23.44 78.11
CA TYR A 522 -40.68 -22.16 78.71
C TYR A 522 -41.12 -22.37 80.15
N LEU A 523 -40.35 -21.83 81.10
CA LEU A 523 -40.64 -22.01 82.51
C LEU A 523 -41.73 -21.04 82.95
N SER A 524 -42.78 -21.58 83.56
CA SER A 524 -43.96 -20.79 83.89
C SER A 524 -43.67 -19.86 85.08
N GLU A 525 -44.44 -18.77 85.14
CA GLU A 525 -44.30 -17.83 86.24
C GLU A 525 -44.91 -18.34 87.55
N LYS A 526 -45.65 -19.46 87.51
CA LYS A 526 -46.34 -19.90 88.72
C LYS A 526 -45.41 -20.67 89.66
N ASP A 527 -44.42 -21.37 89.13
CA ASP A 527 -43.41 -22.03 89.95
C ASP A 527 -42.01 -21.44 89.76
N TYR A 528 -41.90 -20.30 89.08
CA TYR A 528 -40.63 -19.63 88.81
C TYR A 528 -40.85 -18.13 88.60
N PRO A 529 -40.88 -17.33 89.66
CA PRO A 529 -41.26 -15.90 89.52
C PRO A 529 -40.34 -15.13 88.59
N PRO A 530 -40.79 -13.96 88.09
CA PRO A 530 -39.94 -13.13 87.22
C PRO A 530 -38.74 -12.50 87.90
N GLY A 531 -38.34 -13.03 89.05
CA GLY A 531 -37.15 -12.60 89.75
C GLY A 531 -36.63 -13.76 90.57
N TYR A 532 -37.10 -14.94 90.20
CA TYR A 532 -36.92 -16.16 90.98
C TYR A 532 -35.45 -16.42 91.26
N ALA A 533 -35.19 -17.05 92.41
CA ALA A 533 -33.84 -17.36 92.85
C ALA A 533 -33.35 -18.61 92.13
N PHE A 534 -32.83 -18.41 90.91
CA PHE A 534 -32.23 -19.49 90.16
C PHE A 534 -30.86 -19.80 90.74
N ASP A 535 -30.63 -21.05 91.13
CA ASP A 535 -29.37 -21.47 91.74
C ASP A 535 -28.82 -22.63 90.90
N VAL A 536 -27.67 -22.41 90.26
CA VAL A 536 -27.13 -23.34 89.26
C VAL A 536 -26.64 -24.62 89.92
N GLU A 537 -25.54 -24.55 90.68
CA GLU A 537 -24.94 -25.76 91.24
C GLU A 537 -25.91 -26.52 92.15
N ALA A 538 -27.01 -25.89 92.56
CA ALA A 538 -28.05 -26.62 93.29
C ALA A 538 -28.89 -27.47 92.35
N MET A 539 -29.14 -26.98 91.13
CA MET A 539 -29.78 -27.75 90.06
C MET A 539 -31.27 -27.99 90.34
N ASN A 540 -31.99 -26.91 90.68
CA ASN A 540 -33.41 -27.05 91.01
C ASN A 540 -34.28 -27.08 89.76
N PHE A 541 -33.85 -26.45 88.67
CA PHE A 541 -34.57 -26.50 87.41
C PHE A 541 -34.52 -27.92 86.84
N PRO A 542 -35.52 -28.30 86.04
CA PRO A 542 -35.74 -29.74 85.78
C PRO A 542 -34.62 -30.41 84.99
N THR A 543 -34.19 -29.82 83.87
CA THR A 543 -33.14 -30.37 83.01
C THR A 543 -33.57 -31.72 82.41
N SER A 544 -34.85 -31.84 82.06
CA SER A 544 -35.34 -33.00 81.33
C SER A 544 -36.76 -32.69 80.88
N GLY A 545 -37.30 -33.57 80.04
CA GLY A 545 -38.65 -33.38 79.53
C GLY A 545 -38.82 -32.08 78.77
N LEU A 546 -37.81 -31.69 78.00
CA LEU A 546 -37.80 -30.41 77.33
C LEU A 546 -38.32 -30.55 75.91
N CYS A 547 -38.71 -29.42 75.32
CA CYS A 547 -39.26 -29.40 73.98
C CYS A 547 -38.12 -29.37 72.98
N PHE A 548 -37.88 -30.50 72.31
CA PHE A 548 -36.91 -30.56 71.22
C PHE A 548 -37.35 -29.63 70.09
N ALA A 549 -36.38 -28.93 69.49
CA ALA A 549 -36.67 -27.90 68.50
C ALA A 549 -36.05 -28.14 67.13
N GLY A 550 -35.12 -29.08 66.99
CA GLY A 550 -34.57 -29.37 65.68
C GLY A 550 -33.05 -29.47 65.64
N LEU A 551 -32.54 -30.39 64.83
CA LEU A 551 -31.11 -30.48 64.60
C LEU A 551 -30.61 -29.28 63.79
N VAL A 552 -29.31 -29.03 63.92
CA VAL A 552 -28.55 -28.24 62.95
C VAL A 552 -27.23 -28.95 62.69
N SER A 553 -26.74 -28.84 61.46
CA SER A 553 -25.48 -29.46 61.06
C SER A 553 -24.61 -28.45 60.34
N MET A 554 -23.29 -28.65 60.42
CA MET A 554 -22.33 -27.74 59.84
C MET A 554 -21.21 -28.53 59.18
N ILE A 555 -20.59 -27.93 58.16
CA ILE A 555 -19.48 -28.56 57.45
C ILE A 555 -18.51 -27.47 56.99
N ASP A 556 -17.33 -27.93 56.54
CA ASP A 556 -16.27 -27.24 55.82
C ASP A 556 -16.76 -27.08 54.38
N PRO A 557 -17.28 -25.92 54.00
CA PRO A 557 -17.98 -25.81 52.72
C PRO A 557 -17.00 -25.39 51.64
N PRO A 558 -17.34 -25.62 50.37
CA PRO A 558 -16.43 -25.24 49.28
C PRO A 558 -16.52 -23.76 48.93
N ARG A 559 -15.50 -23.30 48.20
CA ARG A 559 -15.45 -21.92 47.77
C ARG A 559 -16.47 -21.66 46.66
N ALA A 560 -16.80 -20.38 46.48
CA ALA A 560 -17.90 -20.01 45.59
C ALA A 560 -17.67 -20.52 44.17
N THR A 561 -16.44 -20.47 43.69
CA THR A 561 -16.17 -20.70 42.28
C THR A 561 -15.59 -22.08 42.01
N VAL A 562 -15.59 -22.97 42.98
CA VAL A 562 -14.91 -24.25 42.83
C VAL A 562 -15.73 -25.25 42.03
N PRO A 563 -17.00 -25.54 42.36
CA PRO A 563 -17.72 -26.59 41.61
C PRO A 563 -17.89 -26.26 40.13
N ASP A 564 -17.94 -24.98 39.75
CA ASP A 564 -17.95 -24.64 38.33
C ASP A 564 -16.56 -24.81 37.72
N ALA A 565 -15.53 -24.39 38.46
CA ALA A 565 -14.15 -24.55 37.99
C ALA A 565 -13.86 -26.02 37.69
N VAL A 566 -14.20 -26.90 38.63
CA VAL A 566 -13.94 -28.33 38.45
C VAL A 566 -14.60 -28.85 37.18
N LEU A 567 -15.88 -28.50 36.98
CA LEU A 567 -16.60 -28.96 35.80
C LEU A 567 -15.92 -28.49 34.52
N LYS A 568 -15.40 -27.26 34.52
CA LYS A 568 -14.75 -26.73 33.33
C LYS A 568 -13.53 -27.56 32.95
N CYS A 569 -12.83 -28.10 33.94
CA CYS A 569 -11.54 -28.75 33.67
C CYS A 569 -11.73 -30.16 33.15
N ARG A 570 -12.67 -30.92 33.73
CA ARG A 570 -13.02 -32.21 33.16
C ARG A 570 -13.66 -32.05 31.79
N THR A 571 -14.34 -30.92 31.57
CA THR A 571 -14.83 -30.56 30.25
C THR A 571 -13.67 -30.27 29.30
N ALA A 572 -12.52 -29.86 29.83
CA ALA A 572 -11.27 -29.88 29.08
C ALA A 572 -10.54 -31.22 29.22
N GLY A 573 -11.27 -32.31 29.44
CA GLY A 573 -10.71 -33.64 29.46
C GLY A 573 -9.86 -33.99 30.67
N ILE A 574 -9.62 -33.04 31.57
CA ILE A 574 -8.69 -33.26 32.67
C ILE A 574 -9.33 -34.11 33.75
N ARG A 575 -8.60 -35.10 34.25
CA ARG A 575 -9.03 -35.87 35.40
C ARG A 575 -8.67 -35.15 36.68
N VAL A 576 -9.59 -35.18 37.65
CA VAL A 576 -9.44 -34.45 38.90
C VAL A 576 -9.43 -35.46 40.05
N ILE A 577 -8.50 -35.28 40.98
CA ILE A 577 -8.36 -36.16 42.13
C ILE A 577 -8.33 -35.32 43.39
N MET A 578 -9.15 -35.70 44.37
CA MET A 578 -9.03 -35.16 45.71
C MET A 578 -7.89 -35.87 46.45
N VAL A 579 -7.02 -35.08 47.07
CA VAL A 579 -5.95 -35.64 47.90
C VAL A 579 -5.87 -34.84 49.19
N THR A 580 -6.41 -35.40 50.28
CA THR A 580 -6.56 -34.67 51.54
C THR A 580 -6.11 -35.52 52.71
N GLY A 581 -5.92 -34.88 53.84
CA GLY A 581 -5.70 -35.58 55.08
C GLY A 581 -6.93 -35.67 55.95
N ASP A 582 -7.99 -34.97 55.55
CA ASP A 582 -9.22 -34.95 56.31
C ASP A 582 -9.82 -36.34 56.39
N HIS A 583 -10.79 -36.51 57.28
CA HIS A 583 -11.39 -37.80 57.53
C HIS A 583 -12.22 -38.24 56.33
N PRO A 584 -12.27 -39.55 56.07
CA PRO A 584 -12.81 -40.03 54.78
C PRO A 584 -14.20 -39.50 54.44
N ILE A 585 -15.05 -39.39 55.44
CA ILE A 585 -16.48 -39.23 55.18
C ILE A 585 -16.90 -37.78 55.00
N THR A 586 -16.08 -36.82 55.47
CA THR A 586 -16.21 -35.46 54.99
C THR A 586 -15.76 -35.37 53.53
N ALA A 587 -14.69 -36.09 53.19
CA ALA A 587 -14.08 -35.97 51.87
C ALA A 587 -15.06 -36.36 50.78
N LYS A 588 -15.50 -37.62 50.78
CA LYS A 588 -16.45 -38.12 49.79
C LYS A 588 -17.61 -37.15 49.54
N ALA A 589 -18.21 -36.66 50.62
CA ALA A 589 -19.31 -35.70 50.51
C ALA A 589 -18.86 -34.45 49.76
N ILE A 590 -17.70 -33.90 50.14
CA ILE A 590 -17.19 -32.70 49.47
C ILE A 590 -16.93 -32.98 47.99
N ALA A 591 -16.37 -34.15 47.69
CA ALA A 591 -16.04 -34.50 46.30
C ALA A 591 -17.26 -34.45 45.40
N ALA A 592 -18.36 -35.06 45.84
CA ALA A 592 -19.60 -34.99 45.07
C ALA A 592 -20.20 -33.59 45.08
N SER A 593 -19.92 -32.81 46.11
CA SER A 593 -20.47 -31.46 46.21
C SER A 593 -19.83 -30.54 45.17
N VAL A 594 -18.50 -30.58 45.07
CA VAL A 594 -17.82 -29.79 44.04
C VAL A 594 -17.92 -30.42 42.67
N GLY A 595 -18.20 -31.72 42.60
CA GLY A 595 -18.27 -32.42 41.33
C GLY A 595 -17.05 -33.23 40.96
N ILE A 596 -16.20 -33.59 41.92
CA ILE A 596 -15.20 -34.61 41.64
C ILE A 596 -15.89 -35.94 41.34
N ILE A 597 -17.05 -36.17 41.96
CA ILE A 597 -17.87 -37.35 41.72
C ILE A 597 -19.19 -36.91 41.10
N SER A 598 -19.63 -37.62 40.07
CA SER A 598 -20.76 -37.20 39.25
C SER A 598 -22.04 -37.94 39.65
N GLU A 599 -23.17 -37.25 39.46
CA GLU A 599 -24.48 -37.74 39.90
C GLU A 599 -24.75 -39.15 39.37
N GLY A 600 -24.78 -40.12 40.29
CA GLY A 600 -24.98 -41.52 39.95
C GLY A 600 -23.77 -42.40 40.21
N SER A 601 -22.59 -41.82 40.28
CA SER A 601 -21.39 -42.62 40.53
C SER A 601 -21.47 -43.30 41.91
N GLU A 602 -20.85 -44.47 42.02
CA GLU A 602 -20.96 -45.30 43.20
C GLU A 602 -19.59 -45.82 43.60
N THR A 603 -19.38 -45.97 44.90
CA THR A 603 -18.25 -46.77 45.38
C THR A 603 -18.62 -48.24 45.34
N VAL A 604 -17.62 -49.10 45.51
CA VAL A 604 -17.93 -50.49 45.79
C VAL A 604 -18.67 -50.59 47.13
N GLU A 605 -18.46 -49.62 48.00
CA GLU A 605 -19.19 -49.50 49.26
C GLU A 605 -20.48 -48.70 49.13
N ASP A 606 -20.78 -48.19 47.93
CA ASP A 606 -22.13 -47.71 47.62
C ASP A 606 -22.98 -48.79 46.97
N ILE A 607 -22.35 -49.64 46.15
CA ILE A 607 -23.08 -50.68 45.43
C ILE A 607 -23.51 -51.78 46.37
N ALA A 608 -22.54 -52.36 47.11
CA ALA A 608 -22.75 -53.51 47.98
C ALA A 608 -23.97 -53.35 48.88
N ALA A 609 -24.30 -52.10 49.24
CA ALA A 609 -25.41 -51.84 50.13
C ALA A 609 -26.73 -51.65 49.41
N ARG A 610 -26.73 -51.15 48.17
CA ARG A 610 -27.97 -51.03 47.43
C ARG A 610 -28.44 -52.39 46.94
N LEU A 611 -27.52 -53.32 46.72
CA LEU A 611 -27.86 -54.69 46.38
C LEU A 611 -28.06 -55.58 47.60
N ARG A 612 -27.61 -55.14 48.77
CA ARG A 612 -27.56 -55.97 49.96
C ARG A 612 -26.73 -57.23 49.69
N VAL A 613 -25.47 -57.00 49.33
CA VAL A 613 -24.49 -58.03 48.97
C VAL A 613 -23.16 -57.63 49.58
N PRO A 614 -22.37 -58.54 50.15
CA PRO A 614 -21.11 -58.14 50.77
C PRO A 614 -20.09 -57.60 49.77
N VAL A 615 -19.14 -56.84 50.31
CA VAL A 615 -18.28 -56.00 49.47
C VAL A 615 -17.32 -56.85 48.64
N ASP A 616 -16.82 -57.96 49.20
CA ASP A 616 -15.88 -58.77 48.46
C ASP A 616 -16.51 -59.34 47.19
N GLN A 617 -17.83 -59.50 47.20
CA GLN A 617 -18.55 -60.07 46.06
C GLN A 617 -18.73 -59.08 44.92
N VAL A 618 -18.59 -57.78 45.18
CA VAL A 618 -18.84 -56.79 44.14
C VAL A 618 -17.79 -56.92 43.04
N ASN A 619 -18.23 -56.76 41.80
CA ASN A 619 -17.30 -56.59 40.70
C ASN A 619 -16.71 -55.18 40.78
N ARG A 620 -15.37 -55.10 40.85
CA ARG A 620 -14.72 -53.80 41.03
C ARG A 620 -15.04 -52.86 39.88
N LYS A 621 -14.94 -53.35 38.64
CA LYS A 621 -15.16 -52.54 37.45
C LYS A 621 -16.43 -51.70 37.52
N ASP A 622 -17.52 -52.29 38.00
CA ASP A 622 -18.83 -51.64 38.10
C ASP A 622 -18.75 -50.24 38.69
N ALA A 623 -17.96 -50.08 39.75
CA ALA A 623 -17.92 -48.83 40.49
C ALA A 623 -17.42 -47.69 39.60
N ARG A 624 -18.16 -46.59 39.58
CA ARG A 624 -17.65 -45.38 38.95
C ARG A 624 -16.61 -44.69 39.81
N ALA A 625 -16.78 -44.75 41.13
CA ALA A 625 -15.89 -44.05 42.05
C ALA A 625 -15.24 -45.06 43.01
N CYS A 626 -14.34 -44.54 43.85
CA CYS A 626 -13.71 -45.30 44.92
C CYS A 626 -13.09 -44.32 45.89
N VAL A 627 -12.91 -44.77 47.13
CA VAL A 627 -12.35 -43.95 48.20
C VAL A 627 -11.39 -44.81 49.00
N ILE A 628 -10.23 -44.24 49.34
CA ILE A 628 -9.12 -45.00 49.92
C ILE A 628 -8.49 -44.19 51.04
N ASN A 629 -8.32 -44.80 52.21
CA ASN A 629 -7.89 -44.10 53.41
C ASN A 629 -6.40 -44.27 53.64
N GLY A 630 -5.89 -43.53 54.64
CA GLY A 630 -4.45 -43.49 54.88
C GLY A 630 -3.85 -44.84 55.20
N MET A 631 -4.54 -45.65 55.99
CA MET A 631 -4.10 -47.02 56.24
C MET A 631 -4.02 -47.82 54.95
N GLN A 632 -5.13 -47.84 54.19
CA GLN A 632 -5.22 -48.69 53.00
C GLN A 632 -4.05 -48.46 52.07
N LEU A 633 -3.78 -47.20 51.73
CA LEU A 633 -2.66 -46.87 50.85
C LEU A 633 -1.36 -47.51 51.31
N LYS A 634 -1.01 -47.29 52.58
CA LYS A 634 0.22 -47.87 53.12
C LYS A 634 0.22 -49.39 53.02
N ASP A 635 -0.96 -50.00 53.08
CA ASP A 635 -1.09 -51.45 52.90
C ASP A 635 -1.00 -51.88 51.44
N MET A 636 -0.87 -50.95 50.50
CA MET A 636 -0.92 -51.26 49.08
C MET A 636 0.46 -51.34 48.44
N ASP A 637 0.57 -52.21 47.44
CA ASP A 637 1.59 -52.06 46.43
C ASP A 637 1.22 -50.89 45.54
N PRO A 638 2.19 -50.31 44.85
CA PRO A 638 1.84 -49.40 43.75
C PRO A 638 1.24 -50.16 42.57
N SER A 639 1.64 -51.42 42.38
CA SER A 639 1.01 -52.27 41.37
C SER A 639 -0.50 -52.28 41.54
N GLU A 640 -0.97 -52.32 42.78
CA GLU A 640 -2.40 -52.24 43.03
C GLU A 640 -2.91 -50.81 42.83
N LEU A 641 -2.03 -49.82 42.98
CA LEU A 641 -2.47 -48.42 42.87
C LEU A 641 -2.83 -48.07 41.43
N VAL A 642 -2.01 -48.50 40.47
CA VAL A 642 -2.29 -48.19 39.06
C VAL A 642 -3.59 -48.88 38.63
N GLU A 643 -3.72 -50.18 38.94
CA GLU A 643 -4.95 -50.90 38.65
C GLU A 643 -6.16 -50.16 39.21
N ALA A 644 -5.99 -49.53 40.37
CA ALA A 644 -7.07 -48.74 40.95
C ALA A 644 -7.30 -47.46 40.15
N LEU A 645 -6.25 -46.65 39.98
CA LEU A 645 -6.36 -45.41 39.22
C LEU A 645 -6.94 -45.66 37.83
N ARG A 646 -6.57 -46.79 37.21
CA ARG A 646 -7.21 -47.21 35.98
C ARG A 646 -8.68 -47.53 36.21
N THR A 647 -8.97 -48.38 37.20
CA THR A 647 -10.29 -49.01 37.28
C THR A 647 -11.40 -47.99 37.53
N HIS A 648 -11.18 -47.06 38.46
CA HIS A 648 -12.20 -46.09 38.83
C HIS A 648 -11.77 -44.70 38.35
N PRO A 649 -12.57 -44.02 37.52
CA PRO A 649 -12.14 -42.73 36.96
C PRO A 649 -12.17 -41.57 37.95
N GLU A 650 -13.11 -41.56 38.89
CA GLU A 650 -13.22 -40.48 39.87
C GLU A 650 -12.68 -40.99 41.20
N MET A 651 -11.55 -40.43 41.64
CA MET A 651 -10.83 -40.94 42.80
C MET A 651 -10.76 -39.91 43.91
N VAL A 652 -10.82 -40.39 45.16
CA VAL A 652 -10.70 -39.58 46.37
C VAL A 652 -9.78 -40.30 47.35
N PHE A 653 -8.65 -39.68 47.67
CA PHE A 653 -7.74 -40.14 48.71
C PHE A 653 -7.90 -39.25 49.94
N ALA A 654 -7.74 -39.83 51.13
CA ALA A 654 -7.96 -39.07 52.36
C ALA A 654 -7.13 -39.67 53.50
N ARG A 655 -7.02 -38.90 54.59
CA ARG A 655 -6.20 -39.24 55.76
C ARG A 655 -4.78 -39.57 55.34
N THR A 656 -4.23 -38.75 54.45
CA THR A 656 -3.00 -39.04 53.73
C THR A 656 -1.82 -38.34 54.40
N SER A 657 -0.73 -39.07 54.57
CA SER A 657 0.52 -38.42 54.92
C SER A 657 0.92 -37.48 53.78
N PRO A 658 1.50 -36.31 54.09
CA PRO A 658 2.09 -35.50 53.01
C PRO A 658 3.03 -36.32 52.13
N GLN A 659 3.77 -37.24 52.76
CA GLN A 659 4.49 -38.29 52.05
C GLN A 659 3.65 -38.94 50.96
N GLN A 660 2.40 -39.28 51.27
CA GLN A 660 1.58 -40.08 50.36
C GLN A 660 1.00 -39.23 49.23
N LYS A 661 0.74 -37.95 49.48
CA LYS A 661 0.34 -37.03 48.41
C LYS A 661 1.31 -37.13 47.23
N LEU A 662 2.59 -36.94 47.52
CA LEU A 662 3.63 -37.01 46.51
C LEU A 662 3.57 -38.33 45.75
N VAL A 663 3.56 -39.44 46.49
CA VAL A 663 3.53 -40.79 45.92
C VAL A 663 2.48 -40.85 44.82
N ILE A 664 1.25 -40.49 45.16
CA ILE A 664 0.16 -40.46 44.19
C ILE A 664 0.52 -39.60 43.00
N VAL A 665 0.99 -38.38 43.29
CA VAL A 665 1.29 -37.42 42.23
C VAL A 665 2.35 -37.97 41.28
N GLU A 666 3.37 -38.63 41.84
CA GLU A 666 4.37 -39.22 40.95
C GLU A 666 3.95 -40.58 40.43
N SER A 667 3.09 -41.29 41.16
CA SER A 667 2.53 -42.52 40.64
C SER A 667 1.64 -42.26 39.44
N CYS A 668 1.14 -41.03 39.30
CA CYS A 668 0.51 -40.62 38.05
C CYS A 668 1.55 -40.24 37.01
N GLN A 669 2.55 -39.45 37.42
CA GLN A 669 3.56 -38.96 36.48
C GLN A 669 4.28 -40.12 35.80
N ARG A 670 4.48 -41.22 36.53
CA ARG A 670 5.03 -42.44 35.92
C ARG A 670 4.19 -43.00 34.78
N LEU A 671 2.89 -42.76 34.80
CA LEU A 671 2.01 -43.22 33.73
C LEU A 671 2.03 -42.16 32.63
N GLY A 672 3.08 -41.33 32.58
CA GLY A 672 3.21 -40.36 31.52
C GLY A 672 2.37 -39.11 31.67
N ALA A 673 2.07 -38.72 32.90
CA ALA A 673 1.14 -37.62 33.14
C ALA A 673 1.87 -36.28 33.26
N ILE A 674 1.15 -35.23 32.88
CA ILE A 674 1.49 -33.86 33.23
C ILE A 674 0.58 -33.48 34.38
N VAL A 675 1.17 -33.26 35.56
CA VAL A 675 0.42 -33.26 36.81
C VAL A 675 0.45 -31.88 37.45
N ALA A 676 -0.73 -31.29 37.63
CA ALA A 676 -0.91 -30.11 38.43
C ALA A 676 -1.27 -30.50 39.86
N VAL A 677 -0.94 -29.61 40.80
CA VAL A 677 -1.30 -29.77 42.20
C VAL A 677 -1.68 -28.41 42.75
N THR A 678 -2.89 -28.30 43.27
CA THR A 678 -3.33 -27.10 43.97
C THR A 678 -3.36 -27.38 45.48
N GLY A 679 -2.97 -26.39 46.26
CA GLY A 679 -2.80 -26.62 47.68
C GLY A 679 -2.61 -25.35 48.48
N ASP A 680 -2.61 -25.51 49.79
CA ASP A 680 -2.66 -24.37 50.71
C ASP A 680 -1.89 -24.52 52.02
N GLY A 681 -1.60 -25.76 52.44
CA GLY A 681 -1.12 -26.02 53.77
C GLY A 681 0.25 -26.68 53.77
N VAL A 682 0.84 -26.72 54.98
CA VAL A 682 2.16 -27.31 55.16
C VAL A 682 2.16 -28.77 54.74
N ASN A 683 1.02 -29.44 54.82
CA ASN A 683 0.93 -30.82 54.33
C ASN A 683 1.12 -30.91 52.82
N ASP A 684 0.92 -29.81 52.10
CA ASP A 684 0.82 -29.84 50.64
C ASP A 684 2.14 -29.66 49.92
N SER A 685 3.14 -29.07 50.57
CA SER A 685 4.34 -28.63 49.86
C SER A 685 4.99 -29.70 49.00
N PRO A 686 5.32 -30.91 49.49
CA PRO A 686 6.14 -31.82 48.68
C PRO A 686 5.49 -32.21 47.35
N ALA A 687 4.18 -32.42 47.34
CA ALA A 687 3.46 -32.66 46.09
C ALA A 687 3.23 -31.39 45.30
N LEU A 688 3.50 -30.21 45.89
CA LEU A 688 3.50 -28.99 45.11
C LEU A 688 4.82 -28.82 44.36
N LYS A 689 5.92 -29.27 44.97
CA LYS A 689 7.23 -29.23 44.31
C LYS A 689 7.29 -30.22 43.16
N LYS A 690 7.02 -31.49 43.44
CA LYS A 690 7.15 -32.54 42.43
C LYS A 690 6.17 -32.37 41.28
N ALA A 691 5.16 -31.52 41.42
CA ALA A 691 4.14 -31.37 40.38
C ALA A 691 4.67 -30.52 39.23
N ASP A 692 4.50 -31.02 38.00
CA ASP A 692 4.92 -30.29 36.81
C ASP A 692 4.36 -28.88 36.77
N ILE A 693 3.26 -28.62 37.46
CA ILE A 693 2.95 -27.27 37.94
C ILE A 693 2.35 -27.42 39.33
N GLY A 694 2.87 -26.63 40.27
CA GLY A 694 2.27 -26.51 41.58
C GLY A 694 1.56 -25.16 41.70
N VAL A 695 0.35 -25.19 42.26
CA VAL A 695 -0.41 -23.98 42.50
C VAL A 695 -0.74 -23.91 43.98
N ALA A 696 -0.52 -22.73 44.58
CA ALA A 696 -0.85 -22.51 45.97
C ALA A 696 -1.86 -21.38 46.08
N MET A 697 -2.68 -21.44 47.13
CA MET A 697 -3.66 -20.40 47.39
C MET A 697 -2.95 -19.19 47.99
N GLY A 698 -3.20 -18.01 47.42
CA GLY A 698 -2.47 -16.82 47.83
C GLY A 698 -2.74 -16.43 49.26
N ILE A 699 -4.01 -16.41 49.66
CA ILE A 699 -4.40 -15.97 50.99
C ILE A 699 -4.22 -17.11 51.98
N ALA A 700 -5.10 -18.11 51.92
CA ALA A 700 -5.12 -19.19 52.90
C ALA A 700 -3.89 -20.10 52.83
N GLY A 701 -3.01 -19.88 51.87
CA GLY A 701 -1.80 -20.66 51.76
C GLY A 701 -0.89 -20.52 52.97
N SER A 702 -0.43 -21.64 53.52
CA SER A 702 0.66 -21.59 54.46
C SER A 702 1.96 -21.42 53.68
N ASP A 703 2.91 -20.71 54.30
CA ASP A 703 4.09 -20.26 53.56
C ASP A 703 4.82 -21.41 52.89
N ALA A 704 5.01 -22.52 53.62
CA ALA A 704 5.73 -23.67 53.07
C ALA A 704 5.14 -24.10 51.74
N ALA A 705 3.82 -24.04 51.60
CA ALA A 705 3.20 -24.26 50.30
C ALA A 705 3.62 -23.17 49.32
N LYS A 706 3.45 -21.90 49.72
CA LYS A 706 3.66 -20.79 48.80
C LYS A 706 5.09 -20.77 48.27
N ASN A 707 6.07 -21.00 49.14
CA ASN A 707 7.45 -21.03 48.69
C ASN A 707 7.81 -22.31 47.93
N ALA A 708 6.95 -23.32 47.98
CA ALA A 708 7.14 -24.52 47.16
C ALA A 708 6.38 -24.45 45.85
N ALA A 709 5.41 -23.54 45.73
CA ALA A 709 4.55 -23.50 44.55
C ALA A 709 5.23 -22.75 43.41
N ASP A 710 4.83 -23.10 42.18
CA ASP A 710 5.29 -22.41 40.98
C ASP A 710 4.34 -21.32 40.54
N MET A 711 3.09 -21.37 41.00
CA MET A 711 2.05 -20.43 40.63
C MET A 711 1.32 -20.03 41.91
N ILE A 712 0.81 -18.80 41.94
CA ILE A 712 0.12 -18.30 43.13
C ILE A 712 -1.16 -17.61 42.70
N LEU A 713 -2.30 -18.23 43.00
CA LEU A 713 -3.60 -17.55 42.87
C LEU A 713 -3.75 -16.62 44.05
N LEU A 714 -3.58 -15.31 43.81
CA LEU A 714 -3.61 -14.36 44.91
C LEU A 714 -4.96 -14.32 45.60
N ASP A 715 -6.05 -14.32 44.82
CA ASP A 715 -7.39 -14.15 45.36
C ASP A 715 -8.04 -15.46 45.78
N ASP A 716 -7.32 -16.59 45.70
CA ASP A 716 -7.83 -17.92 46.02
C ASP A 716 -9.01 -18.35 45.15
N ASN A 717 -9.40 -17.50 44.19
CA ASN A 717 -10.51 -17.81 43.31
C ASN A 717 -10.12 -19.00 42.43
N PHE A 718 -10.44 -20.21 42.88
CA PHE A 718 -9.93 -21.42 42.25
C PHE A 718 -10.22 -21.47 40.76
N ALA A 719 -11.31 -20.86 40.32
CA ALA A 719 -11.66 -20.82 38.90
C ALA A 719 -10.61 -20.08 38.08
N SER A 720 -9.60 -19.53 38.75
CA SER A 720 -8.45 -18.99 38.03
C SER A 720 -7.71 -20.10 37.29
N ILE A 721 -7.65 -21.30 37.88
CA ILE A 721 -6.99 -22.44 37.25
C ILE A 721 -7.49 -22.62 35.83
N VAL A 722 -8.80 -22.42 35.63
CA VAL A 722 -9.39 -22.61 34.31
C VAL A 722 -8.84 -21.58 33.33
N THR A 723 -8.71 -20.33 33.78
CA THR A 723 -8.12 -19.31 32.93
C THR A 723 -6.66 -19.60 32.61
N GLY A 724 -5.95 -20.26 33.54
CA GLY A 724 -4.56 -20.62 33.30
C GLY A 724 -4.41 -21.81 32.37
N VAL A 725 -5.37 -22.73 32.40
CA VAL A 725 -5.41 -23.78 31.38
C VAL A 725 -5.65 -23.16 30.02
N GLU A 726 -6.69 -22.32 29.92
CA GLU A 726 -7.03 -21.66 28.66
C GLU A 726 -5.81 -20.95 28.06
N GLN A 727 -5.03 -20.28 28.90
CA GLN A 727 -3.87 -19.54 28.43
C GLN A 727 -2.62 -20.40 28.32
N GLY A 728 -2.66 -21.65 28.79
CA GLY A 728 -1.56 -22.57 28.60
C GLY A 728 -1.78 -23.43 27.37
N ARG A 729 -3.05 -23.69 27.08
CA ARG A 729 -3.39 -24.27 25.77
C ARG A 729 -3.25 -23.22 24.68
N LEU A 730 -3.63 -21.98 24.97
CA LEU A 730 -3.48 -20.91 23.99
C LEU A 730 -2.01 -20.65 23.67
N ILE A 731 -1.19 -20.48 24.69
CA ILE A 731 0.23 -20.19 24.47
C ILE A 731 0.91 -21.36 23.77
N PHE A 732 0.52 -22.59 24.10
CA PHE A 732 1.06 -23.75 23.40
C PHE A 732 0.73 -23.68 21.93
N ASP A 733 -0.53 -23.45 21.59
CA ASP A 733 -0.95 -23.34 20.21
C ASP A 733 -0.52 -22.00 19.59
N ASN A 734 -0.15 -21.01 20.41
CA ASN A 734 0.32 -19.73 19.88
C ASN A 734 1.84 -19.63 19.86
N LEU A 735 2.55 -20.61 20.41
CA LEU A 735 4.00 -20.61 20.28
C LEU A 735 4.44 -21.23 18.96
N LYS A 736 3.74 -22.27 18.51
CA LYS A 736 4.11 -22.95 17.28
C LYS A 736 3.68 -22.19 16.03
N LYS A 737 2.85 -21.15 16.17
CA LYS A 737 2.64 -20.24 15.06
C LYS A 737 3.77 -19.24 14.95
N SER A 738 4.35 -18.84 16.09
CA SER A 738 5.46 -17.89 16.06
C SER A 738 6.74 -18.56 15.60
N ILE A 739 6.99 -19.78 16.06
CA ILE A 739 8.24 -20.47 15.71
C ILE A 739 8.30 -20.72 14.22
N ALA A 740 7.19 -21.08 13.60
CA ALA A 740 7.17 -21.35 12.16
C ALA A 740 7.49 -20.10 11.36
N TYR A 741 6.97 -18.95 11.79
CA TYR A 741 7.35 -17.68 11.16
C TYR A 741 8.83 -17.43 11.29
N THR A 742 9.39 -17.66 12.47
CA THR A 742 10.82 -17.45 12.69
C THR A 742 11.65 -18.48 11.92
N LEU A 743 11.13 -19.70 11.79
CA LEU A 743 11.94 -20.77 11.21
C LEU A 743 11.91 -20.77 9.69
N THR A 744 10.80 -20.37 9.07
CA THR A 744 10.74 -20.43 7.62
C THR A 744 11.76 -19.47 6.99
N LYS A 745 11.99 -18.31 7.61
CA LYS A 745 12.92 -17.35 7.04
C LYS A 745 14.35 -17.81 7.14
N ASN A 746 14.64 -18.80 7.99
CA ASN A 746 16.00 -19.32 8.12
C ASN A 746 16.47 -19.98 6.82
N ILE A 747 15.56 -20.26 5.90
CA ILE A 747 15.92 -20.93 4.66
C ILE A 747 16.42 -19.91 3.63
N PRO A 748 15.69 -18.82 3.35
CA PRO A 748 16.27 -17.79 2.48
C PRO A 748 17.46 -17.09 3.09
N GLU A 749 17.65 -17.20 4.41
CA GLU A 749 18.89 -16.74 5.02
C GLU A 749 20.04 -17.67 4.69
N LEU A 750 19.76 -18.97 4.51
CA LEU A 750 20.79 -19.97 4.29
C LEU A 750 21.17 -20.15 2.83
N THR A 751 20.17 -20.21 1.93
CA THR A 751 20.45 -20.61 0.55
C THR A 751 21.47 -19.72 -0.17
N PRO A 752 21.53 -18.39 0.06
CA PRO A 752 22.62 -17.59 -0.55
C PRO A 752 24.01 -18.15 -0.35
N TYR A 753 24.42 -18.31 0.92
CA TYR A 753 25.78 -18.76 1.19
C TYR A 753 26.08 -20.07 0.49
N LEU A 754 25.15 -21.03 0.53
CA LEU A 754 25.32 -22.28 -0.20
C LEU A 754 25.64 -22.03 -1.67
N ILE A 755 24.76 -21.30 -2.36
CA ILE A 755 24.97 -20.97 -3.76
C ILE A 755 26.31 -20.25 -3.93
N TYR A 756 26.52 -19.21 -3.12
CA TYR A 756 27.75 -18.42 -3.17
C TYR A 756 29.00 -19.28 -3.02
N ILE A 757 28.89 -20.40 -2.31
CA ILE A 757 30.04 -21.28 -2.12
C ILE A 757 30.29 -22.13 -3.36
N THR A 758 29.21 -22.64 -3.96
CA THR A 758 29.30 -23.59 -5.05
C THR A 758 29.38 -22.91 -6.41
N VAL A 759 28.35 -22.13 -6.75
CA VAL A 759 28.27 -21.50 -8.06
C VAL A 759 29.16 -20.28 -8.18
N SER A 760 29.80 -19.87 -7.08
CA SER A 760 30.76 -18.76 -7.05
C SER A 760 30.13 -17.48 -7.61
N VAL A 761 28.86 -17.26 -7.29
CA VAL A 761 28.19 -16.00 -7.59
C VAL A 761 28.38 -15.09 -6.40
N PRO A 762 28.27 -13.75 -6.54
CA PRO A 762 28.46 -12.84 -5.40
C PRO A 762 27.62 -13.21 -4.19
N LEU A 763 28.00 -12.71 -3.01
CA LEU A 763 27.29 -13.02 -1.77
C LEU A 763 25.94 -12.32 -1.76
N PRO A 764 24.82 -13.04 -1.82
CA PRO A 764 23.53 -12.35 -1.89
C PRO A 764 23.10 -11.75 -0.57
N LEU A 765 23.52 -12.33 0.56
CA LEU A 765 23.02 -11.88 1.84
C LEU A 765 24.16 -11.97 2.85
N GLY A 766 24.54 -10.83 3.41
CA GLY A 766 25.69 -10.74 4.30
C GLY A 766 25.31 -10.96 5.75
N CYS A 767 26.27 -11.49 6.51
CA CYS A 767 26.04 -11.86 7.90
C CYS A 767 25.55 -10.69 8.74
N ILE A 768 25.74 -9.45 8.29
CA ILE A 768 25.25 -8.31 9.05
C ILE A 768 23.75 -8.12 8.83
N THR A 769 23.32 -8.13 7.56
CA THR A 769 21.89 -7.93 7.29
C THR A 769 21.07 -9.15 7.67
N ILE A 770 21.68 -10.33 7.79
CA ILE A 770 20.98 -11.48 8.36
C ILE A 770 20.67 -11.22 9.83
N LEU A 771 21.68 -10.79 10.58
CA LEU A 771 21.51 -10.50 12.00
C LEU A 771 20.53 -9.37 12.27
N PHE A 772 20.16 -8.59 11.25
CA PHE A 772 19.16 -7.55 11.45
C PHE A 772 17.75 -8.08 11.16
N ILE A 773 17.62 -8.95 10.15
CA ILE A 773 16.36 -9.65 9.96
C ILE A 773 15.99 -10.42 11.22
N GLU A 774 16.93 -11.22 11.72
CA GLU A 774 16.65 -12.06 12.88
C GLU A 774 16.44 -11.23 14.13
N LEU A 775 17.30 -10.23 14.36
CA LEU A 775 17.32 -9.49 15.61
C LEU A 775 16.64 -8.13 15.60
N CYS A 776 15.86 -7.83 14.56
CA CYS A 776 15.05 -6.61 14.58
C CYS A 776 13.75 -6.67 13.79
N THR A 777 13.85 -6.80 12.46
CA THR A 777 12.68 -6.59 11.61
C THR A 777 11.58 -7.60 11.89
N ASP A 778 11.93 -8.87 12.08
CA ASP A 778 10.96 -9.92 12.32
C ASP A 778 10.95 -10.39 13.78
N ILE A 779 11.33 -9.51 14.71
CA ILE A 779 11.08 -9.78 16.13
C ILE A 779 9.65 -9.44 16.48
N PHE A 780 9.26 -8.19 16.24
CA PHE A 780 7.89 -7.75 16.52
C PHE A 780 6.84 -8.58 15.78
N PRO A 781 6.96 -8.87 14.48
CA PRO A 781 5.94 -9.72 13.83
C PRO A 781 5.94 -11.15 14.34
N SER A 782 7.08 -11.67 14.78
CA SER A 782 7.11 -13.02 15.33
C SER A 782 6.31 -13.09 16.64
N VAL A 783 6.43 -12.06 17.47
CA VAL A 783 5.79 -12.08 18.78
C VAL A 783 4.30 -11.77 18.67
N SER A 784 3.88 -10.98 17.67
CA SER A 784 2.51 -10.51 17.56
C SER A 784 1.49 -11.64 17.38
N LEU A 785 1.94 -12.86 17.14
CA LEU A 785 1.03 -14.01 17.07
C LEU A 785 0.69 -14.57 18.45
N ALA A 786 1.38 -14.12 19.50
CA ALA A 786 0.99 -14.46 20.86
C ALA A 786 -0.38 -13.87 21.19
N TYR A 787 -0.96 -13.14 20.24
CA TYR A 787 -2.26 -12.50 20.39
C TYR A 787 -3.30 -13.05 19.43
N GLU A 788 -3.11 -14.28 18.93
CA GLU A 788 -4.13 -14.93 18.15
C GLU A 788 -5.14 -15.62 19.08
N LYS A 789 -6.42 -15.47 18.76
CA LYS A 789 -7.46 -16.19 19.47
C LYS A 789 -7.67 -17.55 18.82
N ALA A 790 -8.20 -18.48 19.61
CA ALA A 790 -8.31 -19.86 19.17
C ALA A 790 -9.19 -19.97 17.91
N GLU A 791 -9.02 -21.09 17.21
CA GLU A 791 -9.85 -21.41 16.05
C GLU A 791 -10.91 -22.45 16.38
N SER A 792 -10.54 -23.48 17.13
CA SER A 792 -11.50 -24.37 17.74
C SER A 792 -11.84 -23.87 19.13
N ASP A 793 -13.03 -24.21 19.61
CA ASP A 793 -13.34 -23.92 21.00
C ASP A 793 -12.38 -24.74 21.85
N ILE A 794 -11.31 -24.10 22.32
CA ILE A 794 -10.16 -24.83 22.84
C ILE A 794 -10.51 -25.61 24.10
N MET A 795 -11.50 -25.17 24.87
CA MET A 795 -11.80 -25.83 26.13
C MET A 795 -12.63 -27.09 25.97
N HIS A 796 -13.00 -27.45 24.74
CA HIS A 796 -13.64 -28.73 24.48
C HIS A 796 -12.66 -29.79 24.00
N LEU A 797 -11.40 -29.41 23.81
CA LEU A 797 -10.38 -30.34 23.35
C LEU A 797 -9.84 -31.15 24.53
N ARG A 798 -9.53 -32.41 24.27
CA ARG A 798 -8.75 -33.17 25.24
C ARG A 798 -7.38 -32.53 25.39
N PRO A 799 -6.74 -32.68 26.55
CA PRO A 799 -5.36 -32.19 26.69
C PRO A 799 -4.43 -32.99 25.80
N ARG A 800 -3.41 -32.32 25.28
CA ARG A 800 -2.54 -32.92 24.28
C ARG A 800 -1.83 -34.14 24.82
N ASN A 801 -1.51 -35.06 23.92
CA ASN A 801 -0.66 -36.19 24.30
C ASN A 801 0.78 -35.68 24.38
N PRO A 802 1.41 -35.75 25.56
CA PRO A 802 2.76 -35.19 25.71
C PRO A 802 3.88 -36.04 25.13
N LYS A 803 3.56 -37.16 24.49
CA LYS A 803 4.52 -37.85 23.62
C LYS A 803 4.30 -37.51 22.15
N ARG A 804 3.05 -37.40 21.73
CA ARG A 804 2.72 -37.36 20.30
C ARG A 804 2.71 -35.92 19.80
N ASP A 805 1.77 -35.10 20.27
CA ASP A 805 1.75 -33.70 19.88
C ASP A 805 2.86 -32.95 20.59
N ARG A 806 3.72 -32.29 19.81
CA ARG A 806 4.88 -31.58 20.34
C ARG A 806 4.84 -30.13 19.86
N LEU A 807 5.78 -29.33 20.38
CA LEU A 807 5.85 -27.93 19.97
C LEU A 807 6.37 -27.80 18.54
N VAL A 808 7.54 -28.35 18.26
CA VAL A 808 8.09 -28.41 16.91
C VAL A 808 8.15 -29.87 16.50
N ASN A 809 7.14 -30.30 15.77
CA ASN A 809 7.06 -31.66 15.27
C ASN A 809 7.66 -31.73 13.88
N GLU A 810 8.00 -32.95 13.47
CA GLU A 810 8.62 -33.16 12.15
C GLU A 810 7.86 -32.48 11.01
N PRO A 811 6.52 -32.51 10.95
CA PRO A 811 5.84 -31.83 9.83
C PRO A 811 5.99 -30.32 9.81
N LEU A 812 5.89 -29.64 10.96
CA LEU A 812 5.96 -28.18 10.93
C LEU A 812 7.30 -27.71 10.39
N ALA A 813 8.40 -28.28 10.89
CA ALA A 813 9.73 -27.86 10.45
C ALA A 813 9.87 -28.00 8.95
N ALA A 814 9.49 -29.15 8.41
CA ALA A 814 9.65 -29.39 6.98
C ALA A 814 8.79 -28.46 6.15
N TYR A 815 7.61 -28.08 6.65
CA TYR A 815 6.75 -27.23 5.85
C TYR A 815 7.24 -25.78 5.81
N SER A 816 7.71 -25.26 6.95
CA SER A 816 8.27 -23.92 6.97
C SER A 816 9.59 -23.87 6.19
N TYR A 817 10.51 -24.78 6.52
CA TYR A 817 11.79 -24.84 5.84
C TYR A 817 11.65 -25.14 4.34
N PHE A 818 11.21 -26.35 4.01
CA PHE A 818 11.36 -26.86 2.65
C PHE A 818 10.40 -26.20 1.66
N GLN A 819 9.20 -25.82 2.09
CA GLN A 819 8.20 -25.35 1.15
C GLN A 819 8.02 -23.84 1.19
N ILE A 820 7.62 -23.30 2.34
CA ILE A 820 7.52 -21.84 2.46
C ILE A 820 8.88 -21.20 2.25
N GLY A 821 9.91 -21.72 2.95
CA GLY A 821 11.24 -21.16 2.82
C GLY A 821 11.78 -21.25 1.41
N ALA A 822 11.36 -22.27 0.65
CA ALA A 822 11.74 -22.36 -0.75
C ALA A 822 11.20 -21.17 -1.53
N ILE A 823 9.91 -20.87 -1.38
CA ILE A 823 9.32 -19.74 -2.07
C ILE A 823 9.94 -18.43 -1.56
N GLN A 824 10.29 -18.38 -0.29
CA GLN A 824 11.00 -17.22 0.24
C GLN A 824 12.39 -17.09 -0.36
N SER A 825 13.02 -18.22 -0.70
CA SER A 825 14.32 -18.17 -1.37
C SER A 825 14.18 -17.95 -2.87
N PHE A 826 13.00 -18.23 -3.43
CA PHE A 826 12.77 -18.09 -4.86
C PHE A 826 12.24 -16.71 -5.23
N ALA A 827 11.75 -15.94 -4.27
CA ALA A 827 11.61 -14.51 -4.46
C ALA A 827 12.93 -13.80 -4.24
N GLY A 828 13.70 -14.24 -3.25
CA GLY A 828 14.94 -13.55 -2.91
C GLY A 828 15.98 -13.66 -4.01
N PHE A 829 16.00 -14.78 -4.72
CA PHE A 829 16.91 -14.94 -5.84
C PHE A 829 16.32 -14.40 -7.13
N THR A 830 15.01 -14.21 -7.21
CA THR A 830 14.43 -13.51 -8.35
C THR A 830 14.74 -12.01 -8.28
N ASP A 831 14.88 -11.48 -7.07
CA ASP A 831 15.25 -10.09 -6.88
C ASP A 831 16.75 -9.87 -6.98
N TYR A 832 17.55 -10.88 -6.58
CA TYR A 832 19.00 -10.79 -6.68
C TYR A 832 19.44 -10.74 -8.14
N PHE A 833 18.68 -11.33 -9.05
CA PHE A 833 19.08 -11.37 -10.45
C PHE A 833 18.52 -10.23 -11.27
N THR A 834 17.45 -9.57 -10.81
CA THR A 834 16.98 -8.37 -11.50
C THR A 834 17.83 -7.16 -11.14
N ALA A 835 18.27 -7.06 -9.89
CA ALA A 835 19.15 -5.96 -9.49
C ALA A 835 20.53 -6.10 -10.13
N MET A 836 21.04 -7.34 -10.21
CA MET A 836 22.31 -7.56 -10.91
C MET A 836 22.17 -7.26 -12.40
N ALA A 837 21.03 -7.60 -13.00
CA ALA A 837 20.89 -7.48 -14.45
C ALA A 837 20.51 -6.07 -14.88
N GLN A 838 19.75 -5.34 -14.05
CA GLN A 838 19.39 -3.97 -14.39
C GLN A 838 20.53 -2.99 -14.15
N GLU A 839 21.58 -3.40 -13.44
CA GLU A 839 22.71 -2.51 -13.15
C GLU A 839 24.03 -2.91 -13.79
N GLY A 840 24.10 -4.04 -14.51
CA GLY A 840 25.31 -4.34 -15.24
C GLY A 840 25.84 -5.75 -15.36
N TRP A 841 25.36 -6.70 -14.55
CA TRP A 841 25.93 -8.05 -14.51
C TRP A 841 24.83 -9.08 -14.73
N PHE A 842 24.88 -9.78 -15.87
CA PHE A 842 23.85 -10.72 -16.30
C PHE A 842 23.96 -12.05 -15.54
N PRO A 843 23.00 -12.99 -15.75
CA PRO A 843 23.02 -14.25 -14.99
C PRO A 843 24.27 -15.12 -15.13
N LEU A 844 24.52 -15.71 -16.31
CA LEU A 844 25.69 -16.56 -16.50
C LEU A 844 26.96 -15.90 -15.98
N LEU A 845 27.08 -14.59 -16.19
CA LEU A 845 28.22 -13.82 -15.69
C LEU A 845 28.48 -14.05 -14.21
N CYS A 846 27.41 -14.25 -13.42
CA CYS A 846 27.58 -14.45 -11.98
C CYS A 846 28.37 -15.71 -11.67
N VAL A 847 28.14 -16.78 -12.44
CA VAL A 847 28.85 -18.03 -12.22
C VAL A 847 30.35 -17.78 -12.34
N GLY A 848 31.10 -18.18 -11.32
CA GLY A 848 32.54 -18.02 -11.30
C GLY A 848 33.04 -16.59 -11.18
N LEU A 849 32.14 -15.62 -11.00
CA LEU A 849 32.56 -14.23 -10.99
C LEU A 849 33.15 -13.82 -9.65
N ARG A 850 32.61 -14.37 -8.56
CA ARG A 850 33.04 -14.04 -7.20
C ARG A 850 34.55 -13.86 -7.04
N PRO A 851 35.42 -14.76 -7.53
CA PRO A 851 36.85 -14.53 -7.35
C PRO A 851 37.33 -13.23 -7.97
N GLN A 852 36.82 -12.89 -9.16
CA GLN A 852 37.11 -11.56 -9.73
C GLN A 852 36.30 -10.47 -9.03
N TRP A 853 35.12 -10.80 -8.54
CA TRP A 853 34.30 -9.82 -7.83
C TRP A 853 34.96 -9.39 -6.52
N GLU A 854 35.46 -10.35 -5.75
CA GLU A 854 35.98 -10.07 -4.42
C GLU A 854 37.50 -9.96 -4.49
N ASN A 855 37.95 -8.86 -5.10
CA ASN A 855 39.36 -8.66 -5.44
C ASN A 855 39.70 -7.18 -5.26
N HIS A 856 40.57 -6.89 -4.29
CA HIS A 856 41.04 -5.52 -4.12
C HIS A 856 41.99 -5.11 -5.24
N HIS A 857 42.83 -6.03 -5.68
CA HIS A 857 43.88 -5.73 -6.66
C HIS A 857 43.35 -5.48 -8.07
N LEU A 858 42.05 -5.64 -8.31
CA LEU A 858 41.46 -5.44 -9.63
C LEU A 858 40.41 -4.34 -9.51
N GLN A 859 40.72 -3.17 -10.08
CA GLN A 859 39.81 -2.02 -10.06
C GLN A 859 39.21 -1.75 -11.43
N ASP A 860 38.97 -2.80 -12.23
CA ASP A 860 38.62 -2.59 -13.63
C ASP A 860 37.67 -3.64 -14.22
N LEU A 861 36.98 -4.43 -13.40
CA LEU A 861 36.26 -5.60 -13.87
C LEU A 861 35.18 -5.23 -14.88
N GLN A 862 35.40 -5.57 -16.15
CA GLN A 862 34.51 -5.18 -17.23
C GLN A 862 33.31 -6.13 -17.25
N ASP A 863 32.11 -5.55 -17.08
CA ASP A 863 30.88 -6.34 -16.95
C ASP A 863 30.27 -6.73 -18.30
N SER A 864 28.95 -6.89 -18.33
CA SER A 864 28.23 -7.29 -19.53
C SER A 864 27.80 -6.11 -20.39
N TYR A 865 28.32 -4.91 -20.12
CA TYR A 865 28.44 -3.84 -21.10
C TYR A 865 29.86 -3.30 -21.13
N GLY A 866 30.82 -4.13 -20.73
CA GLY A 866 32.24 -3.79 -20.79
C GLY A 866 32.63 -2.75 -19.76
N GLN A 867 31.67 -2.35 -18.92
CA GLN A 867 31.89 -1.26 -17.98
C GLN A 867 32.84 -1.69 -16.88
N GLU A 868 33.86 -0.88 -16.62
CA GLU A 868 34.84 -1.17 -15.59
C GLU A 868 34.36 -0.66 -14.24
N TRP A 869 34.53 -1.49 -13.22
CA TRP A 869 33.85 -1.34 -11.94
C TRP A 869 34.89 -1.46 -10.83
N THR A 870 35.09 -0.37 -10.07
CA THR A 870 36.06 -0.43 -8.98
C THR A 870 35.57 -1.35 -7.86
N PHE A 871 36.51 -1.73 -7.00
CA PHE A 871 36.18 -2.66 -5.92
C PHE A 871 35.13 -2.07 -4.98
N GLY A 872 35.14 -0.75 -4.77
CA GLY A 872 34.11 -0.12 -3.98
C GLY A 872 32.81 0.08 -4.75
N GLN A 873 32.90 0.36 -6.05
CA GLN A 873 31.70 0.40 -6.87
C GLN A 873 31.05 -0.98 -6.96
N ARG A 874 31.85 -2.04 -6.88
CA ARG A 874 31.29 -3.39 -6.87
C ARG A 874 30.76 -3.78 -5.50
N LEU A 875 31.49 -3.47 -4.43
CA LEU A 875 31.03 -3.81 -3.10
C LEU A 875 29.87 -2.93 -2.65
N TYR A 876 29.73 -1.73 -3.22
CA TYR A 876 28.52 -0.95 -3.00
C TYR A 876 27.30 -1.65 -3.59
N GLN A 877 27.47 -2.35 -4.71
CA GLN A 877 26.37 -3.11 -5.30
C GLN A 877 26.21 -4.47 -4.64
N GLN A 878 27.29 -5.05 -4.11
CA GLN A 878 27.14 -6.20 -3.22
C GLN A 878 26.28 -5.86 -2.02
N TYR A 879 26.25 -4.58 -1.63
CA TYR A 879 25.33 -4.13 -0.58
C TYR A 879 23.91 -3.90 -1.11
N THR A 880 23.74 -3.68 -2.41
CA THR A 880 22.43 -3.54 -3.02
C THR A 880 21.84 -4.91 -3.39
N CYS A 881 22.54 -5.99 -3.06
CA CYS A 881 21.93 -7.31 -3.05
C CYS A 881 21.80 -7.89 -1.65
N TYR A 882 22.66 -7.49 -0.71
CA TYR A 882 22.29 -7.60 0.70
C TYR A 882 20.89 -7.07 0.93
N THR A 883 20.61 -5.89 0.39
CA THR A 883 19.46 -5.06 0.74
C THR A 883 18.31 -5.21 -0.25
N VAL A 884 18.43 -6.09 -1.23
CA VAL A 884 17.33 -6.42 -2.11
C VAL A 884 16.82 -7.84 -1.88
N PHE A 885 17.70 -8.78 -1.49
CA PHE A 885 17.26 -10.05 -0.95
C PHE A 885 16.58 -9.86 0.40
N PHE A 886 17.19 -9.03 1.25
CA PHE A 886 16.65 -8.70 2.57
C PHE A 886 15.20 -8.25 2.49
N ILE A 887 14.85 -7.49 1.46
CA ILE A 887 13.49 -6.98 1.34
C ILE A 887 12.59 -7.93 0.55
N SER A 888 13.15 -8.82 -0.27
CA SER A 888 12.36 -9.94 -0.75
C SER A 888 11.88 -10.80 0.41
N ILE A 889 12.73 -10.99 1.41
CA ILE A 889 12.35 -11.75 2.60
C ILE A 889 11.27 -11.01 3.37
N GLU A 890 11.50 -9.73 3.67
CA GLU A 890 10.56 -8.97 4.46
C GLU A 890 9.20 -8.87 3.78
N MET A 891 9.16 -8.96 2.45
CA MET A 891 7.88 -8.98 1.75
C MET A 891 7.17 -10.32 1.88
N CYS A 892 7.93 -11.39 2.07
CA CYS A 892 7.33 -12.70 2.29
C CYS A 892 7.05 -12.97 3.77
N GLN A 893 7.61 -12.18 4.67
CA GLN A 893 7.33 -12.30 6.09
C GLN A 893 6.16 -11.43 6.53
N ILE A 894 5.37 -10.95 5.57
CA ILE A 894 4.04 -10.41 5.83
C ILE A 894 2.96 -11.41 5.45
N ALA A 895 3.05 -11.97 4.24
CA ALA A 895 2.16 -13.06 3.86
C ALA A 895 2.36 -14.26 4.75
N ASP A 896 3.56 -14.40 5.34
CA ASP A 896 3.81 -15.46 6.29
C ASP A 896 2.99 -15.26 7.57
N VAL A 897 3.14 -14.08 8.19
CA VAL A 897 2.49 -13.83 9.47
C VAL A 897 0.97 -13.84 9.36
N LEU A 898 0.43 -13.74 8.14
CA LEU A 898 -1.00 -13.85 7.95
C LEU A 898 -1.44 -15.30 7.74
N ILE A 899 -0.56 -16.15 7.23
CA ILE A 899 -0.84 -17.59 7.19
C ILE A 899 -0.30 -18.30 8.41
N ARG A 900 0.42 -17.61 9.29
CA ARG A 900 0.71 -18.12 10.62
C ARG A 900 -0.29 -17.59 11.64
N LYS A 901 -1.34 -16.92 11.20
CA LYS A 901 -2.46 -16.60 12.09
C LYS A 901 -3.32 -17.84 12.32
N THR A 902 -3.58 -18.60 11.25
CA THR A 902 -4.58 -19.67 11.25
C THR A 902 -3.90 -21.00 11.01
N ARG A 903 -4.26 -22.00 11.83
CA ARG A 903 -3.82 -23.38 11.60
C ARG A 903 -4.90 -24.25 11.00
N ARG A 904 -6.18 -24.00 11.31
CA ARG A 904 -7.26 -24.80 10.75
C ARG A 904 -8.29 -23.97 9.99
N LEU A 905 -8.64 -22.79 10.50
CA LEU A 905 -9.55 -21.92 9.77
C LEU A 905 -8.85 -21.35 8.55
N SER A 906 -9.66 -20.80 7.65
CA SER A 906 -9.13 -19.84 6.69
C SER A 906 -8.95 -18.49 7.39
N ALA A 907 -7.98 -17.71 6.91
CA ALA A 907 -7.96 -16.30 7.27
C ALA A 907 -9.20 -15.60 6.73
N PHE A 908 -9.76 -16.12 5.63
CA PHE A 908 -11.03 -15.65 5.11
C PHE A 908 -12.13 -15.76 6.17
N GLN A 909 -12.37 -16.97 6.66
CA GLN A 909 -13.56 -17.28 7.44
C GLN A 909 -13.48 -16.79 8.88
N GLN A 910 -12.32 -16.33 9.34
CA GLN A 910 -12.23 -15.58 10.58
C GLN A 910 -11.97 -14.10 10.32
N GLY A 911 -10.88 -13.78 9.63
CA GLY A 911 -10.63 -12.41 9.26
C GLY A 911 -9.16 -12.14 9.02
N PHE A 912 -8.87 -10.89 8.66
CA PHE A 912 -7.49 -10.53 8.31
C PHE A 912 -6.78 -9.73 9.41
N PHE A 913 -7.42 -8.66 9.89
CA PHE A 913 -6.84 -7.73 10.85
C PHE A 913 -7.47 -7.87 12.22
N ARG A 914 -8.12 -9.00 12.50
CA ARG A 914 -8.81 -9.18 13.78
C ARG A 914 -7.85 -8.99 14.95
N ASN A 915 -6.63 -9.52 14.84
CA ASN A 915 -5.58 -9.19 15.80
C ASN A 915 -5.09 -7.78 15.49
N ARG A 916 -5.26 -6.87 16.45
CA ARG A 916 -4.82 -5.50 16.25
C ARG A 916 -3.34 -5.30 16.54
N ILE A 917 -2.74 -6.16 17.36
CA ILE A 917 -1.31 -6.03 17.61
C ILE A 917 -0.50 -6.51 16.40
N LEU A 918 -1.00 -7.54 15.71
CA LEU A 918 -0.33 -8.03 14.52
C LEU A 918 -0.17 -6.93 13.47
N VAL A 919 -1.26 -6.21 13.19
CA VAL A 919 -1.19 -5.15 12.18
C VAL A 919 -0.38 -3.95 12.64
N ILE A 920 -0.03 -3.89 13.93
CA ILE A 920 0.93 -2.88 14.38
C ILE A 920 2.37 -3.39 14.27
N ALA A 921 2.57 -4.71 14.27
CA ALA A 921 3.91 -5.24 14.05
C ALA A 921 4.33 -5.12 12.59
N ILE A 922 3.36 -5.30 11.67
CA ILE A 922 3.67 -5.26 10.24
C ILE A 922 4.14 -3.87 9.83
N VAL A 923 3.50 -2.83 10.36
CA VAL A 923 3.90 -1.47 10.02
C VAL A 923 5.24 -1.12 10.67
N PHE A 924 5.65 -1.86 11.71
CA PHE A 924 7.01 -1.66 12.22
C PHE A 924 8.03 -2.53 11.49
N GLN A 925 7.66 -3.75 11.11
CA GLN A 925 8.49 -4.55 10.22
C GLN A 925 8.87 -3.75 8.98
N VAL A 926 7.89 -3.08 8.38
CA VAL A 926 8.13 -2.31 7.16
C VAL A 926 9.01 -1.11 7.45
N CYS A 927 8.76 -0.41 8.56
CA CYS A 927 9.33 0.91 8.75
C CYS A 927 10.67 0.91 9.48
N ILE A 928 11.08 -0.20 10.09
CA ILE A 928 12.50 -0.33 10.41
C ILE A 928 13.27 -0.80 9.19
N GLY A 929 12.58 -1.39 8.21
CA GLY A 929 13.23 -1.78 6.98
C GLY A 929 13.53 -0.63 6.04
N CYS A 930 12.68 0.40 6.04
CA CYS A 930 12.99 1.60 5.26
C CYS A 930 13.99 2.48 5.98
N PHE A 931 13.93 2.53 7.32
CA PHE A 931 14.90 3.30 8.09
C PHE A 931 16.31 2.81 7.80
N LEU A 932 16.52 1.50 7.86
CA LEU A 932 17.80 0.95 7.46
C LEU A 932 18.09 1.20 5.98
N CYS A 933 17.06 1.24 5.14
CA CYS A 933 17.31 1.30 3.70
C CYS A 933 17.69 2.71 3.24
N TYR A 934 16.97 3.72 3.72
CA TYR A 934 17.01 5.05 3.11
C TYR A 934 17.81 6.07 3.91
N CYS A 935 17.76 5.98 5.25
CA CYS A 935 18.43 6.93 6.14
C CYS A 935 19.88 7.18 5.71
N PRO A 936 20.30 8.44 5.63
CA PRO A 936 21.70 8.73 5.32
C PRO A 936 22.65 8.10 6.34
N GLY A 937 23.80 7.66 5.85
CA GLY A 937 24.76 6.93 6.64
C GLY A 937 24.58 5.42 6.61
N MET A 938 23.39 4.94 6.26
CA MET A 938 23.13 3.50 6.27
C MET A 938 24.00 2.72 5.29
N PRO A 939 24.36 3.22 4.10
CA PRO A 939 25.20 2.42 3.21
C PRO A 939 26.55 2.03 3.80
N ASN A 940 27.20 2.91 4.54
CA ASN A 940 28.54 2.66 5.03
C ASN A 940 28.54 1.97 6.39
N ILE A 941 27.61 2.35 7.26
CA ILE A 941 27.58 1.84 8.62
C ILE A 941 27.02 0.42 8.64
N PHE A 942 25.74 0.27 8.25
CA PHE A 942 25.04 -1.00 8.38
C PHE A 942 24.94 -1.80 7.10
N ASN A 943 25.56 -1.32 6.01
CA ASN A 943 25.55 -2.04 4.72
C ASN A 943 24.13 -2.16 4.17
N PHE A 944 23.45 -1.03 4.06
CA PHE A 944 22.07 -1.00 3.57
C PHE A 944 21.91 0.15 2.57
N MET A 945 21.36 -0.16 1.40
CA MET A 945 21.31 0.75 0.27
C MET A 945 19.88 1.21 -0.02
N PRO A 946 19.71 2.44 -0.46
CA PRO A 946 18.36 2.91 -0.85
C PRO A 946 17.86 2.28 -2.13
N ILE A 947 17.27 1.10 -2.04
CA ILE A 947 16.96 0.33 -3.24
C ILE A 947 15.83 1.02 -4.01
N ARG A 948 15.68 0.62 -5.26
CA ARG A 948 14.69 1.18 -6.16
C ARG A 948 13.31 0.62 -5.84
N PHE A 949 12.27 1.36 -6.27
CA PHE A 949 10.91 1.02 -5.87
C PHE A 949 10.39 -0.22 -6.60
N GLN A 950 10.95 -0.55 -7.76
CA GLN A 950 10.53 -1.77 -8.45
C GLN A 950 11.02 -3.02 -7.75
N TRP A 951 12.08 -2.90 -6.96
CA TRP A 951 12.67 -4.02 -6.23
C TRP A 951 11.90 -4.35 -4.97
N TRP A 952 10.90 -3.55 -4.61
CA TRP A 952 9.93 -3.96 -3.62
C TRP A 952 8.84 -4.81 -4.24
N LEU A 953 8.55 -4.57 -5.53
CA LEU A 953 7.44 -5.22 -6.21
C LEU A 953 7.79 -6.61 -6.71
N VAL A 954 9.05 -6.85 -7.04
CA VAL A 954 9.50 -8.13 -7.58
C VAL A 954 9.14 -9.28 -6.65
N PRO A 955 9.31 -9.16 -5.31
CA PRO A 955 8.90 -10.28 -4.45
C PRO A 955 7.44 -10.23 -4.04
N MET A 956 6.57 -9.60 -4.83
CA MET A 956 5.19 -9.41 -4.37
C MET A 956 4.24 -10.50 -4.87
N PRO A 957 4.31 -10.92 -6.14
CA PRO A 957 3.62 -12.15 -6.52
C PRO A 957 4.03 -13.32 -5.68
N PHE A 958 5.29 -13.34 -5.23
CA PHE A 958 5.80 -14.44 -4.42
C PHE A 958 5.21 -14.42 -3.02
N SER A 959 4.81 -13.25 -2.52
CA SER A 959 4.14 -13.15 -1.23
C SER A 959 2.65 -13.40 -1.35
N LEU A 960 2.00 -12.75 -2.32
CA LEU A 960 0.61 -13.09 -2.64
C LEU A 960 0.48 -14.59 -2.91
N LEU A 961 1.52 -15.19 -3.50
CA LEU A 961 1.60 -16.64 -3.63
C LEU A 961 1.55 -17.32 -2.27
N ILE A 962 2.55 -17.05 -1.42
CA ILE A 962 2.68 -17.73 -0.14
C ILE A 962 1.37 -17.72 0.62
N PHE A 963 0.67 -16.59 0.59
CA PHE A 963 -0.61 -16.49 1.30
C PHE A 963 -1.63 -17.49 0.73
N VAL A 964 -1.78 -17.52 -0.60
CA VAL A 964 -2.82 -18.34 -1.20
C VAL A 964 -2.41 -19.81 -1.33
N TYR A 965 -1.11 -20.11 -1.32
CA TYR A 965 -0.71 -21.52 -1.23
C TYR A 965 -1.14 -22.13 0.10
N ASP A 966 -0.99 -21.37 1.18
CA ASP A 966 -1.48 -21.83 2.48
C ASP A 966 -3.00 -21.78 2.54
N GLU A 967 -3.59 -20.78 1.88
CA GLU A 967 -5.05 -20.65 1.82
C GLU A 967 -5.71 -21.93 1.31
N ILE A 968 -5.30 -22.39 0.13
CA ILE A 968 -5.87 -23.60 -0.46
C ILE A 968 -5.66 -24.78 0.48
N ARG A 969 -4.53 -24.80 1.19
CA ARG A 969 -4.24 -25.90 2.09
C ARG A 969 -5.18 -25.91 3.30
N LYS A 970 -5.50 -24.73 3.84
CA LYS A 970 -6.35 -24.67 5.03
C LYS A 970 -7.77 -25.12 4.73
N LEU A 971 -8.32 -24.73 3.59
CA LEU A 971 -9.61 -25.27 3.17
C LEU A 971 -9.50 -26.76 2.86
N GLY A 972 -8.36 -27.18 2.31
CA GLY A 972 -8.21 -28.56 1.87
C GLY A 972 -8.33 -29.57 2.98
N VAL A 973 -7.94 -29.20 4.21
CA VAL A 973 -8.12 -30.10 5.34
C VAL A 973 -9.50 -29.96 5.95
N ARG A 974 -10.15 -28.81 5.78
CA ARG A 974 -11.51 -28.62 6.26
C ARG A 974 -12.46 -29.62 5.61
N CYS A 975 -12.60 -29.53 4.29
CA CYS A 975 -13.66 -30.26 3.61
C CYS A 975 -13.37 -31.76 3.48
N CYS A 976 -12.11 -32.19 3.70
CA CYS A 976 -11.77 -33.61 3.73
C CYS A 976 -10.76 -33.84 4.84
N PRO A 977 -11.24 -34.16 6.05
CA PRO A 977 -10.30 -34.42 7.16
C PRO A 977 -9.57 -35.75 7.08
N GLY A 978 -10.01 -36.68 6.24
CA GLY A 978 -9.39 -37.99 6.20
C GLY A 978 -8.24 -38.12 5.23
N SER A 979 -8.47 -37.75 3.98
CA SER A 979 -7.58 -38.12 2.88
C SER A 979 -6.19 -37.50 3.04
N TRP A 980 -5.28 -37.93 2.17
CA TRP A 980 -3.85 -37.72 2.32
C TRP A 980 -3.47 -36.25 2.52
N TRP A 981 -4.33 -35.33 2.09
CA TRP A 981 -4.01 -33.91 2.26
C TRP A 981 -4.04 -33.50 3.73
N ASP A 982 -4.81 -34.20 4.55
CA ASP A 982 -4.83 -33.90 5.99
C ASP A 982 -3.67 -34.59 6.71
N GLN A 983 -3.47 -35.88 6.42
CA GLN A 983 -2.56 -36.69 7.23
C GLN A 983 -1.09 -36.48 6.91
N GLU A 984 -0.76 -35.64 5.93
CA GLU A 984 0.66 -35.36 5.69
C GLU A 984 0.98 -33.87 5.61
N LEU A 985 0.09 -33.07 5.01
CA LEU A 985 0.32 -31.63 4.90
C LEU A 985 -0.63 -30.83 5.79
N TYR A 986 -0.57 -31.12 7.09
CA TYR A 986 -1.11 -30.29 8.16
C TYR A 986 0.06 -30.01 9.10
N TYR A 987 0.00 -28.89 9.82
CA TYR A 987 1.01 -28.72 10.87
C TYR A 987 0.34 -28.18 12.12
N TYR B 19 23.28 -43.30 30.27
CA TYR B 19 23.15 -43.07 28.84
C TYR B 19 23.04 -44.40 28.11
N CYS B 20 23.77 -45.39 28.61
CA CYS B 20 23.77 -46.73 28.04
C CYS B 20 24.30 -46.71 26.61
N TRP B 21 23.59 -47.34 25.68
CA TRP B 21 24.03 -47.43 24.29
C TRP B 21 22.97 -46.79 23.40
N ASN B 22 23.41 -45.95 22.46
CA ASN B 22 22.52 -45.21 21.56
C ASN B 22 22.67 -45.77 20.16
N PRO B 23 21.81 -46.71 19.76
CA PRO B 23 21.85 -47.22 18.40
C PRO B 23 21.09 -46.31 17.45
N ASP B 24 21.32 -46.53 16.15
CA ASP B 24 20.70 -45.71 15.14
C ASP B 24 19.22 -46.10 15.05
N THR B 25 18.53 -45.50 14.08
CA THR B 25 17.10 -45.72 13.89
C THR B 25 16.86 -46.10 12.43
N GLY B 26 17.41 -47.26 12.04
CA GLY B 26 17.24 -47.72 10.68
C GLY B 26 15.80 -48.04 10.30
N GLN B 27 15.02 -48.48 11.30
CA GLN B 27 13.58 -48.76 11.07
C GLN B 27 12.83 -47.45 11.27
N MET B 28 13.51 -46.33 10.99
CA MET B 28 12.93 -44.97 11.18
C MET B 28 12.43 -44.40 9.84
N LEU B 29 12.18 -45.26 8.85
CA LEU B 29 11.63 -44.79 7.54
C LEU B 29 10.35 -44.02 7.87
N GLY B 30 10.45 -43.17 8.89
CA GLY B 30 9.35 -42.39 9.44
C GLY B 30 7.95 -42.86 9.07
N ARG B 31 7.78 -43.37 7.87
CA ARG B 31 6.53 -44.05 7.49
C ARG B 31 6.91 -45.04 6.39
N THR B 32 5.96 -45.46 5.58
CA THR B 32 6.21 -46.61 4.69
C THR B 32 6.65 -46.17 3.30
N LEU B 33 7.30 -47.11 2.60
CA LEU B 33 7.97 -46.85 1.32
C LEU B 33 7.01 -46.47 0.20
N SER B 34 5.70 -46.53 0.47
CA SER B 34 4.73 -45.98 -0.47
C SER B 34 4.42 -44.52 -0.16
N ARG B 35 4.36 -44.19 1.12
CA ARG B 35 4.22 -42.78 1.52
C ARG B 35 5.41 -41.99 1.03
N TRP B 36 6.61 -42.57 1.10
CA TRP B 36 7.80 -41.79 0.73
C TRP B 36 7.92 -41.61 -0.76
N VAL B 37 7.43 -42.55 -1.57
CA VAL B 37 7.36 -42.24 -2.99
C VAL B 37 6.24 -41.23 -3.22
N TRP B 38 5.19 -41.29 -2.42
CA TRP B 38 4.09 -40.35 -2.54
C TRP B 38 4.53 -38.94 -2.18
N ILE B 39 5.16 -38.76 -1.02
CA ILE B 39 5.50 -37.41 -0.59
C ILE B 39 6.63 -36.85 -1.45
N SER B 40 7.62 -37.67 -1.80
CA SER B 40 8.78 -37.18 -2.52
C SER B 40 8.39 -36.61 -3.87
N LEU B 41 7.70 -37.42 -4.67
CA LEU B 41 7.25 -36.97 -5.98
C LEU B 41 6.27 -35.81 -5.86
N TYR B 42 5.65 -35.61 -4.70
CA TYR B 42 4.92 -34.37 -4.47
C TYR B 42 5.89 -33.21 -4.27
N TYR B 43 6.84 -33.37 -3.33
CA TYR B 43 7.72 -32.26 -2.97
C TYR B 43 8.50 -31.75 -4.17
N VAL B 44 9.03 -32.66 -4.98
CA VAL B 44 9.78 -32.21 -6.15
C VAL B 44 8.84 -31.67 -7.22
N ALA B 45 7.62 -32.22 -7.33
CA ALA B 45 6.62 -31.62 -8.20
C ALA B 45 6.37 -30.16 -7.81
N PHE B 46 6.34 -29.90 -6.50
CA PHE B 46 6.41 -28.52 -6.02
C PHE B 46 7.70 -27.86 -6.45
N TYR B 47 8.83 -28.49 -6.11
CA TYR B 47 10.14 -27.84 -6.23
C TYR B 47 10.45 -27.43 -7.66
N VAL B 48 10.17 -28.31 -8.63
CA VAL B 48 10.54 -28.00 -10.01
C VAL B 48 9.57 -26.99 -10.61
N VAL B 49 8.29 -27.07 -10.25
CA VAL B 49 7.33 -26.07 -10.67
C VAL B 49 7.82 -24.68 -10.33
N MET B 50 8.30 -24.48 -9.10
CA MET B 50 8.91 -23.20 -8.73
C MET B 50 10.15 -22.93 -9.57
N SER B 51 10.98 -23.95 -9.78
CA SER B 51 12.21 -23.78 -10.55
C SER B 51 11.91 -23.30 -11.97
N GLY B 52 10.76 -23.69 -12.51
CA GLY B 52 10.35 -23.27 -13.83
C GLY B 52 9.60 -21.96 -13.81
N ILE B 53 9.01 -21.64 -12.66
CA ILE B 53 8.45 -20.30 -12.48
C ILE B 53 9.57 -19.28 -12.27
N PHE B 54 10.54 -19.63 -11.42
CA PHE B 54 11.72 -18.78 -11.23
C PHE B 54 12.46 -18.57 -12.55
N ALA B 55 12.60 -19.63 -13.34
CA ALA B 55 13.27 -19.47 -14.63
C ALA B 55 12.39 -18.72 -15.62
N LEU B 56 11.07 -18.88 -15.52
CA LEU B 56 10.17 -18.05 -16.32
C LEU B 56 10.38 -16.57 -16.02
N CYS B 57 10.74 -16.26 -14.77
CA CYS B 57 10.95 -14.87 -14.38
C CYS B 57 12.24 -14.32 -14.99
N ILE B 58 13.35 -15.04 -14.82
CA ILE B 58 14.61 -14.56 -15.36
C ILE B 58 14.59 -14.57 -16.88
N TYR B 59 13.63 -15.30 -17.48
CA TYR B 59 13.43 -15.26 -18.92
C TYR B 59 12.62 -14.02 -19.30
N VAL B 60 11.64 -13.66 -18.47
CA VAL B 60 10.98 -12.37 -18.63
C VAL B 60 11.94 -11.24 -18.25
N LEU B 61 12.86 -11.51 -17.34
CA LEU B 61 13.85 -10.52 -16.95
C LEU B 61 14.81 -10.22 -18.09
N MET B 62 15.36 -11.26 -18.72
CA MET B 62 16.22 -11.08 -19.88
C MET B 62 15.42 -10.82 -21.17
N ARG B 63 14.17 -10.41 -21.04
CA ARG B 63 13.36 -9.93 -22.15
C ARG B 63 12.99 -8.46 -21.98
N THR B 64 13.21 -7.89 -20.79
CA THR B 64 13.03 -6.46 -20.59
C THR B 64 14.34 -5.67 -20.73
N ILE B 65 15.49 -6.36 -20.69
CA ILE B 65 16.78 -5.68 -20.71
C ILE B 65 17.12 -5.21 -22.13
N ASP B 66 17.97 -4.19 -22.23
CA ASP B 66 18.34 -3.56 -23.49
C ASP B 66 19.82 -3.76 -23.76
N PRO B 67 20.20 -4.21 -24.96
CA PRO B 67 21.54 -4.83 -25.13
C PRO B 67 22.72 -3.87 -25.09
N TYR B 68 22.61 -2.63 -25.59
CA TYR B 68 23.76 -1.76 -25.65
C TYR B 68 23.86 -0.77 -24.51
N THR B 69 22.76 -0.50 -23.81
CA THR B 69 22.74 0.51 -22.76
C THR B 69 22.24 -0.11 -21.47
N PRO B 70 22.95 0.03 -20.36
CA PRO B 70 22.41 -0.44 -19.08
C PRO B 70 21.25 0.42 -18.63
N ASP B 71 20.28 -0.22 -17.98
CA ASP B 71 19.14 0.51 -17.41
C ASP B 71 19.62 1.56 -16.43
N TYR B 72 20.45 1.17 -15.47
CA TYR B 72 20.90 2.06 -14.41
C TYR B 72 22.37 1.79 -14.11
N GLN B 73 23.11 2.85 -13.81
CA GLN B 73 24.53 2.76 -13.48
C GLN B 73 24.79 3.16 -12.02
N ASP B 74 23.92 2.69 -11.12
CA ASP B 74 23.80 3.29 -9.79
C ASP B 74 25.11 3.30 -9.00
N GLN B 75 26.11 2.50 -9.40
CA GLN B 75 27.43 2.55 -8.80
C GLN B 75 28.48 3.03 -9.82
N LEU B 76 28.10 3.96 -10.69
CA LEU B 76 29.03 4.53 -11.68
C LEU B 76 28.66 6.00 -11.91
N LYS B 77 28.89 6.82 -10.89
CA LYS B 77 28.77 8.26 -11.06
C LYS B 77 30.08 8.88 -11.53
N SER B 78 31.18 8.59 -10.83
CA SER B 78 32.50 9.02 -11.22
C SER B 78 33.39 7.81 -11.46
N PRO B 79 34.14 7.78 -12.56
CA PRO B 79 34.86 6.55 -12.91
C PRO B 79 36.09 6.33 -12.03
N GLY B 80 36.55 5.09 -12.04
CA GLY B 80 37.80 4.76 -11.40
C GLY B 80 38.99 5.03 -12.31
N VAL B 81 40.18 4.96 -11.73
CA VAL B 81 41.43 5.25 -12.42
C VAL B 81 42.50 4.29 -11.90
N THR B 82 43.27 3.72 -12.83
CA THR B 82 44.13 2.56 -12.57
C THR B 82 45.44 2.70 -13.31
N LEU B 83 46.56 2.37 -12.66
CA LEU B 83 47.88 2.60 -13.23
C LEU B 83 48.67 1.29 -13.40
N ARG B 84 49.60 1.33 -14.35
CA ARG B 84 50.52 0.27 -14.73
C ARG B 84 51.94 0.83 -14.66
N PRO B 85 52.91 0.05 -14.14
CA PRO B 85 52.89 -1.35 -13.68
C PRO B 85 52.22 -1.56 -12.33
N ASP B 86 51.49 -2.67 -12.22
CA ASP B 86 50.67 -2.97 -11.06
C ASP B 86 51.34 -4.07 -10.24
N VAL B 87 52.25 -3.67 -9.36
CA VAL B 87 52.84 -4.56 -8.37
C VAL B 87 52.38 -4.08 -7.01
N TYR B 88 51.45 -4.83 -6.42
CA TYR B 88 50.82 -4.40 -5.18
C TYR B 88 51.52 -4.96 -3.96
N GLY B 89 51.38 -4.23 -2.85
CA GLY B 89 51.69 -4.72 -1.52
C GLY B 89 50.46 -4.61 -0.65
N GLU B 90 50.64 -4.49 0.67
CA GLU B 90 49.51 -4.27 1.56
C GLU B 90 49.08 -2.81 1.55
N LYS B 91 47.77 -2.60 1.46
CA LYS B 91 47.16 -1.26 1.58
C LYS B 91 47.67 -0.27 0.54
N GLY B 92 47.76 -0.70 -0.72
CA GLY B 92 48.05 0.25 -1.79
C GLY B 92 49.09 -0.13 -2.83
N LEU B 93 49.32 0.76 -3.79
CA LEU B 93 50.26 0.51 -4.86
C LEU B 93 51.67 0.90 -4.40
N ASP B 94 52.63 0.04 -4.70
CA ASP B 94 54.02 0.27 -4.30
C ASP B 94 54.94 -0.15 -5.42
N ILE B 95 55.83 0.76 -5.82
CA ILE B 95 56.69 0.56 -6.99
C ILE B 95 58.11 0.94 -6.59
N SER B 96 58.80 0.02 -5.90
CA SER B 96 60.08 0.33 -5.25
C SER B 96 61.17 -0.58 -5.84
N TYR B 97 62.00 -0.01 -6.72
CA TYR B 97 62.92 -0.81 -7.51
C TYR B 97 64.39 -0.47 -7.24
N ASN B 98 65.21 -0.55 -8.29
CA ASN B 98 66.65 -0.26 -8.26
C ASN B 98 67.04 0.35 -9.59
N VAL B 99 67.50 1.60 -9.60
CA VAL B 99 67.84 2.20 -10.90
C VAL B 99 69.09 1.54 -11.49
N SER B 100 70.05 1.19 -10.64
CA SER B 100 71.28 0.55 -11.10
C SER B 100 70.99 -0.91 -11.44
N ASP B 101 70.70 -1.72 -10.41
CA ASP B 101 70.35 -3.11 -10.60
C ASP B 101 69.20 -3.24 -11.59
N SER B 102 69.35 -4.19 -12.51
CA SER B 102 68.60 -4.23 -13.76
C SER B 102 67.58 -5.38 -13.82
N THR B 103 67.67 -6.31 -12.88
CA THR B 103 66.71 -7.40 -12.73
C THR B 103 65.69 -7.17 -11.60
N THR B 104 65.49 -5.93 -11.19
CA THR B 104 64.37 -5.54 -10.37
C THR B 104 63.62 -4.37 -10.97
N TRP B 105 64.00 -3.87 -12.16
CA TRP B 105 63.07 -3.07 -12.94
C TRP B 105 62.68 -3.76 -14.22
N ALA B 106 63.10 -5.02 -14.41
CA ALA B 106 62.66 -5.81 -15.55
C ALA B 106 61.39 -6.59 -15.28
N GLY B 107 60.87 -6.51 -14.06
CA GLY B 107 59.59 -7.13 -13.71
C GLY B 107 58.53 -6.06 -13.64
N LEU B 108 58.97 -4.80 -13.74
CA LEU B 108 58.10 -3.66 -13.95
C LEU B 108 58.15 -3.17 -15.40
N ALA B 109 59.27 -3.39 -16.09
CA ALA B 109 59.37 -2.98 -17.49
C ALA B 109 58.61 -3.94 -18.40
N HIS B 110 58.56 -5.22 -18.04
CA HIS B 110 57.86 -6.20 -18.86
C HIS B 110 56.36 -6.20 -18.62
N THR B 111 55.91 -5.77 -17.44
CA THR B 111 54.47 -5.68 -17.18
C THR B 111 53.84 -4.44 -17.80
N LEU B 112 54.64 -3.46 -18.22
CA LEU B 112 54.11 -2.38 -19.04
C LEU B 112 54.10 -2.78 -20.52
N HIS B 113 55.00 -3.68 -20.91
CA HIS B 113 55.11 -4.11 -22.30
C HIS B 113 54.00 -5.09 -22.67
N ARG B 114 53.91 -6.21 -21.95
CA ARG B 114 52.89 -7.21 -22.25
C ARG B 114 51.49 -6.64 -22.06
N PHE B 115 51.35 -5.64 -21.19
CA PHE B 115 50.12 -4.89 -21.09
C PHE B 115 49.75 -4.24 -22.41
N LEU B 116 50.72 -3.59 -23.06
CA LEU B 116 50.49 -2.93 -24.34
C LEU B 116 50.51 -3.90 -25.51
N ALA B 117 50.51 -5.21 -25.26
CA ALA B 117 50.51 -6.19 -26.33
C ALA B 117 49.13 -6.36 -26.97
N GLY B 118 48.17 -5.54 -26.60
CA GLY B 118 46.87 -5.53 -27.26
C GLY B 118 46.55 -4.12 -27.72
N TYR B 119 47.57 -3.26 -27.74
CA TYR B 119 47.43 -1.85 -28.06
C TYR B 119 48.13 -1.45 -29.35
N SER B 120 48.91 -2.33 -29.97
CA SER B 120 49.73 -1.96 -31.11
C SER B 120 48.86 -1.63 -32.32
N PRO B 121 49.41 -0.96 -33.34
CA PRO B 121 48.60 -0.64 -34.53
C PRO B 121 47.96 -1.84 -35.20
N ALA B 122 48.45 -3.05 -34.94
CA ALA B 122 47.90 -4.26 -35.54
C ALA B 122 46.80 -4.89 -34.68
N ALA B 123 46.95 -4.84 -33.35
CA ALA B 123 45.83 -5.10 -32.47
C ALA B 123 44.85 -3.94 -32.42
N GLN B 124 45.16 -2.84 -33.13
CA GLN B 124 44.24 -1.73 -33.37
C GLN B 124 43.79 -1.71 -34.83
N GLU B 125 43.70 -2.89 -35.44
CA GLU B 125 43.21 -3.00 -36.80
C GLU B 125 41.70 -2.76 -36.88
N GLY B 126 41.00 -2.84 -35.75
CA GLY B 126 39.56 -2.70 -35.77
C GLY B 126 39.04 -1.27 -35.78
N SER B 127 39.75 -0.35 -35.13
CA SER B 127 39.21 0.98 -34.90
C SER B 127 39.48 1.88 -36.09
N ILE B 128 38.80 3.05 -36.09
CA ILE B 128 39.04 4.08 -37.10
C ILE B 128 39.65 5.32 -36.43
N ASN B 129 40.38 6.07 -37.25
CA ASN B 129 40.92 7.36 -36.86
C ASN B 129 39.79 8.35 -36.67
N CYS B 130 39.70 8.93 -35.49
CA CYS B 130 38.77 10.00 -35.22
C CYS B 130 39.57 11.31 -35.22
N THR B 131 39.19 12.24 -36.09
CA THR B 131 39.78 13.57 -36.09
C THR B 131 38.74 14.63 -35.73
N SER B 132 37.76 14.25 -34.91
CA SER B 132 36.70 15.18 -34.53
C SER B 132 37.04 15.99 -33.28
N GLU B 133 37.74 15.39 -32.32
CA GLU B 133 38.14 16.05 -31.07
C GLU B 133 36.92 16.59 -30.32
N LYS B 134 35.76 15.99 -30.55
CA LYS B 134 34.54 16.25 -29.79
C LYS B 134 33.84 14.91 -29.54
N TYR B 135 32.71 14.95 -28.85
CA TYR B 135 31.92 13.75 -28.60
C TYR B 135 31.70 12.97 -29.88
N PHE B 136 32.11 11.70 -29.88
CA PHE B 136 32.00 10.84 -31.07
C PHE B 136 30.61 10.23 -31.07
N PHE B 137 29.64 11.06 -31.46
CA PHE B 137 28.24 10.72 -31.33
C PHE B 137 27.82 9.82 -32.49
N GLN B 138 27.38 8.60 -32.17
CA GLN B 138 26.82 7.69 -33.15
C GLN B 138 25.47 7.17 -32.66
N GLU B 139 24.54 7.00 -33.60
CA GLU B 139 23.18 6.58 -33.29
C GLU B 139 22.68 5.48 -34.22
N SER B 140 23.42 5.14 -35.28
CA SER B 140 23.14 3.99 -36.11
C SER B 140 24.48 3.37 -36.50
N PHE B 141 24.43 2.10 -36.93
CA PHE B 141 25.57 1.21 -36.88
C PHE B 141 26.14 0.99 -38.27
N LEU B 142 27.37 1.47 -38.49
CA LEU B 142 28.00 1.47 -39.81
C LEU B 142 29.20 0.54 -39.92
N ALA B 143 29.77 0.12 -38.78
CA ALA B 143 31.06 -0.59 -38.73
C ALA B 143 30.94 -2.01 -39.26
N PRO B 144 32.08 -2.67 -39.51
CA PRO B 144 32.04 -4.11 -39.83
C PRO B 144 31.25 -4.94 -38.82
N ASN B 145 30.24 -5.65 -39.34
CA ASN B 145 29.32 -6.54 -38.59
C ASN B 145 28.36 -5.76 -37.69
N HIS B 146 27.84 -4.61 -38.17
CA HIS B 146 26.75 -3.91 -37.50
C HIS B 146 27.10 -3.58 -36.03
N THR B 147 28.11 -2.72 -35.89
CA THR B 147 28.43 -2.10 -34.62
C THR B 147 28.81 -0.66 -34.90
N LYS B 148 29.04 0.10 -33.84
CA LYS B 148 29.48 1.48 -34.02
C LYS B 148 30.99 1.56 -34.10
N PHE B 149 31.49 2.67 -34.69
CA PHE B 149 32.92 2.76 -34.85
C PHE B 149 33.54 3.18 -33.51
N SER B 150 34.84 2.89 -33.38
CA SER B 150 35.61 3.35 -32.25
C SER B 150 36.67 4.33 -32.73
N CYS B 151 37.60 4.70 -31.84
CA CYS B 151 38.73 5.54 -32.19
C CYS B 151 40.00 4.91 -31.63
N LYS B 152 41.03 4.83 -32.46
CA LYS B 152 42.30 4.19 -32.10
C LYS B 152 42.89 4.79 -30.83
N PHE B 153 43.67 3.97 -30.13
CA PHE B 153 44.76 4.45 -29.30
C PHE B 153 45.91 3.46 -29.44
N THR B 154 47.09 3.97 -29.75
CA THR B 154 48.22 3.15 -30.19
C THR B 154 49.36 3.25 -29.19
N ALA B 155 50.40 2.44 -29.43
CA ALA B 155 51.55 2.38 -28.53
C ALA B 155 52.33 3.68 -28.55
N ASP B 156 52.77 4.09 -29.74
CA ASP B 156 53.67 5.21 -29.92
C ASP B 156 53.12 6.54 -29.40
N MET B 157 51.83 6.61 -29.04
CA MET B 157 51.27 7.89 -28.63
C MET B 157 51.67 8.29 -27.22
N LEU B 158 52.04 7.34 -26.37
CA LEU B 158 52.74 7.69 -25.14
C LEU B 158 54.17 8.12 -25.42
N GLN B 159 54.57 8.12 -26.68
CA GLN B 159 55.85 8.61 -27.17
C GLN B 159 57.01 8.02 -26.39
N ASN B 160 57.65 8.79 -25.51
CA ASN B 160 58.86 8.27 -24.86
C ASN B 160 58.57 7.28 -23.74
N CYS B 161 57.31 6.89 -23.53
CA CYS B 161 56.98 5.95 -22.47
C CYS B 161 56.13 4.82 -23.02
N SER B 162 56.56 4.26 -24.16
CA SER B 162 55.76 3.28 -24.88
C SER B 162 56.53 2.01 -25.22
N GLY B 163 57.77 1.89 -24.80
CA GLY B 163 58.64 0.80 -25.20
C GLY B 163 59.63 1.18 -26.28
N ARG B 164 59.49 2.38 -26.85
CA ARG B 164 60.33 2.96 -27.89
C ARG B 164 60.27 4.48 -27.72
N PRO B 165 61.42 5.17 -27.53
CA PRO B 165 62.81 4.72 -27.47
C PRO B 165 63.19 4.22 -26.09
N ASP B 166 62.31 3.46 -25.45
CA ASP B 166 62.45 3.23 -24.02
C ASP B 166 61.70 1.95 -23.63
N PRO B 167 62.27 0.77 -23.95
CA PRO B 167 61.61 -0.48 -23.57
C PRO B 167 62.01 -0.97 -22.18
N THR B 168 62.41 -0.03 -21.33
CA THR B 168 62.38 -0.21 -19.88
C THR B 168 61.64 0.92 -19.20
N PHE B 169 60.96 1.78 -19.98
CA PHE B 169 60.02 2.81 -19.55
C PHE B 169 60.53 3.78 -18.50
N GLY B 170 61.70 4.37 -18.76
CA GLY B 170 62.31 5.34 -17.87
C GLY B 170 62.85 4.77 -16.59
N PHE B 171 62.89 3.45 -16.46
CA PHE B 171 63.16 2.84 -15.16
C PHE B 171 64.64 2.78 -14.82
N ALA B 172 65.51 2.61 -15.82
CA ALA B 172 66.93 2.64 -15.52
C ALA B 172 67.42 4.04 -15.14
N GLU B 173 66.74 5.09 -15.59
CA GLU B 173 67.19 6.45 -15.42
C GLU B 173 66.52 7.19 -14.26
N GLY B 174 65.90 6.45 -13.33
CA GLY B 174 65.33 7.08 -12.16
C GLY B 174 64.20 8.04 -12.42
N LYS B 175 63.58 7.97 -13.60
CA LYS B 175 62.46 8.85 -13.96
C LYS B 175 61.39 8.05 -14.70
N PRO B 176 60.78 7.02 -14.05
CA PRO B 176 59.98 6.04 -14.81
C PRO B 176 58.68 6.58 -15.40
N CYS B 177 57.92 5.69 -16.06
CA CYS B 177 56.73 6.06 -16.84
C CYS B 177 55.55 5.18 -16.44
N PHE B 178 54.71 5.68 -15.53
CA PHE B 178 53.45 5.02 -15.21
C PHE B 178 52.41 5.32 -16.28
N ILE B 179 51.36 4.50 -16.32
CA ILE B 179 50.31 4.62 -17.33
C ILE B 179 48.97 4.69 -16.58
N ILE B 180 48.39 5.88 -16.55
CA ILE B 180 47.12 6.13 -15.86
C ILE B 180 45.97 5.76 -16.79
N LYS B 181 45.09 4.86 -16.36
CA LYS B 181 44.03 4.31 -17.21
C LYS B 181 42.67 4.53 -16.58
N MET B 182 41.80 5.26 -17.29
CA MET B 182 40.45 5.56 -16.84
C MET B 182 39.55 4.32 -16.96
N ASN B 183 38.39 4.40 -16.32
CA ASN B 183 37.40 3.32 -16.32
C ASN B 183 36.20 3.76 -17.17
N ARG B 184 36.21 3.33 -18.44
CA ARG B 184 35.21 3.75 -19.41
C ARG B 184 33.79 3.42 -18.94
N ILE B 185 32.85 4.30 -19.26
CA ILE B 185 31.46 4.13 -18.85
C ILE B 185 30.56 4.44 -20.05
N VAL B 186 29.44 3.72 -20.14
CA VAL B 186 28.51 3.87 -21.26
C VAL B 186 27.81 5.22 -21.16
N LYS B 187 27.75 5.94 -22.29
CA LYS B 187 27.14 7.26 -22.44
C LYS B 187 27.76 8.33 -21.56
N PHE B 188 28.84 8.00 -20.85
CA PHE B 188 29.34 8.84 -19.76
C PHE B 188 29.90 10.14 -20.32
N LEU B 189 29.23 11.26 -20.01
CA LEU B 189 29.68 12.56 -20.47
C LEU B 189 30.53 13.22 -19.39
N PRO B 190 31.85 13.31 -19.55
CA PRO B 190 32.65 14.04 -18.55
C PRO B 190 32.67 15.53 -18.78
N GLY B 191 32.12 16.01 -19.88
CA GLY B 191 32.19 17.41 -20.22
C GLY B 191 32.80 17.59 -21.58
N ASN B 192 32.58 18.75 -22.21
CA ASN B 192 33.12 18.98 -23.54
C ASN B 192 33.69 20.37 -23.72
N SER B 193 33.86 21.13 -22.64
CA SER B 193 34.62 22.36 -22.73
C SER B 193 36.11 22.07 -22.76
N THR B 194 36.53 20.93 -22.21
CA THR B 194 37.92 20.55 -22.18
C THR B 194 38.04 19.03 -22.17
N ALA B 195 39.16 18.55 -22.69
CA ALA B 195 39.51 17.14 -22.53
C ALA B 195 40.19 16.96 -21.18
N PRO B 196 39.73 16.03 -20.34
CA PRO B 196 40.22 15.98 -18.95
C PRO B 196 41.65 15.46 -18.87
N ARG B 197 42.45 16.09 -18.01
CA ARG B 197 43.89 15.88 -17.96
C ARG B 197 44.31 15.05 -16.74
N VAL B 198 45.55 14.56 -16.80
CA VAL B 198 46.23 13.98 -15.66
C VAL B 198 47.08 15.06 -15.01
N ASP B 199 47.34 14.91 -13.71
CA ASP B 199 48.25 15.80 -13.00
C ASP B 199 48.73 15.08 -11.75
N CYS B 200 49.89 14.42 -11.85
CA CYS B 200 50.46 13.66 -10.74
C CYS B 200 51.37 14.55 -9.90
N ALA B 201 51.09 14.62 -8.60
CA ALA B 201 51.89 15.38 -7.66
C ALA B 201 51.93 14.65 -6.33
N PHE B 202 52.76 15.16 -5.42
CA PHE B 202 52.85 14.60 -4.08
C PHE B 202 51.51 14.77 -3.36
N LEU B 203 51.29 13.93 -2.34
CA LEU B 203 50.21 14.15 -1.41
C LEU B 203 50.71 14.99 -0.23
N ASP B 204 51.81 14.57 0.38
CA ASP B 204 52.54 15.39 1.34
C ASP B 204 53.63 16.14 0.57
N GLN B 205 53.42 17.43 0.33
CA GLN B 205 54.47 18.24 -0.27
C GLN B 205 55.59 18.43 0.74
N PRO B 206 56.82 18.00 0.45
CA PRO B 206 57.90 18.14 1.42
C PRO B 206 58.34 19.59 1.57
N ARG B 207 58.62 19.99 2.82
CA ARG B 207 58.93 21.38 3.11
C ARG B 207 60.31 21.79 2.59
N ASP B 208 61.26 20.85 2.55
CA ASP B 208 62.58 21.16 2.03
C ASP B 208 62.73 20.89 0.55
N GLY B 209 61.83 20.09 -0.05
CA GLY B 209 61.90 19.74 -1.44
C GLY B 209 60.95 20.55 -2.30
N PRO B 210 60.97 20.31 -3.60
CA PRO B 210 60.20 21.13 -4.53
C PRO B 210 58.93 20.42 -4.96
N PRO B 211 58.06 21.08 -5.75
CA PRO B 211 56.91 20.37 -6.32
C PRO B 211 57.35 19.31 -7.32
N LEU B 212 56.50 18.30 -7.49
CA LEU B 212 56.77 17.21 -8.42
C LEU B 212 56.59 17.69 -9.86
N GLN B 213 57.68 18.16 -10.46
CA GLN B 213 57.63 18.68 -11.83
C GLN B 213 57.55 17.50 -12.80
N VAL B 214 56.55 17.54 -13.68
CA VAL B 214 56.13 16.34 -14.40
C VAL B 214 55.66 16.72 -15.80
N GLU B 215 55.65 15.74 -16.70
CA GLU B 215 55.52 15.96 -18.14
C GLU B 215 54.73 14.81 -18.74
N TYR B 216 53.67 15.15 -19.49
CA TYR B 216 52.63 14.20 -19.86
C TYR B 216 52.63 13.93 -21.36
N PHE B 217 52.07 12.77 -21.74
CA PHE B 217 52.04 12.31 -23.14
C PHE B 217 50.67 11.74 -23.48
N PRO B 218 49.99 12.23 -24.54
CA PRO B 218 50.28 13.44 -25.33
C PRO B 218 50.13 14.72 -24.49
N ALA B 219 50.29 15.88 -25.13
CA ALA B 219 50.42 17.14 -24.40
C ALA B 219 49.26 17.37 -23.44
N ASN B 220 49.61 17.90 -22.26
CA ASN B 220 48.70 18.29 -21.18
C ASN B 220 48.26 17.09 -20.34
N GLY B 221 48.40 15.89 -20.88
CA GLY B 221 47.97 14.71 -20.16
C GLY B 221 46.49 14.45 -20.24
N THR B 222 45.83 14.92 -21.30
CA THR B 222 44.39 14.80 -21.43
C THR B 222 44.01 13.43 -21.99
N TYR B 223 42.71 13.22 -22.14
CA TYR B 223 42.14 12.11 -22.89
C TYR B 223 41.12 12.70 -23.86
N SER B 224 41.28 12.40 -25.14
CA SER B 224 40.53 13.10 -26.18
C SER B 224 39.04 12.86 -26.03
N LEU B 225 38.26 13.87 -26.45
CA LEU B 225 36.80 13.82 -26.38
C LEU B 225 36.19 12.95 -27.47
N HIS B 226 36.97 12.48 -28.44
CA HIS B 226 36.42 11.59 -29.45
C HIS B 226 36.35 10.14 -28.97
N TYR B 227 36.94 9.83 -27.82
CA TYR B 227 36.86 8.49 -27.28
C TYR B 227 35.51 8.20 -26.64
N PHE B 228 34.76 9.23 -26.29
CA PHE B 228 33.43 9.13 -25.72
C PHE B 228 32.39 9.64 -26.71
N PRO B 229 31.11 9.27 -26.55
CA PRO B 229 30.57 8.35 -25.54
C PRO B 229 30.85 6.88 -25.84
N TYR B 230 31.12 6.12 -24.78
CA TYR B 230 31.11 4.67 -24.88
C TYR B 230 29.67 4.18 -25.00
N TYR B 231 29.45 3.21 -25.89
CA TYR B 231 28.11 2.71 -26.15
C TYR B 231 27.98 1.23 -25.80
N GLY B 232 28.87 0.72 -24.97
CA GLY B 232 28.90 -0.67 -24.59
C GLY B 232 30.04 -1.40 -25.29
N LYS B 233 30.34 -2.59 -24.75
CA LYS B 233 31.27 -3.47 -25.45
C LYS B 233 30.59 -4.22 -26.59
N LYS B 234 29.28 -4.04 -26.77
CA LYS B 234 28.58 -4.55 -27.95
C LYS B 234 28.55 -3.55 -29.09
N ALA B 235 28.56 -2.25 -28.79
CA ALA B 235 28.41 -1.25 -29.83
C ALA B 235 29.73 -0.77 -30.41
N GLN B 236 30.79 -0.71 -29.59
CA GLN B 236 32.12 -0.34 -30.07
C GLN B 236 33.11 -1.44 -29.74
N PRO B 237 32.87 -2.68 -30.21
CA PRO B 237 33.47 -3.88 -29.60
C PRO B 237 34.96 -3.78 -29.33
N HIS B 238 35.72 -3.28 -30.31
CA HIS B 238 37.16 -3.21 -30.19
C HIS B 238 37.65 -1.86 -29.68
N TYR B 239 36.78 -1.09 -29.02
CA TYR B 239 37.18 0.21 -28.51
C TYR B 239 38.18 0.06 -27.38
N SER B 240 39.20 0.93 -27.40
CA SER B 240 40.25 0.93 -26.39
C SER B 240 40.19 2.24 -25.58
N ASN B 241 40.51 2.12 -24.29
CA ASN B 241 40.68 3.31 -23.47
C ASN B 241 41.87 4.12 -23.98
N PRO B 242 41.81 5.45 -23.88
CA PRO B 242 43.02 6.25 -24.08
C PRO B 242 43.91 6.23 -22.85
N LEU B 243 45.22 6.27 -23.09
CA LEU B 243 46.21 6.25 -22.02
C LEU B 243 46.97 7.57 -21.96
N VAL B 244 47.68 7.74 -20.85
CA VAL B 244 48.64 8.82 -20.64
C VAL B 244 49.87 8.17 -20.01
N ALA B 245 50.99 8.89 -20.03
CA ALA B 245 52.23 8.36 -19.45
C ALA B 245 53.00 9.53 -18.84
N ALA B 246 52.86 9.71 -17.53
CA ALA B 246 53.50 10.81 -16.83
C ALA B 246 54.99 10.51 -16.63
N LYS B 247 55.85 11.38 -17.18
CA LYS B 247 57.30 11.22 -17.08
C LYS B 247 57.76 11.86 -15.77
N LEU B 248 57.82 11.04 -14.71
CA LEU B 248 58.10 11.53 -13.36
C LEU B 248 59.59 11.83 -13.21
N LEU B 249 59.93 13.08 -12.94
CA LEU B 249 61.33 13.50 -12.92
C LEU B 249 61.91 13.63 -11.51
N ASN B 250 61.17 14.24 -10.59
CA ASN B 250 61.79 14.87 -9.42
C ASN B 250 62.26 13.87 -8.37
N VAL B 251 61.51 12.79 -8.17
CA VAL B 251 61.60 11.94 -6.98
C VAL B 251 63.03 11.68 -6.54
N PRO B 252 63.46 12.19 -5.38
CA PRO B 252 64.83 11.95 -4.92
C PRO B 252 65.06 10.49 -4.58
N ARG B 253 66.33 10.12 -4.55
CA ARG B 253 66.75 8.72 -4.49
C ARG B 253 67.07 8.34 -3.05
N ASN B 254 66.48 7.23 -2.59
CA ASN B 254 66.53 6.69 -1.22
C ASN B 254 65.53 7.40 -0.32
N ARG B 255 64.36 7.76 -0.86
CA ARG B 255 63.28 8.39 -0.10
C ARG B 255 61.95 7.79 -0.55
N ASP B 256 60.96 7.82 0.36
CA ASP B 256 59.65 7.22 0.12
C ASP B 256 58.61 8.34 0.07
N VAL B 257 58.17 8.66 -1.14
CA VAL B 257 57.17 9.71 -1.36
C VAL B 257 55.82 9.07 -1.69
N VAL B 258 54.83 9.92 -1.98
CA VAL B 258 53.47 9.49 -2.31
C VAL B 258 52.95 10.40 -3.40
N ILE B 259 52.50 9.82 -4.51
CA ILE B 259 52.21 10.57 -5.73
C ILE B 259 50.77 10.31 -6.16
N VAL B 260 49.97 11.36 -6.24
CA VAL B 260 48.54 11.28 -6.51
C VAL B 260 48.31 11.69 -7.96
N CYS B 261 47.65 10.82 -8.73
CA CYS B 261 47.51 10.95 -10.19
C CYS B 261 46.04 11.16 -10.55
N LYS B 262 45.58 12.41 -10.42
CA LYS B 262 44.16 12.72 -10.48
C LYS B 262 43.68 12.96 -11.91
N ILE B 263 42.37 12.94 -12.07
CA ILE B 263 41.68 13.39 -13.29
C ILE B 263 40.77 14.54 -12.89
N LEU B 264 41.11 15.75 -13.33
CA LEU B 264 40.28 16.93 -13.11
C LEU B 264 39.32 17.09 -14.28
N ALA B 265 38.05 17.32 -14.00
CA ALA B 265 37.07 17.42 -15.09
C ALA B 265 35.80 18.09 -14.60
N GLU B 266 34.86 18.25 -15.54
CA GLU B 266 33.54 18.80 -15.25
C GLU B 266 32.67 17.77 -14.51
N HIS B 267 32.52 16.58 -15.10
CA HIS B 267 31.73 15.50 -14.51
C HIS B 267 32.59 14.45 -13.82
N VAL B 268 33.63 14.85 -13.07
CA VAL B 268 34.48 13.91 -12.35
C VAL B 268 34.85 14.52 -11.00
N SER B 269 34.97 13.65 -9.99
CA SER B 269 35.43 14.06 -8.67
C SER B 269 36.54 13.12 -8.20
N PHE B 270 37.17 13.50 -7.09
CA PHE B 270 38.27 12.73 -6.53
C PHE B 270 38.30 12.92 -5.03
N ASP B 271 37.13 13.09 -4.43
CA ASP B 271 36.95 13.41 -3.02
C ASP B 271 36.03 12.39 -2.37
N ASN B 272 36.31 11.11 -2.63
CA ASN B 272 35.51 10.00 -2.12
C ASN B 272 36.33 9.24 -1.08
N PRO B 273 36.16 9.54 0.22
CA PRO B 273 37.03 8.91 1.23
C PRO B 273 36.77 7.43 1.48
N HIS B 274 35.73 6.84 0.88
CA HIS B 274 35.57 5.40 0.91
C HIS B 274 36.08 4.71 -0.35
N ASP B 275 36.30 5.48 -1.43
CA ASP B 275 36.76 4.93 -2.71
C ASP B 275 38.07 5.60 -3.08
N PRO B 276 39.22 4.97 -2.85
CA PRO B 276 40.51 5.59 -3.13
C PRO B 276 40.99 5.49 -4.57
N TYR B 277 40.23 4.84 -5.45
CA TYR B 277 40.59 4.70 -6.86
C TYR B 277 39.45 5.17 -7.74
N GLU B 278 38.95 6.37 -7.46
CA GLU B 278 37.80 6.96 -8.14
C GLU B 278 38.20 8.34 -8.62
N GLY B 279 38.69 8.41 -9.85
CA GLY B 279 39.22 9.65 -10.40
C GLY B 279 40.66 9.94 -10.02
N LYS B 280 41.18 9.27 -9.00
CA LYS B 280 42.55 9.46 -8.55
C LYS B 280 43.11 8.11 -8.12
N VAL B 281 44.41 7.92 -8.32
CA VAL B 281 45.06 6.65 -8.02
C VAL B 281 46.34 6.94 -7.25
N GLU B 282 46.37 6.55 -5.98
CA GLU B 282 47.47 6.87 -5.09
C GLU B 282 48.45 5.71 -5.03
N PHE B 283 49.73 6.00 -5.28
CA PHE B 283 50.75 4.95 -5.32
C PHE B 283 52.02 5.43 -4.62
N LYS B 284 52.51 4.62 -3.69
CA LYS B 284 53.83 4.85 -3.13
C LYS B 284 54.88 4.58 -4.20
N LEU B 285 55.99 5.30 -4.12
CA LEU B 285 57.04 5.16 -5.12
C LEU B 285 58.39 5.40 -4.48
N LYS B 286 59.31 4.46 -4.71
CA LYS B 286 60.67 4.54 -4.20
C LYS B 286 61.64 4.29 -5.33
N ILE B 287 62.63 5.18 -5.47
CA ILE B 287 63.61 5.12 -6.56
C ILE B 287 65.00 5.01 -5.94
N GLN B 288 65.38 3.80 -5.56
CA GLN B 288 66.60 3.60 -4.77
C GLN B 288 67.83 3.75 -5.66
N LYS B 289 69.00 3.67 -5.05
CA LYS B 289 70.25 3.85 -5.77
C LYS B 289 71.23 2.73 -5.50
N ASP C 24 -29.31 4.50 -48.81
CA ASP C 24 -29.19 5.76 -48.08
C ASP C 24 -29.36 5.54 -46.58
N THR C 25 -30.35 6.22 -46.00
CA THR C 25 -30.61 6.09 -44.57
C THR C 25 -31.09 4.70 -44.20
N GLY C 26 -31.73 4.00 -45.14
CA GLY C 26 -32.34 2.71 -44.87
C GLY C 26 -31.38 1.55 -44.74
N GLN C 27 -30.31 1.54 -45.54
CA GLN C 27 -29.40 0.40 -45.56
C GLN C 27 -28.63 0.30 -44.24
N MET C 28 -28.29 -0.94 -43.87
CA MET C 28 -27.56 -1.20 -42.64
C MET C 28 -26.44 -2.19 -42.92
N LEU C 29 -25.47 -2.23 -42.01
CA LEU C 29 -24.33 -3.13 -42.12
C LEU C 29 -23.91 -3.57 -40.72
N GLY C 30 -23.55 -4.85 -40.62
CA GLY C 30 -22.93 -5.41 -39.44
C GLY C 30 -21.96 -6.50 -39.82
N ARG C 31 -21.65 -7.40 -38.89
CA ARG C 31 -20.80 -8.53 -39.23
C ARG C 31 -21.68 -9.71 -39.65
N THR C 32 -21.16 -10.92 -39.58
CA THR C 32 -21.86 -12.09 -40.12
C THR C 32 -22.51 -12.90 -39.02
N LEU C 33 -23.26 -13.92 -39.45
CA LEU C 33 -23.99 -14.75 -38.50
C LEU C 33 -23.05 -15.65 -37.72
N SER C 34 -22.01 -16.17 -38.38
CA SER C 34 -21.08 -17.07 -37.69
C SER C 34 -20.16 -16.35 -36.72
N ARG C 35 -20.08 -15.01 -36.80
CA ARG C 35 -19.29 -14.23 -35.85
C ARG C 35 -20.12 -13.63 -34.74
N TRP C 36 -21.36 -13.20 -35.04
CA TRP C 36 -22.29 -12.85 -33.98
C TRP C 36 -22.43 -14.00 -32.99
N VAL C 37 -22.24 -15.24 -33.47
CA VAL C 37 -22.20 -16.40 -32.58
C VAL C 37 -20.98 -16.31 -31.67
N TRP C 38 -19.79 -16.19 -32.26
CA TRP C 38 -18.56 -16.32 -31.50
C TRP C 38 -18.36 -15.17 -30.51
N ILE C 39 -18.86 -13.98 -30.82
CA ILE C 39 -18.61 -12.83 -29.95
C ILE C 39 -19.36 -12.98 -28.63
N SER C 40 -20.65 -13.36 -28.70
CA SER C 40 -21.45 -13.45 -27.49
C SER C 40 -21.07 -14.66 -26.67
N LEU C 41 -20.84 -15.80 -27.33
CA LEU C 41 -20.44 -17.01 -26.63
C LEU C 41 -19.10 -16.86 -25.94
N TYR C 42 -18.37 -15.77 -26.20
CA TYR C 42 -17.30 -15.33 -25.33
C TYR C 42 -17.81 -14.38 -24.25
N TYR C 43 -18.56 -13.36 -24.66
CA TYR C 43 -19.04 -12.34 -23.75
C TYR C 43 -19.90 -12.95 -22.65
N VAL C 44 -20.86 -13.80 -23.04
CA VAL C 44 -21.73 -14.42 -22.05
C VAL C 44 -20.91 -15.29 -21.11
N ALA C 45 -19.87 -15.94 -21.63
CA ALA C 45 -19.04 -16.77 -20.77
C ALA C 45 -18.20 -15.91 -19.84
N PHE C 46 -17.74 -14.76 -20.31
CA PHE C 46 -17.07 -13.81 -19.43
C PHE C 46 -18.01 -13.34 -18.34
N TYR C 47 -19.20 -12.86 -18.73
CA TYR C 47 -20.22 -12.49 -17.75
C TYR C 47 -20.53 -13.64 -16.81
N VAL C 48 -20.51 -14.88 -17.31
CA VAL C 48 -20.67 -16.04 -16.43
C VAL C 48 -19.54 -16.11 -15.42
N VAL C 49 -18.31 -15.81 -15.86
CA VAL C 49 -17.15 -15.96 -15.00
C VAL C 49 -17.14 -14.90 -13.91
N MET C 50 -17.48 -13.66 -14.26
CA MET C 50 -17.37 -12.58 -13.29
C MET C 50 -18.43 -12.69 -12.20
N SER C 51 -19.66 -13.07 -12.58
CA SER C 51 -20.70 -13.23 -11.56
C SER C 51 -20.41 -14.43 -10.67
N GLY C 52 -19.88 -15.51 -11.25
CA GLY C 52 -19.49 -16.65 -10.44
C GLY C 52 -18.41 -16.31 -9.43
N ILE C 53 -17.44 -15.49 -9.85
CA ILE C 53 -16.47 -14.95 -8.90
C ILE C 53 -17.19 -14.14 -7.83
N PHE C 54 -18.00 -13.18 -8.25
CA PHE C 54 -18.79 -12.36 -7.34
C PHE C 54 -19.62 -13.22 -6.39
N ALA C 55 -20.43 -14.13 -6.95
CA ALA C 55 -21.33 -14.93 -6.12
C ALA C 55 -20.57 -15.91 -5.23
N LEU C 56 -19.35 -16.28 -5.59
CA LEU C 56 -18.51 -17.02 -4.65
C LEU C 56 -18.07 -16.12 -3.51
N CYS C 57 -17.69 -14.88 -3.83
CA CYS C 57 -17.30 -13.91 -2.79
C CYS C 57 -18.41 -13.74 -1.76
N ILE C 58 -19.66 -13.90 -2.18
CA ILE C 58 -20.78 -13.82 -1.25
C ILE C 58 -20.77 -14.99 -0.28
N TYR C 59 -20.63 -16.21 -0.81
CA TYR C 59 -20.65 -17.41 0.02
C TYR C 59 -19.59 -17.33 1.11
N VAL C 60 -18.40 -16.83 0.76
CA VAL C 60 -17.37 -16.61 1.77
C VAL C 60 -17.82 -15.56 2.77
N LEU C 61 -18.43 -14.48 2.27
CA LEU C 61 -18.92 -13.41 3.15
C LEU C 61 -19.89 -13.95 4.20
N MET C 62 -20.86 -14.75 3.77
CA MET C 62 -21.86 -15.25 4.71
C MET C 62 -21.31 -16.31 5.65
N ARG C 63 -20.30 -17.07 5.22
CA ARG C 63 -19.73 -18.10 6.08
C ARG C 63 -18.83 -17.48 7.16
N THR C 64 -18.22 -16.33 6.90
CA THR C 64 -17.41 -15.68 7.92
C THR C 64 -18.24 -14.79 8.84
N ILE C 65 -19.53 -14.62 8.58
CA ILE C 65 -20.38 -13.75 9.39
C ILE C 65 -20.91 -14.54 10.58
N ASP C 66 -20.85 -13.92 11.76
CA ASP C 66 -21.20 -14.59 13.00
C ASP C 66 -22.68 -14.33 13.31
N PRO C 67 -23.55 -15.35 13.22
CA PRO C 67 -25.00 -15.10 13.32
C PRO C 67 -25.45 -14.59 14.69
N TYR C 68 -24.60 -14.63 15.70
CA TYR C 68 -25.01 -14.23 17.05
C TYR C 68 -24.59 -12.82 17.43
N THR C 69 -23.70 -12.19 16.65
CA THR C 69 -23.18 -10.89 17.03
C THR C 69 -22.73 -10.14 15.80
N PRO C 70 -23.14 -8.89 15.62
CA PRO C 70 -22.63 -8.10 14.50
C PRO C 70 -21.17 -7.76 14.70
N ASP C 71 -20.41 -7.79 13.60
CA ASP C 71 -18.98 -7.53 13.67
C ASP C 71 -18.69 -6.09 14.10
N TYR C 72 -19.52 -5.14 13.64
CA TYR C 72 -19.32 -3.73 13.95
C TYR C 72 -20.68 -3.10 14.21
N GLN C 73 -20.70 -1.83 14.61
CA GLN C 73 -21.94 -1.15 14.96
C GLN C 73 -21.82 0.35 14.71
N ASP C 74 -21.18 0.73 13.60
CA ASP C 74 -20.60 2.08 13.46
C ASP C 74 -21.62 3.21 13.56
N GLN C 75 -22.90 2.97 13.24
CA GLN C 75 -23.92 3.99 13.46
C GLN C 75 -24.83 3.66 14.64
N LEU C 76 -24.63 2.50 15.27
CA LEU C 76 -25.40 2.12 16.45
C LEU C 76 -24.57 2.39 17.70
N LYS C 77 -24.33 3.68 17.96
CA LYS C 77 -23.66 4.14 19.17
C LYS C 77 -24.63 4.53 20.27
N SER C 78 -25.57 5.43 19.98
CA SER C 78 -26.57 5.88 20.96
C SER C 78 -27.96 5.57 20.44
N PRO C 79 -28.68 4.61 21.05
CA PRO C 79 -29.94 4.15 20.46
C PRO C 79 -30.99 5.24 20.31
N GLY C 80 -31.93 4.99 19.38
CA GLY C 80 -33.03 5.90 19.15
C GLY C 80 -34.22 5.61 20.03
N VAL C 81 -35.19 6.52 19.99
CA VAL C 81 -36.37 6.46 20.85
C VAL C 81 -37.61 6.75 20.02
N THR C 82 -38.61 5.89 20.16
CA THR C 82 -39.84 5.93 19.40
C THR C 82 -41.01 6.04 20.34
N LEU C 83 -42.17 6.47 19.83
CA LEU C 83 -43.37 6.48 20.65
C LEU C 83 -44.59 6.09 19.84
N ARG C 84 -45.56 5.51 20.55
CA ARG C 84 -46.91 5.22 20.12
C ARG C 84 -47.89 6.13 20.87
N PRO C 85 -48.89 6.68 20.18
CA PRO C 85 -49.19 6.44 18.76
C PRO C 85 -48.41 7.32 17.79
N ASP C 86 -47.86 6.68 16.76
CA ASP C 86 -47.13 7.39 15.72
C ASP C 86 -48.11 8.00 14.73
N VAL C 87 -48.19 9.34 14.71
CA VAL C 87 -48.92 10.07 13.70
C VAL C 87 -48.04 11.24 13.28
N TYR C 88 -47.60 11.23 12.03
CA TYR C 88 -46.75 12.28 11.52
C TYR C 88 -47.53 13.21 10.61
N GLY C 89 -47.38 14.51 10.84
CA GLY C 89 -47.67 15.51 9.85
C GLY C 89 -46.41 15.83 9.05
N GLU C 90 -46.50 16.91 8.28
CA GLU C 90 -45.31 17.44 7.65
C GLU C 90 -44.29 17.80 8.72
N LYS C 91 -43.06 17.31 8.54
CA LYS C 91 -41.94 17.60 9.45
C LYS C 91 -42.16 17.00 10.84
N GLY C 92 -42.52 15.72 10.89
CA GLY C 92 -42.51 15.04 12.17
C GLY C 92 -43.83 14.66 12.82
N LEU C 93 -43.78 14.45 14.13
CA LEU C 93 -44.84 13.78 14.87
C LEU C 93 -45.89 14.79 15.32
N ASP C 94 -47.00 14.88 14.61
CA ASP C 94 -48.07 15.83 14.91
C ASP C 94 -49.36 15.07 15.20
N ILE C 95 -49.84 15.17 16.43
CA ILE C 95 -50.99 14.41 16.93
C ILE C 95 -52.03 15.39 17.45
N SER C 96 -53.21 15.40 16.84
CA SER C 96 -54.32 16.26 17.24
C SER C 96 -55.58 15.43 17.38
N TYR C 97 -56.47 15.90 18.25
CA TYR C 97 -57.74 15.20 18.47
C TYR C 97 -58.63 16.05 19.37
N ASN C 98 -59.92 16.01 19.09
CA ASN C 98 -60.95 16.59 19.93
C ASN C 98 -61.28 15.63 21.06
N VAL C 99 -61.20 16.10 22.31
CA VAL C 99 -61.57 15.23 23.43
C VAL C 99 -63.05 14.88 23.37
N SER C 100 -63.89 15.84 22.99
CA SER C 100 -65.32 15.62 22.93
C SER C 100 -65.68 14.63 21.84
N ASP C 101 -65.25 14.92 20.60
CA ASP C 101 -65.44 14.00 19.50
C ASP C 101 -64.69 12.71 19.77
N SER C 102 -65.42 11.60 19.82
CA SER C 102 -64.80 10.31 20.07
C SER C 102 -64.26 9.64 18.82
N THR C 103 -64.53 10.20 17.63
CA THR C 103 -63.95 9.69 16.40
C THR C 103 -62.50 10.14 16.22
N THR C 104 -62.16 11.31 16.78
CA THR C 104 -60.84 11.89 16.54
C THR C 104 -59.72 11.02 17.11
N TRP C 105 -59.86 10.63 18.37
CA TRP C 105 -58.84 9.86 19.07
C TRP C 105 -59.05 8.36 18.96
N ALA C 106 -59.97 7.90 18.12
CA ALA C 106 -60.27 6.48 18.03
C ALA C 106 -59.08 5.69 17.49
N GLY C 107 -58.57 6.09 16.32
CA GLY C 107 -57.40 5.42 15.76
C GLY C 107 -56.18 5.59 16.64
N LEU C 108 -55.94 6.81 17.13
CA LEU C 108 -54.83 7.05 18.06
C LEU C 108 -54.84 6.06 19.21
N ALA C 109 -56.01 5.65 19.68
CA ALA C 109 -56.14 4.66 20.74
C ALA C 109 -56.17 3.24 20.20
N HIS C 110 -56.87 3.01 19.09
CA HIS C 110 -56.92 1.68 18.48
C HIS C 110 -55.52 1.17 18.18
N THR C 111 -54.74 1.97 17.43
CA THR C 111 -53.37 1.58 17.11
C THR C 111 -52.56 1.29 18.36
N LEU C 112 -52.81 2.05 19.44
CA LEU C 112 -52.04 1.91 20.67
C LEU C 112 -52.26 0.53 21.29
N HIS C 113 -53.52 0.19 21.57
CA HIS C 113 -53.82 -1.16 22.01
C HIS C 113 -53.37 -2.19 20.98
N ARG C 114 -53.56 -1.88 19.70
CA ARG C 114 -53.08 -2.77 18.65
C ARG C 114 -51.57 -2.94 18.70
N PHE C 115 -50.86 -1.91 19.15
CA PHE C 115 -49.42 -2.05 19.39
C PHE C 115 -49.15 -3.01 20.53
N LEU C 116 -49.83 -2.81 21.66
CA LEU C 116 -49.60 -3.61 22.85
C LEU C 116 -50.09 -5.05 22.72
N ALA C 117 -50.83 -5.35 21.65
CA ALA C 117 -51.42 -6.69 21.50
C ALA C 117 -50.37 -7.79 21.56
N GLY C 118 -49.17 -7.54 21.02
CA GLY C 118 -48.10 -8.49 21.16
C GLY C 118 -47.62 -8.66 22.59
N TYR C 119 -47.85 -7.66 23.45
CA TYR C 119 -47.37 -7.70 24.83
C TYR C 119 -48.30 -8.42 25.77
N SER C 120 -49.26 -9.16 25.25
CA SER C 120 -50.16 -9.91 26.09
C SER C 120 -49.38 -10.95 26.89
N PRO C 121 -49.77 -11.24 28.12
CA PRO C 121 -49.14 -12.34 28.86
C PRO C 121 -49.24 -13.67 28.13
N ALA C 122 -50.09 -13.71 27.10
CA ALA C 122 -50.19 -14.89 26.26
C ALA C 122 -49.11 -14.87 25.17
N ALA C 123 -49.08 -13.80 24.37
CA ALA C 123 -48.09 -13.71 23.30
C ALA C 123 -46.67 -13.52 23.81
N GLN C 124 -46.49 -13.20 25.10
CA GLN C 124 -45.19 -13.04 25.71
C GLN C 124 -44.73 -14.30 26.44
N GLU C 125 -45.18 -15.47 25.98
CA GLU C 125 -45.11 -16.67 26.81
C GLU C 125 -43.72 -17.28 26.84
N GLY C 126 -42.99 -17.23 25.73
CA GLY C 126 -41.68 -17.87 25.67
C GLY C 126 -40.70 -17.33 26.69
N SER C 127 -40.71 -16.02 26.91
CA SER C 127 -39.83 -15.41 27.89
C SER C 127 -40.25 -15.79 29.30
N ILE C 128 -39.36 -15.51 30.25
CA ILE C 128 -39.51 -15.96 31.64
C ILE C 128 -39.50 -14.73 32.55
N ASN C 129 -40.09 -14.87 33.73
CA ASN C 129 -40.02 -13.82 34.73
C ASN C 129 -38.59 -13.34 34.86
N CYS C 130 -38.41 -12.03 34.94
CA CYS C 130 -37.12 -11.45 35.26
C CYS C 130 -37.32 -10.54 36.46
N THR C 131 -36.89 -11.01 37.62
CA THR C 131 -36.91 -10.23 38.85
C THR C 131 -35.53 -9.73 39.22
N SER C 132 -34.51 -10.04 38.42
CA SER C 132 -33.13 -9.83 38.85
C SER C 132 -32.77 -8.36 38.97
N GLU C 133 -33.36 -7.50 38.13
CA GLU C 133 -33.05 -6.06 38.09
C GLU C 133 -31.56 -5.80 37.86
N LYS C 134 -30.85 -6.79 37.31
CA LYS C 134 -29.42 -6.71 37.03
C LYS C 134 -29.18 -6.89 35.54
N TYR C 135 -27.93 -6.74 35.12
CA TYR C 135 -27.57 -7.10 33.76
C TYR C 135 -27.80 -8.59 33.53
N PHE C 136 -28.57 -8.91 32.50
CA PHE C 136 -29.03 -10.28 32.27
C PHE C 136 -28.10 -10.95 31.25
N PHE C 137 -26.86 -11.16 31.68
CA PHE C 137 -25.87 -11.80 30.83
C PHE C 137 -26.11 -13.30 30.77
N GLN C 138 -26.08 -13.85 29.56
CA GLN C 138 -26.08 -15.29 29.34
C GLN C 138 -25.02 -15.61 28.29
N GLU C 139 -24.37 -16.76 28.45
CA GLU C 139 -23.22 -17.10 27.62
C GLU C 139 -23.45 -18.37 26.81
N SER C 140 -24.00 -19.41 27.41
CA SER C 140 -24.40 -20.59 26.66
C SER C 140 -25.78 -20.39 26.06
N PHE C 141 -26.27 -21.39 25.34
CA PHE C 141 -27.59 -21.34 24.72
C PHE C 141 -28.43 -22.46 25.34
N LEU C 142 -28.89 -22.20 26.57
CA LEU C 142 -29.63 -23.20 27.33
C LEU C 142 -31.05 -23.37 26.81
N ALA C 143 -31.77 -22.25 26.67
CA ALA C 143 -33.20 -22.15 26.37
C ALA C 143 -33.64 -23.08 25.24
N PRO C 144 -34.95 -23.43 25.15
CA PRO C 144 -35.41 -24.37 24.13
C PRO C 144 -34.98 -24.00 22.71
N ASN C 145 -34.91 -25.01 21.84
CA ASN C 145 -34.48 -24.86 20.45
C ASN C 145 -33.05 -24.33 20.35
N HIS C 146 -32.27 -24.52 21.42
CA HIS C 146 -30.87 -24.11 21.54
C HIS C 146 -30.71 -22.60 21.40
N THR C 147 -31.04 -21.85 22.45
CA THR C 147 -31.01 -20.39 22.44
C THR C 147 -30.80 -19.89 23.87
N LYS C 148 -30.77 -18.57 24.01
CA LYS C 148 -30.77 -17.92 25.32
C LYS C 148 -32.20 -17.55 25.73
N PHE C 149 -32.38 -17.19 26.99
CA PHE C 149 -33.69 -16.82 27.49
C PHE C 149 -33.97 -15.34 27.26
N SER C 150 -35.24 -14.98 27.38
CA SER C 150 -35.69 -13.60 27.27
C SER C 150 -36.54 -13.25 28.49
N CYS C 151 -36.83 -11.96 28.62
CA CYS C 151 -37.55 -11.43 29.77
C CYS C 151 -38.96 -11.01 29.36
N LYS C 152 -39.92 -11.21 30.26
CA LYS C 152 -41.29 -10.79 30.02
C LYS C 152 -41.45 -9.29 30.22
N PHE C 153 -42.40 -8.73 29.48
CA PHE C 153 -42.90 -7.38 29.72
C PHE C 153 -44.34 -7.40 29.23
N THR C 154 -45.29 -7.25 30.14
CA THR C 154 -46.70 -7.35 29.79
C THR C 154 -47.39 -6.03 30.07
N ALA C 155 -48.47 -5.79 29.31
CA ALA C 155 -49.15 -4.49 29.33
C ALA C 155 -49.41 -4.03 30.75
N ASP C 156 -49.99 -4.90 31.57
CA ASP C 156 -50.37 -4.60 32.95
C ASP C 156 -49.29 -3.86 33.72
N MET C 157 -48.03 -3.97 33.27
CA MET C 157 -46.96 -3.17 33.85
C MET C 157 -47.08 -1.70 33.50
N LEU C 158 -47.94 -1.35 32.55
CA LEU C 158 -48.25 0.05 32.26
C LEU C 158 -49.52 0.50 32.97
N GLN C 159 -50.23 -0.42 33.63
CA GLN C 159 -51.19 -0.11 34.68
C GLN C 159 -52.26 0.88 34.25
N ASN C 160 -52.17 2.13 34.74
CA ASN C 160 -53.12 3.17 34.34
C ASN C 160 -53.08 3.46 32.86
N CYS C 161 -52.05 2.99 32.15
CA CYS C 161 -51.86 3.32 30.73
C CYS C 161 -51.85 2.07 29.86
N SER C 162 -52.34 0.94 30.38
CA SER C 162 -52.22 -0.33 29.69
C SER C 162 -53.55 -0.86 29.18
N GLY C 163 -54.60 -0.05 29.18
CA GLY C 163 -55.87 -0.38 28.59
C GLY C 163 -56.96 -0.73 29.57
N ARG C 164 -56.61 -1.07 30.80
CA ARG C 164 -57.58 -1.49 31.80
C ARG C 164 -57.17 -0.87 33.12
N PRO C 165 -57.98 0.03 33.72
CA PRO C 165 -59.38 0.36 33.42
C PRO C 165 -59.63 1.39 32.30
N ASP C 166 -58.58 1.93 31.68
CA ASP C 166 -58.75 2.97 30.66
C ASP C 166 -58.26 2.46 29.31
N PRO C 167 -59.14 1.86 28.51
CA PRO C 167 -58.81 1.55 27.10
C PRO C 167 -58.95 2.74 26.15
N THR C 168 -59.14 3.95 26.67
CA THR C 168 -58.82 5.17 25.96
C THR C 168 -57.44 5.69 26.31
N PHE C 169 -56.81 5.10 27.33
CA PHE C 169 -55.42 5.39 27.68
C PHE C 169 -55.25 6.87 28.00
N GLY C 170 -56.20 7.43 28.74
CA GLY C 170 -56.18 8.83 29.10
C GLY C 170 -56.64 9.79 28.02
N PHE C 171 -57.03 9.29 26.84
CA PHE C 171 -57.33 10.18 25.73
C PHE C 171 -58.70 10.84 25.85
N ALA C 172 -59.66 10.16 26.49
CA ALA C 172 -60.95 10.79 26.74
C ALA C 172 -60.78 12.05 27.57
N GLU C 173 -60.12 11.92 28.72
CA GLU C 173 -59.92 12.97 29.72
C GLU C 173 -58.93 14.05 29.31
N GLY C 174 -58.41 14.08 28.08
CA GLY C 174 -57.43 15.09 27.73
C GLY C 174 -56.15 14.97 28.53
N LYS C 175 -55.84 13.79 29.05
CA LYS C 175 -54.60 13.52 29.78
C LYS C 175 -54.09 12.16 29.33
N PRO C 176 -53.60 12.05 28.09
CA PRO C 176 -53.45 10.74 27.44
C PRO C 176 -52.22 9.96 27.87
N CYS C 177 -51.90 8.91 27.10
CA CYS C 177 -50.73 8.07 27.32
C CYS C 177 -49.96 7.93 26.02
N PHE C 178 -48.67 8.27 26.05
CA PHE C 178 -47.74 7.93 24.99
C PHE C 178 -46.81 6.85 25.51
N ILE C 179 -46.37 5.96 24.62
CA ILE C 179 -45.57 4.80 25.00
C ILE C 179 -44.19 4.91 24.37
N ILE C 180 -43.16 5.04 25.21
CA ILE C 180 -41.80 5.34 24.77
C ILE C 180 -41.03 4.03 24.68
N LYS C 181 -40.43 3.76 23.53
CA LYS C 181 -39.60 2.58 23.32
C LYS C 181 -38.17 2.99 23.04
N MET C 182 -37.23 2.33 23.69
CA MET C 182 -35.83 2.44 23.35
C MET C 182 -35.47 1.38 22.33
N ASN C 183 -34.68 1.77 21.32
CA ASN C 183 -34.20 0.80 20.34
C ASN C 183 -33.29 -0.21 21.02
N ARG C 184 -33.56 -1.50 20.79
CA ARG C 184 -32.65 -2.54 21.24
C ARG C 184 -31.46 -2.61 20.30
N ILE C 185 -30.27 -2.81 20.88
CA ILE C 185 -29.03 -2.89 20.12
C ILE C 185 -28.22 -4.05 20.67
N VAL C 186 -27.70 -4.90 19.77
CA VAL C 186 -26.91 -6.04 20.23
C VAL C 186 -25.66 -5.53 20.92
N LYS C 187 -25.25 -6.24 21.98
CA LYS C 187 -24.02 -5.94 22.70
C LYS C 187 -24.01 -4.51 23.26
N PHE C 188 -25.18 -3.98 23.59
CA PHE C 188 -25.27 -2.62 24.10
C PHE C 188 -25.64 -2.65 25.59
N LEU C 189 -24.95 -1.81 26.37
CA LEU C 189 -25.17 -1.73 27.80
C LEU C 189 -25.23 -0.25 28.19
N PRO C 190 -26.25 0.17 28.93
CA PRO C 190 -26.55 1.59 29.10
C PRO C 190 -25.85 2.26 30.28
N GLY C 191 -25.08 1.52 31.06
CA GLY C 191 -24.56 2.06 32.30
C GLY C 191 -25.44 1.63 33.45
N ASN C 192 -24.87 0.85 34.36
CA ASN C 192 -25.62 0.24 35.44
C ASN C 192 -25.57 1.05 36.73
N SER C 193 -25.42 2.37 36.63
CA SER C 193 -25.58 3.20 37.81
C SER C 193 -27.00 3.08 38.36
N THR C 194 -27.98 3.31 37.51
CA THR C 194 -29.39 3.13 37.85
C THR C 194 -30.05 2.34 36.72
N ALA C 195 -31.34 2.40 36.66
CA ALA C 195 -31.93 2.01 35.39
C ALA C 195 -32.19 3.25 34.55
N PRO C 196 -32.12 3.13 33.23
CA PRO C 196 -32.44 4.29 32.39
C PRO C 196 -33.89 4.73 32.57
N ARG C 197 -34.11 6.04 32.59
CA ARG C 197 -35.43 6.60 32.79
C ARG C 197 -35.96 7.19 31.49
N VAL C 198 -37.20 7.70 31.58
CA VAL C 198 -37.73 8.67 30.64
C VAL C 198 -37.93 9.97 31.40
N ASP C 199 -37.79 11.09 30.69
CA ASP C 199 -38.31 12.36 31.19
C ASP C 199 -38.97 13.08 30.02
N CYS C 200 -40.13 13.67 30.28
CA CYS C 200 -40.89 14.39 29.26
C CYS C 200 -41.26 15.77 29.77
N ALA C 201 -40.79 16.80 29.08
CA ALA C 201 -41.15 18.17 29.38
C ALA C 201 -41.63 18.86 28.10
N PHE C 202 -41.88 20.16 28.18
CA PHE C 202 -42.08 20.92 26.95
C PHE C 202 -40.74 21.14 26.27
N LEU C 203 -40.80 21.54 24.99
CA LEU C 203 -39.67 22.22 24.38
C LEU C 203 -39.70 23.70 24.71
N ASP C 204 -40.84 24.34 24.45
CA ASP C 204 -41.07 25.73 24.82
C ASP C 204 -41.85 25.75 26.13
N GLN C 205 -41.15 25.95 27.24
CA GLN C 205 -41.83 26.19 28.51
C GLN C 205 -42.53 27.54 28.41
N PRO C 206 -43.86 27.59 28.31
CA PRO C 206 -44.53 28.87 28.10
C PRO C 206 -44.31 29.79 29.30
N ARG C 207 -43.94 31.04 29.01
CA ARG C 207 -43.61 31.99 30.07
C ARG C 207 -44.75 32.11 31.07
N ASP C 208 -45.97 31.81 30.65
CA ASP C 208 -47.11 31.81 31.56
C ASP C 208 -47.33 30.44 32.20
N GLY C 209 -47.13 29.36 31.44
CA GLY C 209 -47.48 28.04 31.88
C GLY C 209 -46.53 27.45 32.92
N PRO C 210 -46.96 26.38 33.57
CA PRO C 210 -46.14 25.76 34.61
C PRO C 210 -45.38 24.57 34.06
N PRO C 211 -44.56 23.90 34.88
CA PRO C 211 -43.86 22.71 34.39
C PRO C 211 -44.84 21.62 33.98
N LEU C 212 -44.37 20.75 33.09
CA LEU C 212 -45.21 19.69 32.53
C LEU C 212 -45.41 18.61 33.58
N GLN C 213 -46.59 18.59 34.20
CA GLN C 213 -46.93 17.56 35.17
C GLN C 213 -47.31 16.28 34.45
N VAL C 214 -46.50 15.24 34.64
CA VAL C 214 -46.60 14.00 33.89
C VAL C 214 -46.37 12.84 34.86
N GLU C 215 -46.95 11.68 34.54
CA GLU C 215 -46.73 10.48 35.35
C GLU C 215 -46.16 9.37 34.49
N TYR C 216 -45.25 8.60 35.09
CA TYR C 216 -44.53 7.55 34.40
C TYR C 216 -44.95 6.18 34.94
N PHE C 217 -45.06 5.20 34.05
CA PHE C 217 -45.50 3.86 34.42
C PHE C 217 -44.61 2.81 33.80
N PRO C 218 -44.00 1.91 34.60
CA PRO C 218 -44.04 1.85 36.07
C PRO C 218 -43.40 3.05 36.75
N ALA C 219 -43.37 3.04 38.07
CA ALA C 219 -42.79 4.15 38.82
C ALA C 219 -41.41 4.50 38.30
N ASN C 220 -41.19 5.79 38.08
CA ASN C 220 -39.92 6.46 37.76
C ASN C 220 -39.57 6.45 36.27
N GLY C 221 -40.45 5.99 35.38
CA GLY C 221 -40.15 6.01 33.97
C GLY C 221 -38.98 5.15 33.54
N THR C 222 -38.73 4.04 34.25
CA THR C 222 -37.54 3.25 34.03
C THR C 222 -37.77 2.09 33.06
N TYR C 223 -36.72 1.73 32.35
CA TYR C 223 -36.60 0.44 31.65
C TYR C 223 -35.65 -0.41 32.48
N SER C 224 -36.17 -1.51 33.02
CA SER C 224 -35.39 -2.33 33.95
C SER C 224 -34.10 -2.81 33.28
N LEU C 225 -33.13 -3.17 34.12
CA LEU C 225 -31.80 -3.55 33.65
C LEU C 225 -31.68 -5.02 33.25
N HIS C 226 -32.68 -5.85 33.55
CA HIS C 226 -32.60 -7.26 33.15
C HIS C 226 -33.00 -7.49 31.71
N TYR C 227 -33.45 -6.45 31.01
CA TYR C 227 -33.77 -6.60 29.61
C TYR C 227 -32.55 -6.46 28.70
N PHE C 228 -31.40 -6.02 29.24
CA PHE C 228 -30.14 -5.83 28.54
C PHE C 228 -29.15 -6.94 28.87
N PRO C 229 -28.13 -7.17 28.03
CA PRO C 229 -27.82 -6.64 26.71
C PRO C 229 -28.36 -7.52 25.59
N TYR C 230 -28.66 -6.94 24.43
CA TYR C 230 -29.29 -7.71 23.38
C TYR C 230 -28.29 -8.61 22.67
N TYR C 231 -28.78 -9.76 22.22
CA TYR C 231 -27.97 -10.80 21.61
C TYR C 231 -28.38 -11.18 20.19
N GLY C 232 -29.53 -10.71 19.70
CA GLY C 232 -29.88 -10.94 18.32
C GLY C 232 -31.07 -11.83 18.01
N LYS C 233 -31.73 -11.58 16.88
CA LYS C 233 -32.96 -12.28 16.53
C LYS C 233 -32.76 -13.78 16.38
N LYS C 234 -31.51 -14.24 16.24
CA LYS C 234 -31.25 -15.68 16.33
C LYS C 234 -31.12 -16.12 17.78
N ALA C 235 -30.46 -15.31 18.61
CA ALA C 235 -30.17 -15.73 19.98
C ALA C 235 -31.42 -15.66 20.85
N GLN C 236 -32.17 -14.57 20.75
CA GLN C 236 -33.28 -14.27 21.67
C GLN C 236 -34.53 -13.98 20.87
N PRO C 237 -35.15 -15.02 20.29
CA PRO C 237 -36.24 -14.78 19.32
C PRO C 237 -37.48 -14.15 19.94
N HIS C 238 -37.85 -14.55 21.16
CA HIS C 238 -39.07 -14.08 21.81
C HIS C 238 -38.79 -12.91 22.74
N TYR C 239 -37.62 -12.28 22.61
CA TYR C 239 -37.34 -11.04 23.28
C TYR C 239 -38.36 -9.98 22.94
N SER C 240 -38.49 -8.99 23.83
CA SER C 240 -39.29 -7.81 23.57
C SER C 240 -38.67 -6.62 24.29
N ASN C 241 -38.81 -5.44 23.69
CA ASN C 241 -38.37 -4.22 24.34
C ASN C 241 -39.21 -3.95 25.59
N PRO C 242 -38.62 -3.39 26.63
CA PRO C 242 -39.42 -2.83 27.72
C PRO C 242 -39.94 -1.45 27.35
N LEU C 243 -41.02 -1.06 28.02
CA LEU C 243 -41.69 0.18 27.72
C LEU C 243 -41.88 1.02 28.97
N VAL C 244 -42.23 2.28 28.73
CA VAL C 244 -42.75 3.19 29.74
C VAL C 244 -43.89 3.96 29.09
N ALA C 245 -44.85 4.39 29.88
CA ALA C 245 -45.89 5.29 29.40
C ALA C 245 -45.73 6.66 30.04
N ALA C 246 -46.41 7.65 29.45
CA ALA C 246 -46.33 9.04 29.90
C ALA C 246 -47.74 9.61 30.01
N LYS C 247 -48.26 9.65 31.24
CA LYS C 247 -49.60 10.19 31.51
C LYS C 247 -49.49 11.71 31.54
N LEU C 248 -49.88 12.35 30.44
CA LEU C 248 -49.68 13.79 30.23
C LEU C 248 -50.86 14.56 30.83
N LEU C 249 -50.70 15.00 32.08
CA LEU C 249 -51.80 15.65 32.80
C LEU C 249 -51.96 17.11 32.39
N ASN C 250 -50.86 17.86 32.34
CA ASN C 250 -50.87 19.32 32.32
C ASN C 250 -51.62 19.95 31.15
N VAL C 251 -51.84 19.21 30.07
CA VAL C 251 -52.04 19.77 28.73
C VAL C 251 -53.10 20.87 28.68
N PRO C 252 -52.74 22.07 28.23
CA PRO C 252 -53.76 23.08 27.91
C PRO C 252 -54.42 22.79 26.58
N ARG C 253 -55.68 23.19 26.48
CA ARG C 253 -56.53 22.81 25.36
C ARG C 253 -56.60 23.92 24.31
N ASN C 254 -56.79 23.49 23.05
CA ASN C 254 -56.82 24.34 21.86
C ASN C 254 -55.54 25.16 21.68
N ARG C 255 -54.47 24.80 22.38
CA ARG C 255 -53.19 25.48 22.26
C ARG C 255 -52.15 24.47 21.81
N ASP C 256 -51.41 24.80 20.75
CA ASP C 256 -50.42 23.89 20.20
C ASP C 256 -49.15 23.91 21.07
N VAL C 257 -48.65 22.73 21.39
CA VAL C 257 -47.46 22.56 22.22
C VAL C 257 -46.58 21.47 21.62
N VAL C 258 -45.37 21.34 22.16
CA VAL C 258 -44.38 20.37 21.70
C VAL C 258 -43.69 19.76 22.91
N ILE C 259 -43.65 18.43 22.98
CA ILE C 259 -43.17 17.71 24.15
C ILE C 259 -41.93 16.91 23.77
N VAL C 260 -40.87 17.06 24.57
CA VAL C 260 -39.60 16.38 24.32
C VAL C 260 -39.42 15.29 25.38
N CYS C 261 -39.24 14.06 24.94
CA CYS C 261 -39.16 12.90 25.82
C CYS C 261 -37.77 12.26 25.68
N LYS C 262 -36.90 12.52 26.65
CA LYS C 262 -35.54 12.00 26.60
C LYS C 262 -35.41 10.70 27.39
N ILE C 263 -34.32 9.99 27.14
CA ILE C 263 -33.84 8.90 28.00
C ILE C 263 -32.71 9.45 28.86
N LEU C 264 -32.59 8.93 30.08
CA LEU C 264 -31.54 9.32 31.01
C LEU C 264 -30.77 8.06 31.41
N ALA C 265 -29.55 7.93 30.88
CA ALA C 265 -28.69 6.79 31.22
C ALA C 265 -27.25 7.16 30.94
N GLU C 266 -26.34 6.28 31.33
CA GLU C 266 -24.91 6.56 31.24
C GLU C 266 -24.43 6.62 29.79
N HIS C 267 -24.61 5.53 29.06
CA HIS C 267 -24.03 5.40 27.71
C HIS C 267 -25.00 5.84 26.62
N VAL C 268 -25.71 6.95 26.79
CA VAL C 268 -26.68 7.40 25.79
C VAL C 268 -26.59 8.93 25.66
N SER C 269 -26.70 9.42 24.43
CA SER C 269 -26.74 10.85 24.16
C SER C 269 -28.11 11.24 23.62
N PHE C 270 -28.32 12.55 23.53
CA PHE C 270 -29.59 13.08 23.05
C PHE C 270 -29.43 14.42 22.34
N ASP C 271 -28.23 14.71 21.82
CA ASP C 271 -27.87 16.03 21.35
C ASP C 271 -27.77 16.15 19.84
N ASN C 272 -27.60 15.04 19.13
CA ASN C 272 -27.34 14.99 17.70
C ASN C 272 -28.41 15.77 16.94
N PRO C 273 -28.05 16.89 16.31
CA PRO C 273 -29.05 17.72 15.64
C PRO C 273 -29.44 17.24 14.25
N HIS C 274 -28.84 16.17 13.73
CA HIS C 274 -29.25 15.60 12.45
C HIS C 274 -29.99 14.28 12.59
N ASP C 275 -30.39 13.91 13.81
CA ASP C 275 -31.18 12.71 14.04
C ASP C 275 -32.05 12.93 15.28
N PRO C 276 -33.13 13.71 15.15
CA PRO C 276 -33.89 14.14 16.34
C PRO C 276 -34.57 13.01 17.10
N TYR C 277 -34.48 11.77 16.66
CA TYR C 277 -34.99 10.64 17.44
C TYR C 277 -33.88 9.85 18.11
N GLU C 278 -32.63 10.32 18.04
CA GLU C 278 -31.55 9.68 18.77
C GLU C 278 -31.65 10.05 20.25
N GLY C 279 -31.95 9.06 21.09
CA GLY C 279 -31.99 9.24 22.54
C GLY C 279 -33.22 9.98 23.04
N LYS C 280 -33.90 10.65 22.12
CA LYS C 280 -35.02 11.52 22.45
C LYS C 280 -36.16 11.26 21.46
N VAL C 281 -37.24 12.03 21.58
CA VAL C 281 -38.32 12.01 20.61
C VAL C 281 -39.20 13.24 20.78
N GLU C 282 -39.26 14.07 19.74
CA GLU C 282 -40.13 15.23 19.73
C GLU C 282 -41.47 14.88 19.10
N PHE C 283 -42.52 15.59 19.54
CA PHE C 283 -43.83 15.41 18.93
C PHE C 283 -44.73 16.59 19.28
N LYS C 284 -45.31 17.19 18.24
CA LYS C 284 -46.31 18.23 18.43
C LYS C 284 -47.56 17.62 19.05
N LEU C 285 -48.43 18.51 19.55
CA LEU C 285 -49.61 18.06 20.29
C LEU C 285 -50.61 19.20 20.37
N LYS C 286 -51.88 18.88 20.13
CA LYS C 286 -52.96 19.86 20.34
C LYS C 286 -54.19 19.09 20.84
N ILE C 287 -54.31 19.01 22.15
CA ILE C 287 -55.54 18.49 22.75
C ILE C 287 -56.61 19.56 22.55
N GLN C 288 -57.37 19.44 21.47
CA GLN C 288 -58.46 20.38 21.24
C GLN C 288 -59.61 20.06 22.20
N LYS C 289 -60.63 20.90 22.18
CA LYS C 289 -61.78 20.70 23.03
C LYS C 289 -63.06 21.19 22.35
N GLY D 1 -17.84 37.99 -67.96
CA GLY D 1 -18.44 37.76 -66.67
C GLY D 1 -17.46 37.92 -65.53
N MET D 2 -16.80 39.07 -65.49
CA MET D 2 -15.77 39.40 -64.50
C MET D 2 -14.56 38.45 -64.63
N GLU D 3 -13.92 38.57 -65.79
CA GLU D 3 -12.63 37.92 -66.07
C GLU D 3 -11.97 38.81 -67.10
N ILE D 4 -10.87 39.47 -66.70
CA ILE D 4 -10.37 40.65 -67.43
C ILE D 4 -10.02 40.30 -68.87
N ASN D 5 -10.42 41.19 -69.80
CA ASN D 5 -9.88 41.18 -71.16
C ASN D 5 -9.83 42.59 -71.74
N ASP D 6 -9.64 43.61 -70.89
CA ASP D 6 -9.43 44.97 -71.38
C ASP D 6 -8.08 45.16 -72.07
N HIS D 7 -7.19 44.17 -72.02
CA HIS D 7 -5.91 44.28 -72.68
C HIS D 7 -5.96 43.88 -74.15
N GLN D 8 -7.04 43.22 -74.59
CA GLN D 8 -7.18 42.76 -75.96
C GLN D 8 -8.09 43.67 -76.78
N LEU D 9 -8.26 44.92 -76.38
CA LEU D 9 -9.08 45.87 -77.11
C LEU D 9 -8.32 47.18 -77.29
N SER D 10 -8.50 47.80 -78.46
CA SER D 10 -7.87 49.08 -78.74
C SER D 10 -8.61 50.20 -78.02
N VAL D 11 -8.01 51.39 -78.04
CA VAL D 11 -8.55 52.53 -77.30
C VAL D 11 -9.83 53.08 -77.89
N ALA D 12 -10.28 52.57 -79.05
CA ALA D 12 -11.59 52.91 -79.58
C ALA D 12 -12.66 51.95 -79.12
N GLU D 13 -12.33 51.01 -78.24
CA GLU D 13 -13.31 50.17 -77.58
C GLU D 13 -13.39 50.42 -76.09
N LEU D 14 -12.37 51.04 -75.49
CA LEU D 14 -12.34 51.24 -74.05
C LEU D 14 -13.12 52.50 -73.65
N GLU D 15 -12.97 53.58 -74.42
CA GLU D 15 -13.82 54.75 -74.21
C GLU D 15 -15.25 54.47 -74.65
N GLN D 16 -15.44 53.57 -75.62
CA GLN D 16 -16.76 53.12 -76.01
C GLN D 16 -17.41 52.29 -74.91
N LYS D 17 -16.64 51.34 -74.36
CA LYS D 17 -17.17 50.39 -73.37
C LYS D 17 -17.46 51.05 -72.03
N TYR D 18 -16.85 52.20 -71.74
CA TYR D 18 -16.95 52.81 -70.43
C TYR D 18 -17.60 54.19 -70.43
N GLN D 19 -17.75 54.83 -71.59
CA GLN D 19 -18.22 56.20 -71.70
C GLN D 19 -17.27 57.16 -70.97
N THR D 20 -15.98 56.97 -71.21
CA THR D 20 -14.93 57.79 -70.63
C THR D 20 -14.12 58.45 -71.73
N SER D 21 -12.85 58.74 -71.44
CA SER D 21 -11.88 59.14 -72.46
C SER D 21 -10.49 58.78 -71.97
N ALA D 22 -9.56 58.64 -72.92
CA ALA D 22 -8.25 58.10 -72.59
C ALA D 22 -7.27 59.15 -72.08
N THR D 23 -7.55 60.44 -72.26
CA THR D 23 -6.66 61.49 -71.77
C THR D 23 -7.41 62.47 -70.89
N LYS D 24 -8.69 62.69 -71.21
CA LYS D 24 -9.55 63.56 -70.41
C LYS D 24 -10.19 62.82 -69.24
N GLY D 25 -10.66 61.61 -69.46
CA GLY D 25 -11.23 60.79 -68.42
C GLY D 25 -12.76 60.78 -68.44
N LEU D 26 -13.32 60.31 -67.33
CA LEU D 26 -14.76 60.37 -67.13
C LEU D 26 -15.19 61.81 -66.86
N SER D 27 -16.51 62.01 -66.86
CA SER D 27 -17.06 63.24 -66.34
C SER D 27 -17.20 63.15 -64.82
N ALA D 28 -17.39 64.30 -64.19
CA ALA D 28 -17.47 64.34 -62.74
C ALA D 28 -18.86 63.98 -62.21
N SER D 29 -19.86 63.84 -63.07
CA SER D 29 -21.19 63.43 -62.65
C SER D 29 -21.56 62.02 -63.11
N LEU D 30 -20.81 61.44 -64.05
CA LEU D 30 -20.87 60.01 -64.31
C LEU D 30 -19.90 59.24 -63.42
N ALA D 31 -19.05 59.94 -62.67
CA ALA D 31 -18.21 59.35 -61.64
C ALA D 31 -18.83 59.42 -60.25
N ALA D 32 -20.09 59.85 -60.16
CA ALA D 32 -20.90 59.70 -58.97
C ALA D 32 -22.16 58.88 -59.21
N GLU D 33 -22.48 58.56 -60.47
CA GLU D 33 -23.49 57.57 -60.79
C GLU D 33 -22.92 56.17 -60.84
N LEU D 34 -21.68 56.02 -61.32
CA LEU D 34 -20.97 54.76 -61.20
C LEU D 34 -20.34 54.59 -59.82
N LEU D 35 -20.31 55.65 -59.02
CA LEU D 35 -19.95 55.53 -57.61
C LEU D 35 -21.11 54.95 -56.82
N LEU D 36 -22.28 55.58 -56.91
CA LEU D 36 -23.46 55.12 -56.18
C LEU D 36 -24.03 53.83 -56.75
N ARG D 37 -23.55 53.37 -57.91
CA ARG D 37 -23.98 52.10 -58.49
C ARG D 37 -23.05 50.96 -58.09
N ASP D 38 -21.77 51.07 -58.47
CA ASP D 38 -20.81 50.01 -58.16
C ASP D 38 -20.38 50.03 -56.70
N GLY D 39 -20.40 51.19 -56.06
CA GLY D 39 -20.00 51.30 -54.68
C GLY D 39 -18.59 51.81 -54.53
N PRO D 40 -18.15 52.00 -53.29
CA PRO D 40 -16.76 52.40 -53.05
C PRO D 40 -15.79 51.37 -53.60
N ASN D 41 -14.62 51.87 -54.03
CA ASN D 41 -13.51 51.02 -54.42
C ASN D 41 -12.87 50.49 -53.13
N ALA D 42 -13.50 49.45 -52.60
CA ALA D 42 -13.14 48.96 -51.27
C ALA D 42 -13.59 47.52 -51.11
N LEU D 43 -12.93 46.82 -50.19
CA LEU D 43 -13.24 45.42 -49.89
C LEU D 43 -14.26 45.33 -48.76
N ARG D 44 -15.15 44.34 -48.86
CA ARG D 44 -16.22 44.16 -47.89
C ARG D 44 -15.75 43.27 -46.75
N PRO D 45 -15.70 43.75 -45.51
CA PRO D 45 -15.21 42.94 -44.41
C PRO D 45 -16.31 42.05 -43.86
N PRO D 46 -16.32 40.76 -44.22
CA PRO D 46 -17.45 39.90 -43.84
C PRO D 46 -17.46 39.62 -42.34
N ARG D 47 -18.47 40.14 -41.66
CA ARG D 47 -18.62 39.93 -40.23
C ARG D 47 -18.67 38.45 -39.88
N GLY D 48 -17.58 37.93 -39.33
CA GLY D 48 -17.67 36.67 -38.62
C GLY D 48 -18.65 36.78 -37.46
N THR D 49 -19.30 35.67 -37.15
CA THR D 49 -20.39 35.68 -36.18
C THR D 49 -19.96 36.38 -34.89
N PRO D 50 -20.87 37.12 -34.23
CA PRO D 50 -20.49 37.92 -33.06
C PRO D 50 -19.84 37.14 -31.92
N GLU D 51 -19.51 37.85 -30.85
CA GLU D 51 -18.60 37.33 -29.83
C GLU D 51 -19.32 36.62 -28.68
N TYR D 52 -20.63 36.41 -28.79
CA TYR D 52 -21.34 35.60 -27.80
C TYR D 52 -22.13 34.46 -28.40
N VAL D 53 -22.39 34.50 -29.72
CA VAL D 53 -23.18 33.45 -30.35
C VAL D 53 -22.33 32.26 -30.78
N LYS D 54 -21.01 32.42 -30.86
CA LYS D 54 -20.14 31.25 -30.90
C LYS D 54 -19.81 30.74 -29.50
N PHE D 55 -20.17 31.49 -28.46
CA PHE D 55 -20.14 30.99 -27.10
C PHE D 55 -21.36 30.12 -26.79
N ALA D 56 -22.44 30.29 -27.54
CA ALA D 56 -23.73 29.71 -27.20
C ALA D 56 -24.08 28.44 -27.96
N ARG D 57 -23.24 28.00 -28.90
CA ARG D 57 -23.42 26.67 -29.48
C ARG D 57 -22.44 25.66 -28.88
N GLN D 58 -21.49 26.12 -28.07
CA GLN D 58 -20.75 25.22 -27.19
C GLN D 58 -21.52 24.94 -25.90
N LEU D 59 -22.75 25.45 -25.79
CA LEU D 59 -23.70 25.01 -24.78
C LEU D 59 -24.69 23.99 -25.29
N ALA D 60 -24.77 23.79 -26.61
CA ALA D 60 -25.69 22.84 -27.21
C ALA D 60 -24.92 21.57 -27.61
N GLY D 61 -25.64 20.65 -28.24
CA GLY D 61 -25.02 19.46 -28.78
C GLY D 61 -25.70 18.21 -28.24
N GLY D 62 -25.00 17.09 -28.34
CA GLY D 62 -25.53 15.83 -27.87
C GLY D 62 -25.38 15.64 -26.39
N LEU D 63 -24.21 15.99 -25.84
CA LEU D 63 -23.98 15.79 -24.42
C LEU D 63 -24.46 16.96 -23.58
N GLN D 64 -24.48 18.17 -24.15
CA GLN D 64 -24.90 19.32 -23.36
C GLN D 64 -26.41 19.48 -23.31
N CYS D 65 -27.15 18.81 -24.19
CA CYS D 65 -28.61 18.84 -24.11
C CYS D 65 -29.14 17.89 -23.05
N LEU D 66 -28.44 16.78 -22.79
CA LEU D 66 -28.88 15.86 -21.75
C LEU D 66 -28.63 16.44 -20.36
N MET D 67 -27.50 17.13 -20.17
CA MET D 67 -27.26 17.83 -18.93
C MET D 67 -28.25 18.98 -18.73
N TRP D 68 -28.78 19.53 -19.83
CA TRP D 68 -29.87 20.50 -19.73
C TRP D 68 -31.14 19.84 -19.23
N VAL D 69 -31.47 18.66 -19.78
CA VAL D 69 -32.70 17.95 -19.40
C VAL D 69 -32.60 17.44 -17.97
N ALA D 70 -31.48 16.81 -17.63
CA ALA D 70 -31.29 16.29 -16.28
C ALA D 70 -31.38 17.41 -15.25
N ALA D 71 -30.70 18.53 -15.50
CA ALA D 71 -30.83 19.67 -14.62
C ALA D 71 -32.26 20.22 -14.63
N ALA D 72 -32.98 20.05 -15.73
CA ALA D 72 -34.38 20.42 -15.76
C ALA D 72 -35.23 19.44 -14.96
N ILE D 73 -34.87 18.16 -14.98
CA ILE D 73 -35.52 17.19 -14.09
C ILE D 73 -35.24 17.54 -12.64
N CYS D 74 -33.99 17.93 -12.35
CA CYS D 74 -33.63 18.24 -10.97
C CYS D 74 -34.32 19.50 -10.48
N LEU D 75 -34.71 20.39 -11.38
CA LEU D 75 -35.48 21.57 -11.01
C LEU D 75 -36.97 21.36 -11.17
N ILE D 76 -37.40 20.24 -11.75
CA ILE D 76 -38.80 19.86 -11.66
C ILE D 76 -39.07 19.17 -10.33
N ALA D 77 -38.12 18.37 -9.86
CA ALA D 77 -38.30 17.63 -8.61
C ALA D 77 -38.10 18.51 -7.40
N PHE D 78 -37.13 19.43 -7.45
CA PHE D 78 -36.97 20.37 -6.35
C PHE D 78 -38.05 21.45 -6.35
N ALA D 79 -38.72 21.68 -7.48
CA ALA D 79 -39.88 22.56 -7.46
C ALA D 79 -41.10 21.83 -6.91
N ILE D 80 -41.24 20.55 -7.23
CA ILE D 80 -42.44 19.81 -6.84
C ILE D 80 -42.38 19.41 -5.38
N GLN D 81 -41.30 18.75 -4.97
CA GLN D 81 -41.16 18.29 -3.60
C GLN D 81 -40.69 19.38 -2.65
N ALA D 82 -40.63 20.64 -3.11
CA ALA D 82 -40.51 21.78 -2.20
C ALA D 82 -41.73 22.68 -2.23
N SER D 83 -42.54 22.62 -3.30
CA SER D 83 -43.90 23.13 -3.20
C SER D 83 -44.74 22.28 -2.26
N GLU D 84 -44.32 21.03 -2.02
CA GLU D 84 -44.97 20.13 -1.09
C GLU D 84 -44.11 19.92 0.16
N GLY D 85 -43.48 20.99 0.63
CA GLY D 85 -42.94 21.09 1.97
C GLY D 85 -41.82 20.16 2.42
N ASP D 86 -41.13 19.51 1.49
CA ASP D 86 -40.04 18.60 1.86
C ASP D 86 -38.72 19.32 1.67
N LEU D 87 -38.16 19.82 2.78
CA LEU D 87 -36.90 20.55 2.74
C LEU D 87 -35.71 19.66 2.42
N THR D 88 -35.87 18.35 2.57
CA THR D 88 -34.71 17.46 2.47
C THR D 88 -34.22 17.30 1.03
N THR D 89 -35.08 17.54 0.04
CA THR D 89 -34.72 17.34 -1.36
C THR D 89 -34.03 18.56 -1.98
N ASP D 90 -33.38 19.41 -1.17
CA ASP D 90 -32.54 20.46 -1.74
C ASP D 90 -31.24 19.92 -2.29
N ASP D 91 -31.03 18.60 -2.25
CA ASP D 91 -29.99 17.98 -3.04
C ASP D 91 -30.25 18.18 -4.53
N ASN D 92 -31.51 18.02 -4.95
CA ASN D 92 -31.87 18.21 -6.35
C ASN D 92 -31.76 19.66 -6.80
N LEU D 93 -31.57 20.60 -5.86
CA LEU D 93 -31.06 21.92 -6.22
C LEU D 93 -29.56 21.87 -6.45
N TYR D 94 -28.82 21.41 -5.44
CA TYR D 94 -27.38 21.16 -5.59
C TYR D 94 -27.06 20.27 -6.78
N LEU D 95 -28.05 19.49 -7.26
CA LEU D 95 -27.82 18.58 -8.37
C LEU D 95 -28.10 19.22 -9.72
N ALA D 96 -28.97 20.22 -9.78
CA ALA D 96 -29.18 20.96 -11.02
C ALA D 96 -28.16 22.07 -11.19
N LEU D 97 -27.94 22.85 -10.12
CA LEU D 97 -26.91 23.87 -10.12
C LEU D 97 -25.58 23.31 -10.57
N ALA D 98 -25.19 22.17 -10.00
CA ALA D 98 -23.93 21.54 -10.39
C ALA D 98 -23.95 21.16 -11.87
N LEU D 99 -25.07 20.63 -12.35
CA LEU D 99 -25.15 20.23 -13.74
C LEU D 99 -25.27 21.40 -14.70
N ILE D 100 -25.51 22.61 -14.19
CA ILE D 100 -25.45 23.80 -15.05
C ILE D 100 -24.05 24.39 -15.06
N ALA D 101 -23.33 24.31 -13.94
CA ALA D 101 -21.90 24.62 -13.96
C ALA D 101 -21.19 23.72 -14.94
N VAL D 102 -21.60 22.46 -15.04
CA VAL D 102 -20.96 21.52 -15.96
C VAL D 102 -21.30 21.87 -17.39
N VAL D 103 -22.52 22.35 -17.64
CA VAL D 103 -22.87 22.82 -18.97
C VAL D 103 -22.10 24.10 -19.29
N VAL D 104 -21.87 24.94 -18.27
CA VAL D 104 -21.21 26.22 -18.50
C VAL D 104 -19.70 26.05 -18.61
N VAL D 105 -19.11 25.27 -17.71
CA VAL D 105 -17.66 25.11 -17.71
C VAL D 105 -17.20 24.37 -18.96
N THR D 106 -18.00 23.44 -19.46
CA THR D 106 -17.67 22.80 -20.72
C THR D 106 -17.91 23.72 -21.91
N GLY D 107 -18.82 24.69 -21.78
CA GLY D 107 -18.93 25.74 -22.77
C GLY D 107 -17.76 26.69 -22.75
N CYS D 108 -17.08 26.81 -21.61
CA CYS D 108 -15.82 27.55 -21.56
C CYS D 108 -14.75 26.86 -22.40
N PHE D 109 -14.66 25.54 -22.30
CA PHE D 109 -13.55 24.78 -22.85
C PHE D 109 -13.74 24.41 -24.31
N GLY D 110 -14.85 24.81 -24.92
CA GLY D 110 -15.04 24.64 -26.35
C GLY D 110 -14.91 25.97 -27.04
N TYR D 111 -14.92 27.04 -26.24
CA TYR D 111 -14.73 28.41 -26.69
C TYR D 111 -13.31 28.91 -26.47
N TYR D 112 -12.74 28.66 -25.29
CA TYR D 112 -11.37 29.04 -24.97
C TYR D 112 -10.37 28.10 -25.63
N GLN D 113 -10.74 27.52 -26.77
CA GLN D 113 -9.79 26.82 -27.61
C GLN D 113 -9.15 27.74 -28.64
N GLU D 114 -9.81 28.85 -28.96
CA GLU D 114 -9.39 29.77 -30.01
C GLU D 114 -8.75 30.99 -29.35
N PHE D 115 -7.43 31.11 -29.49
CA PHE D 115 -6.70 32.22 -28.90
C PHE D 115 -6.95 33.52 -29.66
N LYS D 116 -6.49 33.57 -30.92
CA LYS D 116 -6.50 34.80 -31.71
C LYS D 116 -7.90 35.37 -31.91
N SER D 117 -8.69 34.71 -32.73
CA SER D 117 -9.94 35.25 -33.28
C SER D 117 -9.71 36.67 -33.81
N THR D 118 -8.73 36.77 -34.72
CA THR D 118 -8.50 37.98 -35.49
C THR D 118 -9.02 37.75 -36.90
N ASN D 119 -9.89 38.65 -37.35
CA ASN D 119 -10.53 38.45 -38.65
C ASN D 119 -9.51 38.54 -39.77
N ILE D 120 -9.79 37.80 -40.85
CA ILE D 120 -8.89 37.76 -42.00
C ILE D 120 -8.92 39.05 -42.81
N ILE D 121 -9.90 39.91 -42.56
CA ILE D 121 -10.06 41.11 -43.39
C ILE D 121 -9.66 42.33 -42.56
N ALA D 122 -8.73 42.13 -41.61
CA ALA D 122 -8.10 43.24 -40.93
C ALA D 122 -6.70 43.54 -41.47
N SER D 123 -6.18 42.69 -42.35
CA SER D 123 -4.91 42.94 -43.01
C SER D 123 -5.00 42.85 -44.52
N PHE D 124 -6.16 42.50 -45.08
CA PHE D 124 -6.44 42.80 -46.48
C PHE D 124 -6.85 44.25 -46.68
N LYS D 125 -7.14 44.97 -45.59
CA LYS D 125 -7.39 46.40 -45.61
C LYS D 125 -6.16 47.21 -45.21
N ASN D 126 -5.00 46.56 -45.08
CA ASN D 126 -3.75 47.23 -44.77
C ASN D 126 -2.80 47.32 -45.96
N LEU D 127 -3.08 46.62 -47.06
CA LEU D 127 -2.25 46.64 -48.25
C LEU D 127 -2.65 47.73 -49.24
N VAL D 128 -3.82 48.33 -49.06
CA VAL D 128 -4.49 49.12 -50.10
C VAL D 128 -4.17 50.60 -49.89
N PRO D 129 -4.00 51.38 -50.95
CA PRO D 129 -3.62 52.79 -50.78
C PRO D 129 -4.73 53.62 -50.12
N GLN D 130 -4.30 54.72 -49.51
CA GLN D 130 -5.22 55.66 -48.88
C GLN D 130 -5.89 56.55 -49.92
N GLN D 131 -5.15 56.98 -50.94
CA GLN D 131 -5.63 57.99 -51.88
C GLN D 131 -5.27 57.55 -53.30
N ALA D 132 -5.46 58.45 -54.26
CA ALA D 132 -5.22 58.19 -55.66
C ALA D 132 -5.18 59.52 -56.41
N THR D 133 -4.64 59.48 -57.63
CA THR D 133 -4.59 60.64 -58.52
C THR D 133 -5.32 60.28 -59.81
N VAL D 134 -6.59 60.64 -59.87
CA VAL D 134 -7.46 60.34 -61.01
C VAL D 134 -7.44 61.53 -61.96
N ILE D 135 -8.20 61.44 -63.06
CA ILE D 135 -8.43 62.58 -63.96
C ILE D 135 -9.91 62.63 -64.32
N ARG D 136 -10.63 63.59 -63.74
CA ARG D 136 -12.05 63.78 -64.03
C ARG D 136 -12.23 65.15 -64.67
N ASP D 137 -12.66 65.16 -65.92
CA ASP D 137 -12.79 66.38 -66.73
C ASP D 137 -11.44 67.02 -67.03
N GLY D 138 -10.38 66.21 -67.11
CA GLY D 138 -9.08 66.74 -67.45
C GLY D 138 -8.34 67.22 -66.22
N ASP D 139 -9.08 67.75 -65.25
CA ASP D 139 -8.51 68.24 -64.00
C ASP D 139 -7.82 67.13 -63.22
N LYS D 140 -6.49 67.14 -63.22
CA LYS D 140 -5.74 66.17 -62.43
C LYS D 140 -5.71 66.65 -60.97
N PHE D 141 -6.50 66.00 -60.12
CA PHE D 141 -6.41 66.23 -58.69
C PHE D 141 -6.07 64.93 -57.96
N GLN D 142 -6.35 64.88 -56.66
CA GLN D 142 -5.93 63.77 -55.81
C GLN D 142 -7.14 63.31 -55.01
N ILE D 143 -7.65 62.12 -55.32
CA ILE D 143 -8.95 61.67 -54.84
C ILE D 143 -8.78 60.48 -53.90
N ASN D 144 -9.75 60.32 -52.99
CA ASN D 144 -9.79 59.16 -52.12
C ASN D 144 -9.99 57.90 -52.96
N ALA D 145 -9.15 56.89 -52.71
CA ALA D 145 -9.13 55.70 -53.55
C ALA D 145 -10.45 54.94 -53.55
N ASP D 146 -11.26 55.07 -52.49
CA ASP D 146 -12.59 54.47 -52.47
C ASP D 146 -13.66 55.39 -53.07
N GLN D 147 -13.24 56.32 -53.93
CA GLN D 147 -14.14 57.04 -54.82
C GLN D 147 -13.92 56.66 -56.28
N LEU D 148 -12.94 55.81 -56.56
CA LEU D 148 -12.64 55.42 -57.93
C LEU D 148 -13.64 54.38 -58.42
N VAL D 149 -14.03 54.51 -59.69
CA VAL D 149 -15.03 53.63 -60.29
C VAL D 149 -14.48 53.14 -61.63
N VAL D 150 -15.19 52.17 -62.21
CA VAL D 150 -14.82 51.67 -63.52
C VAL D 150 -15.03 52.78 -64.55
N GLY D 151 -13.99 53.04 -65.34
CA GLY D 151 -14.01 54.07 -66.35
C GLY D 151 -13.13 55.26 -66.06
N ASP D 152 -12.75 55.47 -64.78
CA ASP D 152 -11.91 56.60 -64.40
C ASP D 152 -10.53 56.54 -65.07
N LEU D 153 -9.72 57.59 -64.86
CA LEU D 153 -8.45 57.77 -65.56
C LEU D 153 -7.38 58.03 -64.49
N VAL D 154 -6.95 56.96 -63.83
CA VAL D 154 -6.04 57.08 -62.69
C VAL D 154 -4.61 57.18 -63.19
N GLU D 155 -3.86 58.14 -62.63
CA GLU D 155 -2.45 58.31 -62.91
C GLU D 155 -1.62 57.76 -61.77
N MET D 156 -0.55 57.05 -62.10
CA MET D 156 0.31 56.40 -61.11
C MET D 156 1.70 57.00 -61.16
N LYS D 157 2.49 56.67 -60.14
CA LYS D 157 3.91 57.02 -60.10
C LYS D 157 4.59 56.07 -59.13
N GLY D 158 5.92 56.16 -59.07
CA GLY D 158 6.68 55.31 -58.18
C GLY D 158 6.72 55.86 -56.76
N GLY D 159 6.35 55.02 -55.79
CA GLY D 159 6.40 55.41 -54.39
C GLY D 159 5.11 55.15 -53.63
N ASP D 160 3.99 55.09 -54.34
CA ASP D 160 2.68 54.88 -53.73
C ASP D 160 1.97 53.71 -54.41
N ARG D 161 1.07 53.09 -53.68
CA ARG D 161 0.44 51.86 -54.13
C ARG D 161 -0.67 52.15 -55.13
N VAL D 162 -0.97 51.16 -55.96
CA VAL D 162 -1.93 51.27 -57.05
C VAL D 162 -3.35 51.22 -56.50
N PRO D 163 -4.26 52.10 -56.93
CA PRO D 163 -5.57 52.20 -56.26
C PRO D 163 -6.73 51.57 -57.02
N ALA D 164 -6.45 50.76 -58.04
CA ALA D 164 -7.50 50.08 -58.78
C ALA D 164 -6.85 49.02 -59.67
N ASP D 165 -7.67 48.31 -60.42
CA ASP D 165 -7.20 47.36 -61.43
C ASP D 165 -7.21 48.12 -62.75
N ILE D 166 -6.04 48.56 -63.19
CA ILE D 166 -5.90 49.68 -64.11
C ILE D 166 -5.35 49.18 -65.45
N ARG D 167 -6.04 49.51 -66.54
CA ARG D 167 -5.64 49.14 -67.89
C ARG D 167 -4.75 50.27 -68.40
N ILE D 168 -3.45 50.00 -68.47
CA ILE D 168 -2.45 51.05 -68.65
C ILE D 168 -2.39 51.45 -70.11
N LEU D 169 -2.61 52.75 -70.37
CA LEU D 169 -2.48 53.29 -71.72
C LEU D 169 -1.21 54.11 -71.90
N GLN D 170 -0.54 54.49 -70.82
CA GLN D 170 0.75 55.18 -70.86
C GLN D 170 1.57 54.73 -69.67
N ALA D 171 2.84 54.40 -69.90
CA ALA D 171 3.67 53.85 -68.82
C ALA D 171 5.13 54.19 -69.13
N GLN D 172 5.67 55.15 -68.38
CA GLN D 172 7.06 55.58 -68.53
C GLN D 172 7.92 54.81 -67.54
N GLY D 173 8.46 53.68 -67.98
CA GLY D 173 9.35 52.90 -67.13
C GLY D 173 8.66 52.26 -65.94
N CYS D 174 7.39 51.91 -66.08
CA CYS D 174 6.62 51.39 -64.96
C CYS D 174 7.00 49.94 -64.67
N LYS D 175 7.15 49.63 -63.38
CA LYS D 175 7.43 48.29 -62.91
C LYS D 175 6.62 48.04 -61.65
N VAL D 176 6.13 46.81 -61.47
CA VAL D 176 5.20 46.49 -60.39
C VAL D 176 5.69 45.29 -59.60
N ASP D 177 5.40 45.33 -58.29
CA ASP D 177 5.67 44.23 -57.37
C ASP D 177 4.44 43.33 -57.35
N ASN D 178 4.57 42.14 -57.92
CA ASN D 178 3.44 41.22 -58.01
C ASN D 178 3.60 40.02 -57.09
N SER D 179 3.84 40.27 -55.80
CA SER D 179 3.82 39.20 -54.81
C SER D 179 2.40 38.80 -54.45
N SER D 180 1.46 39.74 -54.48
CA SER D 180 0.08 39.43 -54.15
C SER D 180 -0.52 38.39 -55.09
N LEU D 181 -0.07 38.37 -56.35
CA LEU D 181 -0.68 37.52 -57.37
C LEU D 181 0.15 36.30 -57.73
N THR D 182 1.45 36.28 -57.39
CA THR D 182 2.28 35.12 -57.63
C THR D 182 3.19 34.76 -56.46
N GLY D 183 3.28 35.60 -55.43
CA GLY D 183 4.20 35.38 -54.33
C GLY D 183 5.58 35.94 -54.55
N GLU D 184 5.84 36.53 -55.71
CA GLU D 184 7.17 36.98 -56.10
C GLU D 184 7.22 38.49 -56.08
N SER D 185 8.11 39.05 -55.24
CA SER D 185 8.37 40.49 -55.25
C SER D 185 9.51 40.87 -56.18
N GLU D 186 9.71 40.11 -57.27
CA GLU D 186 10.55 40.58 -58.37
C GLU D 186 9.75 41.58 -59.20
N PRO D 187 10.33 42.74 -59.52
CA PRO D 187 9.58 43.73 -60.31
C PRO D 187 9.29 43.24 -61.72
N GLN D 188 8.13 43.63 -62.23
CA GLN D 188 7.69 43.24 -63.57
C GLN D 188 7.25 44.48 -64.34
N THR D 189 7.71 44.61 -65.58
CA THR D 189 7.59 45.85 -66.32
C THR D 189 6.19 46.02 -66.91
N ARG D 190 5.69 47.25 -66.84
CA ARG D 190 4.42 47.63 -67.44
C ARG D 190 4.64 48.66 -68.55
N SER D 191 3.95 48.44 -69.67
CA SER D 191 3.86 49.37 -70.79
C SER D 191 2.39 49.39 -71.21
N PRO D 192 2.03 49.86 -72.41
CA PRO D 192 0.66 49.64 -72.88
C PRO D 192 0.44 48.52 -73.91
N GLU D 193 1.41 47.63 -74.11
CA GLU D 193 1.30 46.59 -75.13
C GLU D 193 0.84 45.23 -74.65
N CYS D 194 -0.07 44.61 -75.40
CA CYS D 194 -0.61 43.30 -75.07
C CYS D 194 0.41 42.24 -75.46
N THR D 195 1.06 41.62 -74.47
CA THR D 195 2.13 40.67 -74.72
C THR D 195 1.79 39.24 -74.29
N HIS D 196 0.59 39.00 -73.78
CA HIS D 196 0.22 37.64 -73.39
C HIS D 196 -1.30 37.49 -73.37
N GLU D 197 -1.73 36.23 -73.36
CA GLU D 197 -3.14 35.89 -73.29
C GLU D 197 -3.72 36.22 -71.91
N SER D 198 -3.16 35.64 -70.85
CA SER D 198 -3.71 35.83 -69.52
C SER D 198 -3.39 37.23 -69.00
N PRO D 199 -4.33 37.89 -68.31
CA PRO D 199 -4.12 39.28 -67.89
C PRO D 199 -3.18 39.41 -66.69
N LEU D 200 -3.08 38.38 -65.85
CA LEU D 200 -2.00 38.32 -64.86
C LEU D 200 -0.66 38.51 -65.55
N GLU D 201 -0.46 37.82 -66.67
CA GLU D 201 0.83 37.82 -67.35
C GLU D 201 1.04 39.10 -68.16
N THR D 202 -0.01 39.59 -68.82
CA THR D 202 0.13 40.73 -69.72
C THR D 202 0.51 41.98 -68.94
N ARG D 203 1.01 42.98 -69.68
CA ARG D 203 1.64 44.13 -69.05
C ARG D 203 0.75 45.36 -68.94
N ASN D 204 -0.21 45.55 -69.84
CA ASN D 204 -1.12 46.70 -69.70
C ASN D 204 -2.27 46.43 -68.73
N ILE D 205 -2.02 45.64 -67.67
CA ILE D 205 -2.92 45.48 -66.54
C ILE D 205 -2.09 45.50 -65.27
N ALA D 206 -2.27 46.52 -64.44
CA ALA D 206 -1.66 46.60 -63.12
C ALA D 206 -2.76 46.56 -62.06
N PHE D 207 -2.46 45.93 -60.94
CA PHE D 207 -3.49 45.37 -60.08
C PHE D 207 -3.64 46.14 -58.77
N PHE D 208 -4.68 45.77 -58.03
CA PHE D 208 -5.10 46.48 -56.82
C PHE D 208 -4.21 46.08 -55.63
N SER D 209 -3.73 47.10 -54.92
CA SER D 209 -2.90 46.98 -53.72
C SER D 209 -1.48 46.53 -54.02
N THR D 210 -1.03 46.64 -55.26
CA THR D 210 0.34 46.29 -55.63
C THR D 210 1.21 47.55 -55.66
N MET D 211 2.42 47.42 -55.13
CA MET D 211 3.33 48.55 -54.99
C MET D 211 4.02 48.87 -56.31
N CYS D 212 4.10 50.16 -56.63
CA CYS D 212 4.81 50.64 -57.82
C CYS D 212 6.17 51.19 -57.40
N LEU D 213 7.24 50.57 -57.90
CA LEU D 213 8.58 50.83 -57.40
C LEU D 213 9.27 52.01 -58.05
N GLU D 214 8.82 52.43 -59.24
CA GLU D 214 9.51 53.47 -60.01
C GLU D 214 8.69 53.88 -61.22
N GLY D 215 9.16 54.88 -61.96
CA GLY D 215 8.48 55.28 -63.18
C GLY D 215 7.24 56.12 -62.94
N THR D 216 6.54 56.38 -64.04
CA THR D 216 5.30 57.17 -64.05
C THR D 216 4.40 56.63 -65.14
N ALA D 217 3.12 56.39 -64.81
CA ALA D 217 2.19 55.76 -65.73
C ALA D 217 0.80 56.38 -65.60
N GLN D 218 -0.13 55.82 -66.37
CA GLN D 218 -1.53 56.22 -66.36
C GLN D 218 -2.36 54.98 -66.64
N GLY D 219 -3.67 55.16 -66.76
CA GLY D 219 -4.51 54.04 -67.16
C GLY D 219 -5.97 54.23 -66.83
N LEU D 220 -6.79 53.40 -67.46
CA LEU D 220 -8.25 53.43 -67.34
C LEU D 220 -8.70 52.38 -66.33
N VAL D 221 -9.49 52.80 -65.32
CA VAL D 221 -9.93 51.87 -64.29
C VAL D 221 -10.95 50.91 -64.88
N VAL D 222 -10.84 49.63 -64.49
CA VAL D 222 -11.59 48.55 -65.12
C VAL D 222 -12.42 47.77 -64.11
N ASN D 223 -11.86 47.50 -62.92
CA ASN D 223 -12.58 46.86 -61.83
C ASN D 223 -12.27 47.60 -60.53
N THR D 224 -13.20 47.50 -59.58
CA THR D 224 -13.04 48.12 -58.27
C THR D 224 -13.62 47.21 -57.19
N GLY D 225 -13.06 47.34 -55.99
CA GLY D 225 -13.62 46.69 -54.80
C GLY D 225 -13.48 45.18 -54.75
N ASP D 226 -14.62 44.49 -54.69
CA ASP D 226 -14.62 43.03 -54.67
C ASP D 226 -14.22 42.46 -56.03
N ARG D 227 -14.50 43.18 -57.11
CA ARG D 227 -14.23 42.66 -58.46
C ARG D 227 -12.74 42.60 -58.78
N THR D 228 -11.91 43.41 -58.10
CA THR D 228 -10.48 43.35 -58.32
C THR D 228 -9.97 41.96 -57.92
N ILE D 229 -8.76 41.64 -58.39
CA ILE D 229 -8.19 40.34 -58.06
C ILE D 229 -7.72 40.27 -56.61
N ILE D 230 -7.40 41.41 -55.99
CA ILE D 230 -7.14 41.40 -54.55
C ILE D 230 -8.44 41.33 -53.76
N GLY D 231 -9.59 41.47 -54.43
CA GLY D 231 -10.88 41.31 -53.80
C GLY D 231 -11.50 39.97 -54.07
N ARG D 232 -11.03 39.29 -55.11
CA ARG D 232 -11.42 37.92 -55.41
C ARG D 232 -10.48 36.90 -54.77
N ILE D 233 -9.57 37.36 -53.91
CA ILE D 233 -8.69 36.49 -53.14
C ILE D 233 -9.03 36.50 -51.67
N ALA D 234 -9.42 37.66 -51.12
CA ALA D 234 -9.87 37.76 -49.74
C ALA D 234 -11.26 37.18 -49.53
N SER D 235 -12.00 36.89 -50.61
CA SER D 235 -13.31 36.25 -50.50
C SER D 235 -13.24 34.74 -50.57
N LEU D 236 -12.21 34.19 -51.21
CA LEU D 236 -11.90 32.77 -51.06
C LEU D 236 -11.04 32.50 -49.83
N ALA D 237 -10.80 33.52 -49.00
CA ALA D 237 -10.19 33.37 -47.69
C ALA D 237 -11.22 33.43 -46.57
N SER D 238 -12.02 34.49 -46.54
CA SER D 238 -13.05 34.62 -45.51
C SER D 238 -14.29 33.79 -45.86
N GLY D 239 -14.75 33.90 -47.11
CA GLY D 239 -15.97 33.22 -47.53
C GLY D 239 -15.78 31.76 -47.85
N VAL D 240 -15.05 31.04 -46.99
CA VAL D 240 -14.87 29.60 -47.11
C VAL D 240 -15.75 28.94 -46.06
N GLU D 241 -16.22 27.73 -46.36
CA GLU D 241 -16.91 26.92 -45.38
C GLU D 241 -16.00 26.64 -44.18
N ASN D 242 -16.33 27.21 -43.02
CA ASN D 242 -15.59 26.96 -41.79
C ASN D 242 -15.82 25.53 -41.32
N GLU D 243 -15.29 24.57 -42.08
CA GLU D 243 -15.61 23.16 -41.84
C GLU D 243 -14.79 22.60 -40.69
N LYS D 244 -15.36 21.61 -40.02
CA LYS D 244 -14.78 21.07 -38.79
C LYS D 244 -13.44 20.40 -39.07
N THR D 245 -12.64 20.29 -38.02
CA THR D 245 -11.35 19.62 -38.09
C THR D 245 -11.56 18.11 -38.14
N PRO D 246 -10.50 17.33 -38.40
CA PRO D 246 -10.63 15.87 -38.23
C PRO D 246 -10.88 15.48 -36.78
N ILE D 247 -10.48 16.32 -35.82
CA ILE D 247 -10.67 15.99 -34.41
C ILE D 247 -12.08 16.36 -33.95
N ALA D 248 -12.64 17.46 -34.48
CA ALA D 248 -14.02 17.80 -34.17
C ALA D 248 -15.00 16.82 -34.79
N ILE D 249 -14.59 16.13 -35.85
CA ILE D 249 -15.43 15.08 -36.43
C ILE D 249 -15.46 13.86 -35.50
N GLU D 250 -14.28 13.41 -35.07
CA GLU D 250 -14.23 12.29 -34.12
C GLU D 250 -14.86 12.67 -32.79
N ILE D 251 -14.86 13.95 -32.44
CA ILE D 251 -15.50 14.37 -31.21
C ILE D 251 -17.02 14.22 -31.32
N GLU D 252 -17.57 14.51 -32.51
CA GLU D 252 -18.99 14.38 -32.73
C GLU D 252 -19.38 13.10 -33.47
N HIS D 253 -18.51 12.09 -33.47
CA HIS D 253 -18.96 10.72 -33.69
C HIS D 253 -19.13 9.95 -32.38
N PHE D 254 -18.19 10.10 -31.45
CA PHE D 254 -18.35 9.44 -30.16
C PHE D 254 -19.42 10.14 -29.32
N VAL D 255 -19.61 11.44 -29.51
CA VAL D 255 -20.69 12.15 -28.82
C VAL D 255 -22.03 11.54 -29.19
N ASP D 256 -22.22 11.22 -30.47
CA ASP D 256 -23.50 10.68 -30.91
C ASP D 256 -23.75 9.26 -30.39
N ILE D 257 -22.72 8.58 -29.89
CA ILE D 257 -22.93 7.25 -29.31
C ILE D 257 -23.13 7.33 -27.80
N ILE D 258 -22.49 8.29 -27.13
CA ILE D 258 -22.68 8.43 -25.68
C ILE D 258 -24.01 9.11 -25.38
N ALA D 259 -24.29 10.23 -26.05
CA ALA D 259 -25.63 10.80 -25.97
C ALA D 259 -26.67 9.78 -26.43
N GLY D 260 -26.31 8.95 -27.41
CA GLY D 260 -27.19 7.88 -27.86
C GLY D 260 -27.43 6.82 -26.81
N LEU D 261 -26.37 6.16 -26.33
CA LEU D 261 -26.57 5.07 -25.38
C LEU D 261 -27.03 5.55 -24.01
N ALA D 262 -26.75 6.80 -23.65
CA ALA D 262 -27.33 7.35 -22.43
C ALA D 262 -28.83 7.61 -22.56
N ILE D 263 -29.38 7.45 -23.76
CA ILE D 263 -30.82 7.57 -23.97
C ILE D 263 -31.46 6.20 -24.18
N LEU D 264 -30.74 5.22 -24.72
CA LEU D 264 -31.24 3.84 -24.72
C LEU D 264 -31.40 3.34 -23.28
N PHE D 265 -30.30 3.31 -22.52
CA PHE D 265 -30.36 2.87 -21.13
C PHE D 265 -31.39 3.67 -20.34
N GLY D 266 -31.46 4.98 -20.59
CA GLY D 266 -32.39 5.84 -19.87
C GLY D 266 -33.84 5.44 -19.99
N ALA D 267 -34.39 5.54 -21.19
CA ALA D 267 -35.82 5.37 -21.39
C ALA D 267 -36.30 3.93 -21.24
N THR D 268 -35.49 2.95 -21.63
CA THR D 268 -35.89 1.56 -21.43
C THR D 268 -36.11 1.27 -19.94
N PHE D 269 -35.45 2.01 -19.05
CA PHE D 269 -35.68 1.84 -17.63
C PHE D 269 -36.58 2.90 -17.02
N PHE D 270 -36.76 4.04 -17.69
CA PHE D 270 -37.95 4.84 -17.42
C PHE D 270 -39.20 4.05 -17.74
N ILE D 271 -39.13 3.19 -18.77
CA ILE D 271 -40.24 2.31 -19.10
C ILE D 271 -40.38 1.21 -18.05
N VAL D 272 -39.26 0.54 -17.73
CA VAL D 272 -39.28 -0.48 -16.68
C VAL D 272 -39.77 0.12 -15.37
N ALA D 273 -39.40 1.38 -15.10
CA ALA D 273 -39.84 2.04 -13.87
C ALA D 273 -41.35 2.09 -13.80
N MET D 274 -42.01 2.48 -14.90
CA MET D 274 -43.47 2.49 -14.95
C MET D 274 -44.03 1.07 -14.82
N CYS D 275 -43.43 0.14 -15.54
CA CYS D 275 -43.96 -1.22 -15.60
C CYS D 275 -44.07 -2.01 -14.30
N ILE D 276 -43.10 -1.83 -13.40
CA ILE D 276 -43.05 -2.64 -12.20
C ILE D 276 -43.47 -1.60 -11.16
N GLY D 277 -44.29 -0.63 -11.58
CA GLY D 277 -45.13 0.10 -10.64
C GLY D 277 -44.57 1.31 -9.93
N TYR D 278 -43.61 2.02 -10.50
CA TYR D 278 -43.23 3.31 -9.95
C TYR D 278 -44.14 4.40 -10.54
N THR D 279 -44.20 5.53 -9.86
CA THR D 279 -44.92 6.67 -10.39
C THR D 279 -44.17 7.25 -11.58
N PHE D 280 -44.82 8.17 -12.30
CA PHE D 280 -44.13 8.88 -13.37
C PHE D 280 -43.10 9.83 -12.79
N LEU D 281 -43.48 10.59 -11.75
CA LEU D 281 -42.59 11.61 -11.22
C LEU D 281 -41.28 11.01 -10.72
N ARG D 282 -41.34 9.83 -10.10
CA ARG D 282 -40.12 9.10 -9.79
C ARG D 282 -39.48 8.52 -11.04
N ALA D 283 -40.27 7.88 -11.92
CA ALA D 283 -39.72 7.32 -13.16
C ALA D 283 -38.93 8.37 -13.92
N MET D 284 -39.48 9.58 -13.98
CA MET D 284 -38.74 10.71 -14.55
C MET D 284 -37.45 10.96 -13.78
N VAL D 285 -37.49 10.81 -12.45
CA VAL D 285 -36.29 11.01 -11.65
C VAL D 285 -35.22 9.98 -12.01
N PHE D 286 -35.64 8.73 -12.26
CA PHE D 286 -34.65 7.69 -12.57
C PHE D 286 -33.94 7.98 -13.88
N PHE D 287 -34.69 8.42 -14.90
CA PHE D 287 -34.09 8.90 -16.15
C PHE D 287 -32.89 9.79 -15.88
N MET D 288 -33.15 10.90 -15.19
CA MET D 288 -32.11 11.86 -14.83
C MET D 288 -30.87 11.16 -14.27
N ALA D 289 -31.07 10.30 -13.28
CA ALA D 289 -29.94 9.66 -12.62
C ALA D 289 -29.23 8.70 -13.58
N ILE D 290 -30.00 7.92 -14.33
CA ILE D 290 -29.41 6.99 -15.29
C ILE D 290 -28.55 7.74 -16.27
N VAL D 291 -29.01 8.91 -16.72
CA VAL D 291 -28.20 9.76 -17.59
C VAL D 291 -26.96 10.24 -16.84
N VAL D 292 -27.15 10.79 -15.65
CA VAL D 292 -26.05 11.41 -14.90
C VAL D 292 -24.94 10.40 -14.63
N ALA D 293 -25.29 9.14 -14.42
CA ALA D 293 -24.27 8.13 -14.14
C ALA D 293 -23.55 7.70 -15.42
N TYR D 294 -24.29 7.49 -16.51
CA TYR D 294 -23.66 7.05 -17.75
C TYR D 294 -22.89 8.18 -18.41
N VAL D 295 -23.47 9.37 -18.43
CA VAL D 295 -22.80 10.50 -19.09
C VAL D 295 -21.45 10.75 -18.42
N PRO D 296 -20.36 10.80 -19.17
CA PRO D 296 -19.10 11.28 -18.58
C PRO D 296 -19.12 12.79 -18.47
N GLU D 297 -19.44 13.31 -17.28
CA GLU D 297 -19.69 14.74 -17.13
C GLU D 297 -18.51 15.56 -17.62
N GLY D 298 -17.29 15.15 -17.27
CA GLY D 298 -16.14 15.96 -17.60
C GLY D 298 -15.18 15.30 -18.56
N LEU D 299 -15.69 14.56 -19.54
CA LEU D 299 -14.82 13.99 -20.55
C LEU D 299 -14.29 15.07 -21.49
N LEU D 300 -15.16 16.00 -21.91
CA LEU D 300 -14.73 17.05 -22.81
C LEU D 300 -13.66 17.94 -22.17
N ALA D 301 -13.71 18.11 -20.85
CA ALA D 301 -12.66 18.87 -20.17
C ALA D 301 -11.31 18.19 -20.30
N THR D 302 -11.28 16.85 -20.18
CA THR D 302 -10.03 16.12 -20.28
C THR D 302 -9.46 16.17 -21.70
N VAL D 303 -10.32 16.19 -22.71
CA VAL D 303 -9.85 16.28 -24.08
C VAL D 303 -9.14 17.60 -24.32
N THR D 304 -9.82 18.71 -24.00
CA THR D 304 -9.26 20.03 -24.28
C THR D 304 -7.99 20.26 -23.48
N VAL D 305 -7.94 19.75 -22.25
CA VAL D 305 -6.72 19.82 -21.46
C VAL D 305 -5.60 19.04 -22.15
N CYS D 306 -5.93 17.84 -22.66
CA CYS D 306 -4.93 17.02 -23.33
C CYS D 306 -4.38 17.72 -24.57
N LEU D 307 -5.21 18.50 -25.27
CA LEU D 307 -4.70 19.31 -26.36
C LEU D 307 -3.92 20.50 -25.83
N SER D 308 -4.30 21.02 -24.66
CA SER D 308 -3.57 22.11 -24.03
C SER D 308 -2.16 21.73 -23.62
N LEU D 309 -1.80 20.45 -23.70
CA LEU D 309 -0.45 20.00 -23.40
C LEU D 309 0.31 19.50 -24.62
N THR D 310 -0.38 19.22 -25.73
CA THR D 310 0.30 19.01 -26.99
C THR D 310 0.65 20.35 -27.65
N ALA D 311 -0.12 21.39 -27.36
CA ALA D 311 0.13 22.72 -27.90
C ALA D 311 1.17 23.50 -27.11
N LYS D 312 1.44 23.11 -25.86
CA LYS D 312 2.57 23.68 -25.13
C LYS D 312 3.86 22.94 -25.43
N ARG D 313 3.77 21.66 -25.80
CA ARG D 313 4.95 20.91 -26.19
C ARG D 313 5.38 21.23 -27.61
N LEU D 314 4.45 21.65 -28.47
CA LEU D 314 4.83 22.07 -29.81
C LEU D 314 5.31 23.52 -29.82
N ALA D 315 4.79 24.36 -28.93
CA ALA D 315 5.22 25.75 -28.88
C ALA D 315 6.67 25.87 -28.44
N SER D 316 7.19 24.87 -27.73
CA SER D 316 8.58 24.93 -27.29
C SER D 316 9.54 24.67 -28.45
N LYS D 317 9.10 23.92 -29.47
CA LYS D 317 9.85 23.81 -30.71
C LYS D 317 9.43 24.96 -31.63
N ASN D 318 9.03 26.07 -31.01
CA ASN D 318 8.55 27.26 -31.70
C ASN D 318 7.59 26.92 -32.83
N CYS D 319 6.43 26.40 -32.44
CA CYS D 319 5.34 26.08 -33.37
C CYS D 319 4.04 26.36 -32.62
N VAL D 320 3.38 27.48 -32.95
CA VAL D 320 2.30 28.03 -32.13
C VAL D 320 0.96 27.81 -32.81
N VAL D 321 -0.04 27.44 -32.03
CA VAL D 321 -1.37 27.08 -32.51
C VAL D 321 -2.35 28.19 -32.16
N LYS D 322 -3.37 28.35 -33.00
CA LYS D 322 -4.43 29.33 -32.77
C LYS D 322 -5.67 28.67 -32.19
N ASN D 323 -6.20 27.66 -32.86
CA ASN D 323 -7.26 26.82 -32.30
C ASN D 323 -6.69 25.42 -32.08
N LEU D 324 -6.83 24.91 -30.85
CA LEU D 324 -6.17 23.67 -30.46
C LEU D 324 -6.43 22.53 -31.44
N GLU D 325 -7.59 22.54 -32.10
CA GLU D 325 -7.96 21.47 -33.03
C GLU D 325 -6.89 21.22 -34.08
N ALA D 326 -6.00 22.20 -34.32
CA ALA D 326 -4.92 22.00 -35.26
C ALA D 326 -3.84 21.09 -34.69
N VAL D 327 -3.63 21.12 -33.37
CA VAL D 327 -2.50 20.45 -32.73
C VAL D 327 -2.50 18.94 -32.98
N GLU D 328 -3.55 18.40 -33.58
CA GLU D 328 -3.57 17.02 -34.03
C GLU D 328 -3.34 16.88 -35.52
N THR D 329 -3.87 17.81 -36.31
CA THR D 329 -4.20 17.54 -37.71
C THR D 329 -3.01 17.03 -38.51
N LEU D 330 -1.78 17.44 -38.15
CA LEU D 330 -0.62 17.06 -38.96
C LEU D 330 -0.32 15.57 -38.87
N GLY D 331 -0.64 14.92 -37.74
CA GLY D 331 -0.37 13.50 -37.60
C GLY D 331 -1.25 12.66 -38.50
N SER D 332 -2.53 13.02 -38.61
CA SER D 332 -3.43 12.30 -39.49
C SER D 332 -3.25 12.70 -40.95
N THR D 333 -2.67 13.88 -41.18
CA THR D 333 -2.61 14.47 -42.51
C THR D 333 -2.01 13.51 -43.53
N SER D 334 -2.62 13.47 -44.71
CA SER D 334 -2.18 12.58 -45.77
C SER D 334 -1.51 13.29 -46.94
N VAL D 335 -1.76 14.58 -47.12
CA VAL D 335 -1.26 15.33 -48.27
C VAL D 335 -0.79 16.70 -47.81
N ILE D 336 0.49 16.99 -47.99
CA ILE D 336 1.01 18.35 -47.82
C ILE D 336 0.98 19.05 -49.17
N CYS D 337 0.34 20.21 -49.21
CA CYS D 337 0.52 21.17 -50.29
C CYS D 337 1.47 22.26 -49.82
N SER D 338 2.25 22.79 -50.74
CA SER D 338 3.32 23.68 -50.31
C SER D 338 3.65 24.72 -51.36
N ASP D 339 3.95 25.92 -50.88
CA ASP D 339 4.48 27.04 -51.64
C ASP D 339 5.99 26.88 -51.81
N LYS D 340 6.53 27.54 -52.84
CA LYS D 340 7.98 27.54 -53.06
C LYS D 340 8.67 28.76 -52.47
N THR D 341 8.13 29.96 -52.68
CA THR D 341 8.76 31.16 -52.13
C THR D 341 8.57 31.23 -50.61
N GLY D 342 9.67 31.50 -49.88
CA GLY D 342 9.72 31.66 -48.43
C GLY D 342 8.88 30.63 -47.67
N THR D 343 8.69 29.45 -48.27
CA THR D 343 8.22 28.28 -47.53
C THR D 343 9.26 27.18 -47.63
N LEU D 344 9.45 26.59 -48.80
CA LEU D 344 10.55 25.66 -49.01
C LEU D 344 11.89 26.38 -49.16
N THR D 345 11.86 27.62 -49.64
CA THR D 345 13.07 28.38 -49.98
C THR D 345 13.23 29.57 -49.04
N GLN D 346 14.27 30.38 -49.30
CA GLN D 346 14.73 31.41 -48.38
C GLN D 346 14.26 32.82 -48.73
N ASN D 347 13.53 32.99 -49.84
CA ASN D 347 13.11 34.32 -50.30
C ASN D 347 14.30 35.26 -50.43
N ARG D 348 15.34 34.76 -51.12
CA ARG D 348 16.61 35.48 -51.16
C ARG D 348 17.46 34.87 -52.26
N MET D 349 17.57 35.57 -53.39
CA MET D 349 18.45 35.13 -54.46
C MET D 349 19.86 34.93 -53.92
N THR D 350 20.44 33.77 -54.22
CA THR D 350 21.72 33.39 -53.66
C THR D 350 22.52 32.61 -54.71
N VAL D 351 23.84 32.84 -54.72
CA VAL D 351 24.70 32.28 -55.76
C VAL D 351 24.76 30.76 -55.65
N SER D 352 24.67 30.09 -56.79
CA SER D 352 24.40 28.64 -56.84
C SER D 352 25.47 27.84 -57.55
N HIS D 353 25.84 28.20 -58.79
CA HIS D 353 26.79 27.43 -59.58
C HIS D 353 27.73 28.36 -60.32
N LEU D 354 28.94 27.87 -60.63
CA LEU D 354 29.96 28.65 -61.31
C LEU D 354 30.67 27.79 -62.35
N TRP D 355 31.04 28.41 -63.48
CA TRP D 355 31.65 27.71 -64.61
C TRP D 355 33.05 28.26 -64.88
N PHE D 356 34.06 27.46 -64.56
CA PHE D 356 35.43 27.73 -64.97
C PHE D 356 36.21 26.43 -64.90
N ASP D 357 37.36 26.42 -65.59
CA ASP D 357 38.16 25.20 -65.77
C ASP D 357 37.35 24.09 -66.43
N ASN D 358 36.41 24.49 -67.30
CA ASN D 358 35.36 23.65 -67.84
C ASN D 358 34.83 22.66 -66.82
N HIS D 359 34.16 23.16 -65.78
CA HIS D 359 33.43 22.33 -64.86
C HIS D 359 32.44 23.22 -64.10
N ILE D 360 31.27 22.67 -63.81
CA ILE D 360 30.28 23.37 -63.00
C ILE D 360 30.59 23.09 -61.53
N HIS D 361 30.78 24.17 -60.75
CA HIS D 361 31.11 24.08 -59.34
C HIS D 361 29.89 24.49 -58.52
N SER D 362 29.57 23.70 -57.49
CA SER D 362 28.36 23.86 -56.71
C SER D 362 28.67 24.58 -55.40
N ALA D 363 28.09 25.76 -55.23
CA ALA D 363 28.29 26.55 -54.02
C ALA D 363 27.28 26.17 -52.95
N ASP D 364 27.49 26.69 -51.74
CA ASP D 364 26.61 26.43 -50.61
C ASP D 364 25.51 27.47 -50.57
N THR D 365 24.27 27.02 -50.43
CA THR D 365 23.11 27.91 -50.39
C THR D 365 22.49 28.05 -49.01
N THR D 366 22.82 27.16 -48.07
CA THR D 366 22.17 27.15 -46.77
C THR D 366 22.42 28.46 -46.03
N GLU D 367 21.42 28.86 -45.24
CA GLU D 367 21.45 30.17 -44.60
C GLU D 367 22.50 30.23 -43.50
N ASP D 368 22.70 29.14 -42.77
CA ASP D 368 23.68 29.07 -41.70
C ASP D 368 25.05 28.62 -42.18
N GLN D 369 25.20 28.41 -43.49
CA GLN D 369 26.44 27.89 -44.08
C GLN D 369 26.75 26.49 -43.55
N SER D 370 25.85 25.56 -43.87
CA SER D 370 25.98 24.16 -43.48
C SER D 370 26.32 23.23 -44.62
N GLY D 371 25.81 23.51 -45.82
CA GLY D 371 25.96 22.63 -46.97
C GLY D 371 27.37 22.49 -47.52
N GLN D 372 27.46 22.08 -48.78
CA GLN D 372 28.73 21.68 -49.37
C GLN D 372 29.54 22.88 -49.82
N THR D 373 30.86 22.75 -49.71
CA THR D 373 31.81 23.75 -50.13
C THR D 373 32.19 23.56 -51.61
N PHE D 374 32.91 24.54 -52.15
CA PHE D 374 33.35 24.53 -53.54
C PHE D 374 34.84 24.86 -53.62
N ASP D 375 35.42 24.60 -54.79
CA ASP D 375 36.87 24.64 -54.95
C ASP D 375 37.37 26.07 -55.01
N GLN D 376 38.49 26.35 -54.31
CA GLN D 376 39.03 27.71 -54.27
C GLN D 376 40.56 27.81 -54.26
N SER D 377 41.29 26.82 -54.75
CA SER D 377 42.73 26.94 -54.87
C SER D 377 43.17 27.30 -56.28
N SER D 378 42.23 27.43 -57.21
CA SER D 378 42.56 27.69 -58.60
C SER D 378 42.84 29.18 -58.81
N GLU D 379 43.54 29.47 -59.91
CA GLU D 379 43.84 30.84 -60.29
C GLU D 379 42.90 31.36 -61.37
N THR D 380 42.20 30.48 -62.10
CA THR D 380 41.09 30.91 -62.92
C THR D 380 39.87 31.23 -62.07
N TRP D 381 39.80 30.69 -60.85
CA TRP D 381 38.79 31.09 -59.89
C TRP D 381 39.07 32.48 -59.33
N ARG D 382 40.29 32.67 -58.81
CA ARG D 382 40.64 33.94 -58.16
C ARG D 382 40.53 35.12 -59.12
N ALA D 383 40.78 34.90 -60.40
CA ALA D 383 40.60 35.97 -61.38
C ALA D 383 39.13 36.19 -61.71
N LEU D 384 38.36 35.10 -61.82
CA LEU D 384 36.91 35.23 -61.93
C LEU D 384 36.31 35.82 -60.65
N CYS D 385 36.98 35.61 -59.50
CA CYS D 385 36.46 36.09 -58.23
C CYS D 385 36.67 37.58 -58.05
N ARG D 386 37.72 38.15 -58.65
CA ARG D 386 37.94 39.59 -58.55
C ARG D 386 36.96 40.37 -59.41
N VAL D 387 36.55 39.80 -60.55
CA VAL D 387 35.67 40.50 -61.47
C VAL D 387 34.29 40.71 -60.90
N LEU D 388 33.85 39.86 -59.97
CA LEU D 388 32.51 40.00 -59.40
C LEU D 388 32.48 40.82 -58.11
N THR D 389 33.61 40.98 -57.43
CA THR D 389 33.66 41.93 -56.32
C THR D 389 33.86 43.36 -56.81
N LEU D 390 34.64 43.52 -57.88
CA LEU D 390 34.90 44.86 -58.44
C LEU D 390 33.69 45.37 -59.21
N CYS D 391 33.13 44.56 -60.11
CA CYS D 391 31.96 44.96 -60.90
C CYS D 391 30.72 44.77 -60.05
N ASN D 392 30.45 45.78 -59.22
CA ASN D 392 29.32 45.72 -58.30
C ASN D 392 29.04 47.13 -57.81
N ARG D 393 27.76 47.51 -57.80
CA ARG D 393 27.35 48.78 -57.21
C ARG D 393 26.36 48.52 -56.08
N ALA D 394 26.71 47.61 -55.17
CA ALA D 394 25.90 47.29 -54.02
C ALA D 394 26.76 47.38 -52.76
N ALA D 395 26.13 47.72 -51.64
CA ALA D 395 26.86 47.95 -50.40
C ALA D 395 26.00 47.58 -49.20
N PHE D 396 26.59 46.87 -48.24
CA PHE D 396 25.90 46.56 -47.00
C PHE D 396 25.60 47.83 -46.22
N LYS D 397 24.55 47.77 -45.41
CA LYS D 397 24.36 48.78 -44.39
C LYS D 397 25.52 48.73 -43.40
N SER D 398 25.73 49.85 -42.72
CA SER D 398 26.94 50.06 -41.93
C SER D 398 26.82 49.44 -40.54
N GLY D 399 27.90 48.82 -40.09
CA GLY D 399 27.95 48.27 -38.76
C GLY D 399 27.30 46.92 -38.58
N GLN D 400 26.83 46.30 -39.66
CA GLN D 400 26.22 44.97 -39.57
C GLN D 400 27.30 43.93 -39.36
N ASP D 401 28.04 44.05 -38.26
CA ASP D 401 29.21 43.21 -38.03
C ASP D 401 28.82 41.85 -37.45
N ALA D 402 27.76 41.79 -36.65
CA ALA D 402 27.36 40.55 -36.00
C ALA D 402 26.36 39.75 -36.80
N VAL D 403 25.69 40.38 -37.76
CA VAL D 403 24.59 39.73 -38.49
C VAL D 403 25.15 38.60 -39.33
N PRO D 404 24.47 37.45 -39.41
CA PRO D 404 24.83 36.45 -40.43
C PRO D 404 24.69 37.06 -41.82
N VAL D 405 25.68 36.77 -42.66
CA VAL D 405 25.76 37.42 -43.96
C VAL D 405 24.49 37.28 -44.79
N PRO D 406 23.88 36.10 -44.92
CA PRO D 406 22.64 36.01 -45.71
C PRO D 406 21.52 36.91 -45.22
N LYS D 407 21.53 37.30 -43.94
CA LYS D 407 20.45 38.15 -43.43
C LYS D 407 20.65 39.62 -43.74
N ARG D 408 21.88 40.03 -44.08
CA ARG D 408 22.21 41.45 -44.11
C ARG D 408 21.49 42.18 -45.24
N ILE D 409 21.08 43.42 -44.95
CA ILE D 409 20.34 44.25 -45.88
C ILE D 409 21.32 45.06 -46.72
N VAL D 410 21.06 45.15 -48.04
CA VAL D 410 22.02 45.66 -49.00
C VAL D 410 21.36 46.73 -49.87
N ILE D 411 22.09 47.80 -50.17
CA ILE D 411 21.59 48.86 -51.04
C ILE D 411 21.94 48.47 -52.46
N GLY D 412 21.15 47.56 -53.01
CA GLY D 412 21.36 47.11 -54.38
C GLY D 412 20.32 46.06 -54.73
N ASP D 413 20.11 45.90 -56.04
CA ASP D 413 19.09 44.97 -56.50
C ASP D 413 19.50 43.54 -56.18
N ALA D 414 18.53 42.62 -56.31
CA ALA D 414 18.70 41.26 -55.82
C ALA D 414 19.92 40.59 -56.44
N SER D 415 20.17 40.83 -57.73
CA SER D 415 21.33 40.22 -58.39
C SER D 415 22.63 40.78 -57.82
N GLU D 416 22.77 42.10 -57.80
CA GLU D 416 23.98 42.71 -57.24
C GLU D 416 24.02 42.61 -55.72
N THR D 417 22.92 42.25 -55.08
CA THR D 417 22.91 41.90 -53.66
C THR D 417 23.28 40.44 -53.43
N ALA D 418 22.86 39.55 -54.33
CA ALA D 418 23.20 38.14 -54.19
C ALA D 418 24.68 37.89 -54.42
N LEU D 419 25.28 38.61 -55.37
CA LEU D 419 26.72 38.46 -55.59
C LEU D 419 27.52 39.09 -54.45
N LEU D 420 27.03 40.20 -53.90
CA LEU D 420 27.74 40.82 -52.79
C LEU D 420 27.57 40.03 -51.51
N LYS D 421 26.44 39.33 -51.34
CA LYS D 421 26.26 38.45 -50.19
C LYS D 421 27.13 37.20 -50.29
N PHE D 422 27.55 36.82 -51.51
CA PHE D 422 28.47 35.71 -51.71
C PHE D 422 29.93 36.12 -51.56
N SER D 423 30.24 37.40 -51.76
CA SER D 423 31.61 37.87 -51.63
C SER D 423 32.03 38.02 -50.17
N GLU D 424 31.09 38.30 -49.27
CA GLU D 424 31.40 38.44 -47.86
C GLU D 424 31.55 37.10 -47.17
N LEU D 425 30.97 36.04 -47.73
CA LEU D 425 31.02 34.72 -47.10
C LEU D 425 32.32 34.00 -47.39
N THR D 426 32.81 34.07 -48.62
CA THR D 426 34.03 33.37 -48.98
C THR D 426 35.27 34.19 -48.63
N LEU D 427 35.29 35.46 -49.00
CA LEU D 427 36.38 36.35 -48.64
C LEU D 427 36.23 36.79 -47.19
N GLY D 428 37.17 37.62 -46.73
CA GLY D 428 37.07 38.22 -45.41
C GLY D 428 36.15 39.41 -45.41
N ASN D 429 36.29 40.28 -46.42
CA ASN D 429 35.49 41.50 -46.52
C ASN D 429 35.44 41.91 -47.98
N ALA D 430 34.24 42.22 -48.47
CA ALA D 430 34.05 42.64 -49.85
C ALA D 430 33.96 44.16 -50.01
N MET D 431 33.66 44.89 -48.93
CA MET D 431 33.81 46.33 -48.97
C MET D 431 35.28 46.73 -48.83
N GLY D 432 35.97 46.16 -47.83
CA GLY D 432 37.38 46.43 -47.66
C GLY D 432 38.25 45.86 -48.77
N TYR D 433 37.72 44.95 -49.57
CA TYR D 433 38.41 44.46 -50.76
C TYR D 433 38.16 45.37 -51.96
N ARG D 434 37.03 46.07 -51.98
CA ARG D 434 36.71 47.03 -53.00
C ARG D 434 37.23 48.42 -52.69
N GLU D 435 37.59 48.68 -51.42
CA GLU D 435 38.24 49.94 -51.06
C GLU D 435 39.62 50.05 -51.69
N ARG D 436 40.36 48.95 -51.70
CA ARG D 436 41.77 48.94 -52.07
C ARG D 436 42.01 48.76 -53.56
N PHE D 437 40.96 48.58 -54.37
CA PHE D 437 41.06 48.60 -55.82
C PHE D 437 40.29 49.81 -56.36
N PRO D 438 40.87 51.01 -56.32
CA PRO D 438 40.10 52.23 -56.58
C PRO D 438 39.42 52.23 -57.96
N LYS D 439 38.18 52.70 -57.97
CA LYS D 439 37.39 52.82 -59.19
C LYS D 439 37.71 54.14 -59.91
N VAL D 440 37.99 54.07 -61.20
CA VAL D 440 38.27 55.27 -61.97
C VAL D 440 37.25 55.43 -63.10
N CYS D 441 36.75 54.32 -63.62
CA CYS D 441 35.73 54.35 -64.67
C CYS D 441 34.59 53.41 -64.29
N GLU D 442 33.41 53.71 -64.84
CA GLU D 442 32.23 52.92 -64.53
C GLU D 442 31.13 53.20 -65.55
N ILE D 443 30.48 52.13 -65.99
CA ILE D 443 29.23 52.23 -66.73
C ILE D 443 28.17 51.48 -65.93
N PRO D 444 27.25 52.16 -65.25
CA PRO D 444 26.17 51.45 -64.56
C PRO D 444 25.36 50.63 -65.56
N PHE D 445 24.74 49.55 -65.05
CA PHE D 445 24.08 48.60 -65.93
C PHE D 445 23.04 49.30 -66.80
N ASN D 446 22.96 48.89 -68.07
CA ASN D 446 22.44 49.75 -69.12
C ASN D 446 21.48 48.97 -70.02
N SER D 447 20.76 49.73 -70.85
CA SER D 447 19.84 49.15 -71.83
C SER D 447 20.43 49.07 -73.22
N THR D 448 21.31 50.01 -73.57
CA THR D 448 21.91 50.05 -74.90
C THR D 448 23.19 49.22 -74.97
N ASN D 449 24.13 49.47 -74.06
CA ASN D 449 25.34 48.63 -74.00
C ASN D 449 24.98 47.20 -73.60
N LYS D 450 24.00 47.05 -72.70
CA LYS D 450 23.51 45.75 -72.23
C LYS D 450 24.58 45.02 -71.41
N PHE D 451 25.17 45.75 -70.46
CA PHE D 451 26.11 45.22 -69.46
C PHE D 451 26.47 46.37 -68.52
N GLN D 452 27.10 46.01 -67.39
CA GLN D 452 27.78 46.97 -66.54
C GLN D 452 29.29 46.88 -66.80
N LEU D 453 29.96 48.02 -66.67
CA LEU D 453 31.41 48.08 -66.81
C LEU D 453 32.00 48.91 -65.68
N SER D 454 33.26 48.64 -65.39
CA SER D 454 34.05 49.45 -64.48
C SER D 454 35.52 49.14 -64.75
N ILE D 455 36.38 50.11 -64.48
CA ILE D 455 37.82 49.97 -64.69
C ILE D 455 38.53 50.46 -63.45
N HIS D 456 39.47 49.66 -62.94
CA HIS D 456 40.04 49.88 -61.61
C HIS D 456 41.55 49.96 -61.66
N THR D 457 42.12 50.81 -60.82
CA THR D 457 43.52 50.68 -60.46
C THR D 457 43.67 49.54 -59.45
N LEU D 458 44.89 49.01 -59.34
CA LEU D 458 45.17 47.89 -58.47
C LEU D 458 45.92 48.34 -57.22
N GLU D 459 45.93 47.48 -56.20
CA GLU D 459 46.52 47.84 -54.92
C GLU D 459 48.03 47.70 -54.92
N ASP D 460 48.56 46.72 -55.66
CA ASP D 460 49.99 46.43 -55.69
C ASP D 460 50.77 47.70 -56.05
N PRO D 461 51.69 48.16 -55.19
CA PRO D 461 52.31 49.47 -55.39
C PRO D 461 53.34 49.52 -56.51
N ARG D 462 53.71 48.39 -57.11
CA ARG D 462 54.69 48.35 -58.18
C ARG D 462 54.06 48.38 -59.57
N ASP D 463 52.98 47.64 -59.77
CA ASP D 463 52.36 47.50 -61.08
C ASP D 463 51.53 48.73 -61.41
N PRO D 464 51.71 49.32 -62.60
CA PRO D 464 50.98 50.53 -63.00
C PRO D 464 49.71 50.31 -63.84
N ARG D 465 49.30 49.07 -64.03
CA ARG D 465 48.15 48.74 -64.87
C ARG D 465 46.73 48.90 -64.32
N HIS D 466 45.80 49.17 -65.23
CA HIS D 466 44.37 49.19 -64.94
C HIS D 466 43.78 47.81 -65.19
N VAL D 467 42.60 47.58 -64.60
CA VAL D 467 41.82 46.37 -64.87
C VAL D 467 40.44 46.78 -65.35
N LEU D 468 40.12 46.41 -66.59
CA LEU D 468 38.77 46.54 -67.09
C LEU D 468 37.99 45.32 -66.62
N VAL D 469 36.80 45.56 -66.06
CA VAL D 469 35.92 44.48 -65.62
C VAL D 469 34.52 44.77 -66.13
N MET D 470 33.74 43.69 -66.34
CA MET D 470 32.46 43.79 -67.00
C MET D 470 31.60 42.60 -66.62
N LYS D 471 30.28 42.82 -66.57
CA LYS D 471 29.33 41.75 -66.31
C LYS D 471 28.04 42.03 -67.07
N GLY D 472 27.41 40.95 -67.56
CA GLY D 472 26.20 41.10 -68.33
C GLY D 472 25.69 39.75 -68.80
N ALA D 473 24.73 39.82 -69.74
CA ALA D 473 24.05 38.63 -70.24
C ALA D 473 25.03 37.76 -71.02
N PRO D 474 24.81 36.43 -71.04
CA PRO D 474 25.91 35.52 -71.41
C PRO D 474 26.36 35.64 -72.86
N GLU D 475 25.48 35.51 -73.84
CA GLU D 475 25.92 35.67 -75.22
C GLU D 475 26.02 37.13 -75.65
N ARG D 476 25.85 38.07 -74.72
CA ARG D 476 26.25 39.45 -74.92
C ARG D 476 27.55 39.79 -74.20
N VAL D 477 28.17 38.80 -73.55
CA VAL D 477 29.52 38.91 -73.05
C VAL D 477 30.50 38.06 -73.87
N LEU D 478 30.04 36.95 -74.45
CA LEU D 478 30.91 36.08 -75.23
C LEU D 478 31.18 36.63 -76.63
N GLU D 479 30.21 37.32 -77.23
CA GLU D 479 30.38 37.86 -78.57
C GLU D 479 31.28 39.09 -78.60
N ARG D 480 31.78 39.54 -77.46
CA ARG D 480 32.81 40.58 -77.40
C ARG D 480 34.17 40.06 -76.98
N CYS D 481 34.22 38.85 -76.41
CA CYS D 481 35.46 38.26 -75.93
C CYS D 481 36.11 37.39 -77.00
N SER D 482 37.44 37.37 -77.01
CA SER D 482 38.19 36.51 -77.91
C SER D 482 39.25 35.67 -77.22
N SER D 483 39.36 35.74 -75.89
CA SER D 483 40.28 34.91 -75.13
C SER D 483 39.63 34.59 -73.78
N ILE D 484 40.17 33.57 -73.12
CA ILE D 484 39.55 33.03 -71.92
C ILE D 484 40.60 32.24 -71.14
N LEU D 485 40.61 32.44 -69.83
CA LEU D 485 41.56 31.75 -68.95
C LEU D 485 41.09 30.31 -68.75
N ILE D 486 41.96 29.35 -69.05
CA ILE D 486 41.67 27.93 -68.87
C ILE D 486 42.76 27.34 -67.99
N LYS D 487 42.39 26.96 -66.77
CA LYS D 487 43.23 26.24 -65.81
C LYS D 487 44.50 26.97 -65.44
N GLY D 488 44.64 28.25 -65.79
CA GLY D 488 45.81 29.01 -65.39
C GLY D 488 46.51 29.73 -66.52
N GLN D 489 45.93 29.66 -67.72
CA GLN D 489 46.50 30.27 -68.90
C GLN D 489 45.57 31.34 -69.45
N GLU D 490 45.58 31.57 -70.76
CA GLU D 490 44.70 32.56 -71.38
C GLU D 490 44.50 32.16 -72.85
N LEU D 491 43.80 31.05 -73.04
CA LEU D 491 43.56 30.52 -74.38
C LEU D 491 42.59 31.43 -75.13
N PRO D 492 42.80 31.63 -76.43
CA PRO D 492 41.84 32.40 -77.22
C PRO D 492 40.54 31.63 -77.39
N LEU D 493 39.55 32.32 -77.96
CA LEU D 493 38.19 31.79 -78.07
C LEU D 493 37.96 31.27 -79.48
N ASP D 494 38.22 29.98 -79.66
CA ASP D 494 37.96 29.30 -80.93
C ASP D 494 36.58 28.66 -80.88
N GLU D 495 36.28 27.81 -81.87
CA GLU D 495 34.96 27.21 -81.97
C GLU D 495 34.78 25.99 -81.07
N GLN D 496 35.80 25.63 -80.28
CA GLN D 496 35.64 24.62 -79.24
C GLN D 496 35.65 25.21 -77.84
N TRP D 497 35.77 26.54 -77.71
CA TRP D 497 35.41 27.24 -76.49
C TRP D 497 34.18 28.13 -76.66
N ARG D 498 33.66 28.27 -77.88
CA ARG D 498 32.41 29.01 -78.11
C ARG D 498 31.19 28.10 -78.13
N GLU D 499 31.37 26.79 -78.09
CA GLU D 499 30.28 25.85 -77.87
C GLU D 499 30.35 25.18 -76.51
N ALA D 500 31.55 25.00 -75.96
CA ALA D 500 31.68 24.56 -74.58
C ALA D 500 31.11 25.59 -73.61
N PHE D 501 31.04 26.87 -74.02
CA PHE D 501 30.31 27.87 -73.25
C PHE D 501 28.81 27.72 -73.45
N GLN D 502 28.38 27.36 -74.66
CA GLN D 502 26.97 27.40 -75.03
C GLN D 502 26.20 26.18 -74.52
N THR D 503 26.88 25.17 -74.00
CA THR D 503 26.19 24.05 -73.36
C THR D 503 26.10 24.21 -71.85
N ALA D 504 27.08 24.84 -71.23
CA ALA D 504 27.03 25.18 -69.81
C ALA D 504 26.32 26.52 -69.55
N TYR D 505 25.77 27.14 -70.59
CA TYR D 505 24.82 28.24 -70.44
C TYR D 505 23.38 27.75 -70.58
N LEU D 506 23.14 26.80 -71.49
CA LEU D 506 21.82 26.20 -71.67
C LEU D 506 21.60 24.98 -70.80
N SER D 507 22.43 24.78 -69.77
CA SER D 507 22.16 23.77 -68.75
C SER D 507 22.45 24.27 -67.34
N LEU D 508 22.64 25.59 -67.19
CA LEU D 508 22.38 26.27 -65.92
C LEU D 508 21.05 27.01 -65.93
N GLY D 509 20.64 27.52 -67.09
CA GLY D 509 19.25 27.87 -67.30
C GLY D 509 18.35 26.68 -67.45
N GLY D 510 18.92 25.48 -67.53
CA GLY D 510 18.24 24.21 -67.45
C GLY D 510 18.08 23.70 -66.03
N LEU D 511 18.48 24.49 -65.04
CA LEU D 511 18.17 24.23 -63.64
C LEU D 511 17.36 25.37 -63.03
N GLY D 512 16.79 26.23 -63.87
CA GLY D 512 15.99 27.35 -63.42
C GLY D 512 16.80 28.44 -62.72
N GLU D 513 17.92 28.85 -63.32
CA GLU D 513 18.83 29.79 -62.69
C GLU D 513 19.16 30.93 -63.66
N ARG D 514 19.30 32.13 -63.11
CA ARG D 514 19.49 33.36 -63.87
C ARG D 514 20.98 33.63 -64.00
N VAL D 515 21.52 33.40 -65.20
CA VAL D 515 22.97 33.31 -65.41
C VAL D 515 23.54 34.68 -65.75
N LEU D 516 24.86 34.82 -65.53
CA LEU D 516 25.60 36.04 -65.84
C LEU D 516 26.97 35.69 -66.41
N GLY D 517 27.48 36.57 -67.26
CA GLY D 517 28.83 36.44 -67.81
C GLY D 517 29.73 37.51 -67.22
N PHE D 518 30.98 37.11 -66.93
CA PHE D 518 31.95 37.99 -66.30
C PHE D 518 33.25 37.94 -67.09
N CYS D 519 33.77 39.11 -67.47
CA CYS D 519 34.98 39.19 -68.28
C CYS D 519 35.87 40.31 -67.77
N GLN D 520 37.15 40.24 -68.14
CA GLN D 520 38.16 41.16 -67.67
C GLN D 520 39.06 41.60 -68.82
N LEU D 521 39.82 42.65 -68.56
CA LEU D 521 40.96 43.05 -69.37
C LEU D 521 41.88 43.89 -68.49
N TYR D 522 43.16 43.93 -68.86
CA TYR D 522 44.18 44.63 -68.07
C TYR D 522 44.91 45.60 -69.01
N LEU D 523 44.42 46.83 -69.08
CA LEU D 523 45.03 47.85 -69.94
C LEU D 523 46.37 48.27 -69.34
N SER D 524 47.44 48.14 -70.14
CA SER D 524 48.80 48.36 -69.65
C SER D 524 49.13 49.84 -69.56
N GLU D 525 50.23 50.14 -68.89
CA GLU D 525 50.67 51.52 -68.70
C GLU D 525 51.24 52.14 -69.97
N LYS D 526 51.45 51.34 -71.02
CA LYS D 526 52.02 51.87 -72.26
C LYS D 526 50.99 52.69 -73.03
N ASP D 527 49.88 52.05 -73.42
CA ASP D 527 48.81 52.77 -74.12
C ASP D 527 47.92 53.57 -73.18
N TYR D 528 48.00 53.35 -71.87
CA TYR D 528 47.09 53.97 -70.90
C TYR D 528 47.86 54.30 -69.63
N PRO D 529 48.31 55.55 -69.48
CA PRO D 529 49.26 55.89 -68.40
C PRO D 529 48.63 55.83 -67.03
N PRO D 530 49.45 55.80 -65.97
CA PRO D 530 48.92 55.74 -64.60
C PRO D 530 48.24 57.02 -64.11
N GLY D 531 47.82 57.88 -65.02
CA GLY D 531 47.07 59.07 -64.63
C GLY D 531 45.94 59.31 -65.60
N TYR D 532 45.89 58.46 -66.62
CA TYR D 532 44.99 58.58 -67.76
C TYR D 532 43.57 58.90 -67.33
N ALA D 533 42.98 59.93 -67.95
CA ALA D 533 41.63 60.37 -67.65
C ALA D 533 40.65 59.57 -68.52
N PHE D 534 40.05 58.54 -67.92
CA PHE D 534 39.10 57.67 -68.64
C PHE D 534 37.77 58.40 -68.79
N ASP D 535 37.55 59.01 -69.96
CA ASP D 535 36.25 59.57 -70.28
C ASP D 535 35.33 58.47 -70.77
N VAL D 536 34.10 58.48 -70.27
CA VAL D 536 33.19 57.36 -70.52
C VAL D 536 32.40 57.52 -71.81
N GLU D 537 32.10 58.75 -72.22
CA GLU D 537 31.28 58.98 -73.40
C GLU D 537 32.10 59.18 -74.67
N ALA D 538 33.42 59.28 -74.56
CA ALA D 538 34.25 59.26 -75.75
C ALA D 538 34.56 57.83 -76.18
N MET D 539 34.46 56.88 -75.26
CA MET D 539 34.81 55.48 -75.48
C MET D 539 36.30 55.34 -75.84
N ASN D 540 37.13 55.88 -74.95
CA ASN D 540 38.58 55.83 -75.10
C ASN D 540 39.18 54.57 -74.49
N PHE D 541 38.37 53.73 -73.85
CA PHE D 541 38.77 52.39 -73.45
C PHE D 541 38.19 51.37 -74.44
N PRO D 542 38.78 50.17 -74.52
CA PRO D 542 38.39 49.25 -75.60
C PRO D 542 36.95 48.73 -75.63
N THR D 543 36.51 48.11 -74.54
CA THR D 543 35.22 47.42 -74.42
C THR D 543 34.99 46.27 -75.40
N SER D 544 36.05 45.68 -75.96
CA SER D 544 35.91 44.51 -76.81
C SER D 544 37.23 43.77 -76.85
N GLY D 545 37.16 42.51 -77.28
CA GLY D 545 38.34 41.66 -77.32
C GLY D 545 38.89 41.33 -75.95
N LEU D 546 38.01 41.06 -74.99
CA LEU D 546 38.40 40.93 -73.59
C LEU D 546 38.64 39.47 -73.20
N CYS D 547 39.17 39.29 -71.99
CA CYS D 547 39.62 37.99 -71.50
C CYS D 547 38.52 37.38 -70.63
N PHE D 548 37.80 36.41 -71.18
CA PHE D 548 36.70 35.77 -70.47
C PHE D 548 37.20 35.03 -69.24
N ALA D 549 36.39 35.03 -68.18
CA ALA D 549 36.74 34.42 -66.91
C ALA D 549 35.83 33.25 -66.55
N GLY D 550 34.54 33.52 -66.34
CA GLY D 550 33.62 32.45 -65.99
C GLY D 550 32.21 32.91 -65.68
N LEU D 551 31.25 31.99 -65.77
CA LEU D 551 29.85 32.29 -65.52
C LEU D 551 29.54 32.25 -64.03
N VAL D 552 28.41 32.86 -63.67
CA VAL D 552 27.86 32.83 -62.30
C VAL D 552 26.33 32.82 -62.38
N SER D 553 25.69 31.80 -61.79
CA SER D 553 24.24 31.68 -61.78
C SER D 553 23.72 31.65 -60.34
N MET D 554 22.44 32.03 -60.19
CA MET D 554 21.83 32.28 -58.89
C MET D 554 20.42 31.70 -58.86
N ILE D 555 19.92 31.40 -57.66
CA ILE D 555 18.60 30.79 -57.50
C ILE D 555 18.07 31.05 -56.10
N ASP D 556 16.74 30.94 -55.95
CA ASP D 556 15.94 31.06 -54.73
C ASP D 556 15.97 29.74 -53.97
N PRO D 557 16.81 29.64 -52.93
CA PRO D 557 17.31 28.32 -52.53
C PRO D 557 16.62 27.76 -51.30
N PRO D 558 16.63 26.45 -51.12
CA PRO D 558 15.96 25.83 -49.96
C PRO D 558 16.59 26.23 -48.64
N ARG D 559 15.76 26.27 -47.60
CA ARG D 559 16.24 26.50 -46.25
C ARG D 559 16.92 25.23 -45.72
N ALA D 560 17.88 25.44 -44.81
CA ALA D 560 18.89 24.42 -44.52
C ALA D 560 18.29 23.09 -44.09
N THR D 561 17.14 23.11 -43.42
CA THR D 561 16.54 21.86 -42.95
C THR D 561 15.52 21.27 -43.91
N VAL D 562 15.09 22.06 -44.90
CA VAL D 562 13.95 21.64 -45.74
C VAL D 562 14.22 20.33 -46.46
N PRO D 563 15.39 20.09 -47.07
CA PRO D 563 15.57 18.83 -47.81
C PRO D 563 15.50 17.57 -46.96
N ASP D 564 15.58 17.69 -45.63
CA ASP D 564 15.38 16.54 -44.76
C ASP D 564 13.98 16.48 -44.17
N ALA D 565 13.31 17.62 -44.04
CA ALA D 565 12.00 17.65 -43.42
C ALA D 565 10.90 17.15 -44.33
N VAL D 566 11.18 16.86 -45.59
CA VAL D 566 10.15 16.41 -46.50
C VAL D 566 10.34 14.92 -46.77
N LEU D 567 11.60 14.47 -46.78
CA LEU D 567 11.84 13.04 -46.81
C LEU D 567 11.22 12.34 -45.60
N LYS D 568 11.17 13.01 -44.45
CA LYS D 568 10.63 12.39 -43.25
C LYS D 568 9.11 12.29 -43.31
N CYS D 569 8.44 13.32 -43.83
CA CYS D 569 7.01 13.22 -44.05
C CYS D 569 6.69 12.13 -45.08
N ARG D 570 7.51 12.02 -46.12
CA ARG D 570 7.34 10.92 -47.08
C ARG D 570 7.74 9.58 -46.48
N THR D 571 8.74 9.58 -45.59
CA THR D 571 9.03 8.37 -44.82
C THR D 571 7.79 7.92 -44.07
N ALA D 572 7.05 8.87 -43.50
CA ALA D 572 5.75 8.62 -42.91
C ALA D 572 4.63 8.53 -43.95
N GLY D 573 4.98 8.27 -45.21
CA GLY D 573 3.99 8.04 -46.24
C GLY D 573 3.14 9.23 -46.64
N ILE D 574 3.49 10.44 -46.20
CA ILE D 574 2.73 11.62 -46.58
C ILE D 574 3.10 11.96 -48.03
N ARG D 575 2.14 11.84 -48.93
CA ARG D 575 2.35 12.31 -50.30
C ARG D 575 2.52 13.82 -50.31
N VAL D 576 3.56 14.29 -50.98
CA VAL D 576 3.94 15.70 -50.97
C VAL D 576 3.71 16.31 -52.34
N ILE D 577 3.20 17.54 -52.35
CA ILE D 577 2.86 18.26 -53.58
C ILE D 577 3.30 19.72 -53.42
N MET D 578 3.89 20.27 -54.48
CA MET D 578 4.17 21.70 -54.55
C MET D 578 3.08 22.39 -55.35
N VAL D 579 2.60 23.52 -54.83
CA VAL D 579 1.66 24.39 -55.55
C VAL D 579 2.22 25.80 -55.42
N THR D 580 2.68 26.36 -56.55
CA THR D 580 3.44 27.59 -56.54
C THR D 580 3.06 28.43 -57.75
N GLY D 581 3.13 29.75 -57.57
CA GLY D 581 2.78 30.67 -58.64
C GLY D 581 3.99 31.20 -59.38
N ASP D 582 5.00 30.34 -59.56
CA ASP D 582 6.26 30.71 -60.17
C ASP D 582 6.47 29.91 -61.46
N HIS D 583 7.50 30.30 -62.21
CA HIS D 583 7.70 29.81 -63.56
C HIS D 583 7.88 28.29 -63.57
N PRO D 584 7.54 27.62 -64.69
CA PRO D 584 7.51 26.15 -64.68
C PRO D 584 8.88 25.50 -64.59
N ILE D 585 9.96 26.16 -65.01
CA ILE D 585 11.29 25.57 -64.88
C ILE D 585 11.79 25.70 -63.44
N THR D 586 11.72 26.92 -62.90
CA THR D 586 12.25 27.19 -61.57
C THR D 586 11.57 26.35 -60.50
N ALA D 587 10.36 25.83 -60.78
CA ALA D 587 9.70 24.93 -59.84
C ALA D 587 10.29 23.52 -59.91
N LYS D 588 10.48 22.99 -61.13
CA LYS D 588 10.90 21.61 -61.29
C LYS D 588 12.29 21.34 -60.72
N ALA D 589 13.10 22.39 -60.53
CA ALA D 589 14.42 22.21 -59.95
C ALA D 589 14.39 22.25 -58.42
N ILE D 590 13.66 23.22 -57.85
CA ILE D 590 13.58 23.32 -56.39
C ILE D 590 12.73 22.17 -55.83
N ALA D 591 11.78 21.65 -56.61
CA ALA D 591 10.99 20.51 -56.15
C ALA D 591 11.87 19.30 -55.89
N ALA D 592 12.68 18.92 -56.88
CA ALA D 592 13.61 17.81 -56.68
C ALA D 592 14.65 18.12 -55.62
N SER D 593 14.90 19.41 -55.35
CA SER D 593 15.90 19.78 -54.35
C SER D 593 15.49 19.30 -52.97
N VAL D 594 14.27 19.61 -52.55
CA VAL D 594 13.85 19.37 -51.17
C VAL D 594 13.37 17.94 -50.95
N GLY D 595 13.20 17.16 -52.01
CA GLY D 595 12.79 15.77 -51.89
C GLY D 595 11.47 15.41 -52.54
N ILE D 596 10.78 16.36 -53.18
CA ILE D 596 9.49 16.06 -53.78
C ILE D 596 9.66 15.20 -55.03
N ILE D 597 10.69 15.47 -55.82
CA ILE D 597 10.99 14.70 -57.03
C ILE D 597 12.31 13.97 -56.79
N SER D 598 12.24 12.66 -56.60
CA SER D 598 13.40 11.88 -56.26
C SER D 598 14.24 11.57 -57.50
N GLU D 599 15.40 10.97 -57.29
CA GLU D 599 16.20 10.49 -58.40
C GLU D 599 15.60 9.22 -58.98
N GLY D 600 15.73 9.05 -60.29
CA GLY D 600 15.05 7.97 -60.96
C GLY D 600 13.56 8.20 -60.99
N SER D 601 13.16 9.42 -61.37
CA SER D 601 11.75 9.81 -61.38
C SER D 601 11.57 10.85 -62.48
N GLU D 602 11.05 10.40 -63.63
CA GLU D 602 11.00 11.21 -64.84
C GLU D 602 9.58 11.71 -65.13
N THR D 603 9.52 12.78 -65.92
CA THR D 603 8.27 13.25 -66.50
C THR D 603 8.09 12.61 -67.87
N VAL D 604 6.95 12.88 -68.51
CA VAL D 604 6.79 12.43 -69.88
C VAL D 604 7.60 13.32 -70.81
N GLU D 605 7.79 14.59 -70.43
CA GLU D 605 8.74 15.43 -71.17
C GLU D 605 10.16 14.88 -71.04
N ASP D 606 10.42 14.13 -69.96
CA ASP D 606 11.73 13.52 -69.76
C ASP D 606 11.81 12.10 -70.32
N ILE D 607 10.69 11.41 -70.46
CA ILE D 607 10.69 10.15 -71.19
C ILE D 607 10.60 10.39 -72.68
N ALA D 608 10.11 11.56 -73.10
CA ALA D 608 10.06 11.87 -74.53
C ALA D 608 11.44 12.19 -75.08
N ALA D 609 12.19 13.05 -74.40
CA ALA D 609 13.47 13.52 -74.92
C ALA D 609 14.59 12.51 -74.77
N ARG D 610 14.48 11.58 -73.82
CA ARG D 610 15.53 10.59 -73.63
C ARG D 610 15.43 9.48 -74.67
N LEU D 611 14.21 9.07 -75.01
CA LEU D 611 14.00 8.14 -76.10
C LEU D 611 13.89 8.85 -77.45
N ARG D 612 13.92 10.19 -77.45
CA ARG D 612 13.71 11.01 -78.64
C ARG D 612 12.44 10.59 -79.39
N VAL D 613 11.42 10.25 -78.62
CA VAL D 613 10.09 9.91 -79.14
C VAL D 613 9.13 10.97 -78.61
N PRO D 614 8.33 11.62 -79.46
CA PRO D 614 7.56 12.79 -79.01
C PRO D 614 6.57 12.47 -77.89
N VAL D 615 6.06 13.53 -77.29
CA VAL D 615 5.36 13.43 -76.01
C VAL D 615 4.01 12.74 -76.15
N ASP D 616 3.44 12.68 -77.35
CA ASP D 616 2.09 12.15 -77.48
C ASP D 616 2.02 10.64 -77.29
N GLN D 617 3.14 9.94 -77.48
CA GLN D 617 3.15 8.47 -77.36
C GLN D 617 3.67 7.99 -76.02
N VAL D 618 4.46 8.81 -75.33
CA VAL D 618 5.09 8.40 -74.08
C VAL D 618 4.05 7.86 -73.11
N ASN D 619 4.35 6.68 -72.54
CA ASN D 619 3.44 6.07 -71.57
C ASN D 619 3.28 6.98 -70.37
N ARG D 620 2.03 7.37 -70.10
CA ARG D 620 1.75 8.24 -68.95
C ARG D 620 1.98 7.52 -67.63
N LYS D 621 1.97 6.18 -67.63
CA LYS D 621 2.04 5.42 -66.38
C LYS D 621 3.46 5.30 -65.86
N ASP D 622 4.42 5.03 -66.74
CA ASP D 622 5.79 4.80 -66.30
C ASP D 622 6.45 6.06 -65.77
N ALA D 623 5.87 7.24 -66.03
CA ALA D 623 6.42 8.48 -65.50
C ALA D 623 5.96 8.66 -64.06
N ARG D 624 6.92 8.85 -63.15
CA ARG D 624 6.62 9.05 -61.73
C ARG D 624 6.55 10.53 -61.37
N ALA D 625 6.29 11.40 -62.35
CA ALA D 625 6.20 12.84 -62.13
C ALA D 625 5.43 13.46 -63.27
N CYS D 626 4.93 14.68 -63.03
CA CYS D 626 4.15 15.40 -64.05
C CYS D 626 4.13 16.88 -63.72
N VAL D 627 4.63 17.70 -64.64
CA VAL D 627 4.64 19.15 -64.49
C VAL D 627 3.40 19.73 -65.15
N ILE D 628 2.67 20.56 -64.40
CA ILE D 628 1.49 21.26 -64.89
C ILE D 628 1.50 22.68 -64.32
N ASN D 629 1.07 23.64 -65.13
CA ASN D 629 1.08 25.06 -64.77
C ASN D 629 -0.35 25.56 -64.61
N GLY D 630 -0.52 26.87 -64.75
CA GLY D 630 -1.80 27.55 -64.62
C GLY D 630 -2.60 27.76 -65.89
N MET D 631 -2.09 27.31 -67.04
CA MET D 631 -2.88 27.28 -68.26
C MET D 631 -3.10 25.88 -68.80
N GLN D 632 -2.23 24.92 -68.44
CA GLN D 632 -2.60 23.51 -68.55
C GLN D 632 -3.75 23.20 -67.59
N LEU D 633 -3.56 23.52 -66.31
CA LEU D 633 -4.57 23.21 -65.28
C LEU D 633 -5.90 23.89 -65.58
N LYS D 634 -5.84 25.11 -66.14
CA LYS D 634 -7.06 25.86 -66.42
C LYS D 634 -7.89 25.19 -67.51
N ASP D 635 -7.24 24.50 -68.44
CA ASP D 635 -7.93 23.88 -69.58
C ASP D 635 -8.68 22.62 -69.20
N MET D 636 -8.40 22.05 -68.04
CA MET D 636 -8.82 20.69 -67.72
C MET D 636 -10.16 20.69 -66.98
N ASP D 637 -10.59 19.51 -66.54
CA ASP D 637 -11.77 19.31 -65.72
C ASP D 637 -11.32 19.13 -64.28
N PRO D 638 -12.21 18.74 -63.38
CA PRO D 638 -11.75 18.01 -62.19
C PRO D 638 -11.68 16.50 -62.44
N SER D 639 -12.36 16.01 -63.48
CA SER D 639 -12.30 14.59 -63.83
C SER D 639 -10.96 14.21 -64.42
N GLU D 640 -10.16 15.20 -64.83
CA GLU D 640 -8.77 14.98 -65.20
C GLU D 640 -7.79 15.41 -64.12
N LEU D 641 -8.19 16.37 -63.27
CA LEU D 641 -7.40 16.69 -62.09
C LEU D 641 -7.16 15.46 -61.23
N VAL D 642 -8.15 14.56 -61.18
CA VAL D 642 -7.98 13.30 -60.46
C VAL D 642 -7.16 12.30 -61.26
N GLU D 643 -7.30 12.30 -62.59
CA GLU D 643 -6.62 11.31 -63.42
C GLU D 643 -5.11 11.44 -63.31
N ALA D 644 -4.59 12.68 -63.29
CA ALA D 644 -3.14 12.88 -63.30
C ALA D 644 -2.53 12.66 -61.92
N LEU D 645 -3.22 13.07 -60.86
CA LEU D 645 -2.71 12.81 -59.51
C LEU D 645 -2.70 11.32 -59.19
N ARG D 646 -3.65 10.56 -59.76
CA ARG D 646 -3.68 9.12 -59.53
C ARG D 646 -2.50 8.43 -60.20
N THR D 647 -2.01 8.98 -61.30
CA THR D 647 -0.97 8.32 -62.09
C THR D 647 0.43 8.73 -61.68
N HIS D 648 0.66 10.03 -61.50
CA HIS D 648 1.98 10.57 -61.20
C HIS D 648 2.07 10.86 -59.70
N PRO D 649 2.67 9.96 -58.90
CA PRO D 649 2.63 10.14 -57.44
C PRO D 649 3.34 11.40 -56.94
N GLU D 650 4.47 11.75 -57.53
CA GLU D 650 5.16 12.99 -57.20
C GLU D 650 4.65 14.08 -58.14
N MET D 651 4.20 15.20 -57.56
CA MET D 651 3.38 16.14 -58.31
C MET D 651 3.68 17.58 -57.93
N VAL D 652 3.79 18.44 -58.95
CA VAL D 652 4.10 19.86 -58.79
C VAL D 652 3.11 20.65 -59.64
N PHE D 653 2.74 21.85 -59.15
CA PHE D 653 1.79 22.73 -59.83
C PHE D 653 2.40 24.13 -59.90
N ALA D 654 3.21 24.38 -60.93
CA ALA D 654 3.85 25.67 -61.10
C ALA D 654 2.88 26.68 -61.70
N ARG D 655 3.33 27.94 -61.75
CA ARG D 655 2.69 29.03 -62.49
C ARG D 655 1.17 29.06 -62.29
N THR D 656 0.75 28.94 -61.04
CA THR D 656 -0.66 28.91 -60.71
C THR D 656 -1.13 30.22 -60.12
N SER D 657 -2.44 30.31 -59.90
CA SER D 657 -3.11 31.46 -59.31
C SER D 657 -3.30 31.20 -57.82
N PRO D 658 -4.06 32.02 -57.08
CA PRO D 658 -4.43 31.61 -55.73
C PRO D 658 -5.72 30.81 -55.66
N GLN D 659 -6.65 31.05 -56.59
CA GLN D 659 -7.90 30.30 -56.58
C GLN D 659 -7.66 28.83 -56.89
N GLN D 660 -6.80 28.55 -57.87
CA GLN D 660 -6.49 27.16 -58.23
C GLN D 660 -5.78 26.43 -57.11
N LYS D 661 -5.11 27.16 -56.20
CA LYS D 661 -4.62 26.53 -54.98
C LYS D 661 -5.77 25.98 -54.16
N LEU D 662 -6.84 26.77 -54.01
CA LEU D 662 -8.05 26.26 -53.38
C LEU D 662 -8.66 25.13 -54.21
N VAL D 663 -8.52 25.20 -55.54
CA VAL D 663 -9.10 24.17 -56.39
C VAL D 663 -8.32 22.87 -56.27
N ILE D 664 -6.99 22.95 -56.38
CA ILE D 664 -6.16 21.77 -56.16
C ILE D 664 -6.38 21.21 -54.76
N VAL D 665 -6.42 22.10 -53.76
CA VAL D 665 -6.55 21.65 -52.37
C VAL D 665 -7.90 20.99 -52.17
N GLU D 666 -8.97 21.60 -52.68
CA GLU D 666 -10.30 21.01 -52.50
C GLU D 666 -10.46 19.75 -53.34
N SER D 667 -9.75 19.65 -54.46
CA SER D 667 -9.84 18.45 -55.28
C SER D 667 -9.15 17.27 -54.64
N CYS D 668 -8.20 17.51 -53.73
CA CYS D 668 -7.64 16.42 -52.94
C CYS D 668 -8.62 16.01 -51.86
N GLN D 669 -9.21 16.99 -51.16
CA GLN D 669 -10.10 16.70 -50.04
C GLN D 669 -11.37 15.98 -50.48
N ARG D 670 -11.77 16.09 -51.75
CA ARG D 670 -12.94 15.38 -52.22
C ARG D 670 -12.66 13.91 -52.47
N LEU D 671 -11.39 13.56 -52.74
CA LEU D 671 -11.01 12.15 -52.85
C LEU D 671 -11.03 11.44 -51.51
N GLY D 672 -10.88 12.16 -50.41
CA GLY D 672 -10.76 11.56 -49.10
C GLY D 672 -9.40 11.87 -48.48
N ALA D 673 -9.09 13.15 -48.36
CA ALA D 673 -7.76 13.59 -47.96
C ALA D 673 -7.82 14.59 -46.82
N ILE D 674 -6.93 14.41 -45.86
CA ILE D 674 -6.53 15.48 -44.97
C ILE D 674 -5.36 16.20 -45.61
N VAL D 675 -5.50 17.52 -45.79
CA VAL D 675 -4.53 18.30 -46.54
C VAL D 675 -4.03 19.44 -45.67
N ALA D 676 -2.74 19.45 -45.38
CA ALA D 676 -2.07 20.58 -44.77
C ALA D 676 -1.42 21.44 -45.85
N VAL D 677 -1.41 22.75 -45.61
CA VAL D 677 -0.85 23.69 -46.57
C VAL D 677 0.14 24.59 -45.83
N THR D 678 1.37 24.64 -46.33
CA THR D 678 2.42 25.49 -45.78
C THR D 678 2.76 26.56 -46.81
N GLY D 679 2.65 27.84 -46.41
CA GLY D 679 2.89 28.94 -47.33
C GLY D 679 3.50 30.18 -46.73
N ASP D 680 3.53 31.29 -47.48
CA ASP D 680 4.13 32.52 -46.96
C ASP D 680 3.42 33.76 -47.47
N GLY D 681 2.94 33.72 -48.71
CA GLY D 681 2.52 34.91 -49.41
C GLY D 681 1.06 35.24 -49.23
N VAL D 682 0.65 36.34 -49.85
CA VAL D 682 -0.76 36.70 -49.91
C VAL D 682 -1.50 35.80 -50.89
N ASN D 683 -0.79 35.14 -51.80
CA ASN D 683 -1.38 34.23 -52.77
C ASN D 683 -1.71 32.85 -52.19
N ASP D 684 -1.56 32.66 -50.88
CA ASP D 684 -1.73 31.35 -50.26
C ASP D 684 -2.89 31.26 -49.30
N SER D 685 -3.47 32.39 -48.88
CA SER D 685 -4.50 32.43 -47.86
C SER D 685 -5.84 31.77 -48.23
N PRO D 686 -6.21 31.63 -49.51
CA PRO D 686 -7.43 30.85 -49.79
C PRO D 686 -7.24 29.36 -49.54
N ALA D 687 -6.11 28.78 -49.95
CA ALA D 687 -5.82 27.38 -49.66
C ALA D 687 -5.24 27.18 -48.26
N LEU D 688 -5.25 28.21 -47.43
CA LEU D 688 -4.90 28.11 -46.02
C LEU D 688 -6.12 28.08 -45.11
N LYS D 689 -7.22 28.69 -45.54
CA LYS D 689 -8.49 28.59 -44.83
C LYS D 689 -9.24 27.32 -45.25
N LYS D 690 -9.29 27.05 -46.56
CA LYS D 690 -9.95 25.84 -47.04
C LYS D 690 -9.22 24.60 -46.56
N ALA D 691 -7.89 24.66 -46.47
CA ALA D 691 -7.11 23.54 -45.98
C ALA D 691 -7.56 23.13 -44.58
N ASP D 692 -7.38 21.85 -44.27
CA ASP D 692 -7.79 21.35 -42.96
C ASP D 692 -6.92 21.98 -41.87
N ILE D 693 -5.61 21.94 -42.03
CA ILE D 693 -4.71 22.73 -41.18
C ILE D 693 -3.81 23.53 -42.10
N GLY D 694 -3.98 24.85 -42.09
CA GLY D 694 -3.05 25.72 -42.78
C GLY D 694 -1.85 26.03 -41.88
N VAL D 695 -0.67 26.06 -42.49
CA VAL D 695 0.56 26.34 -41.77
C VAL D 695 1.19 27.59 -42.37
N ALA D 696 1.82 28.39 -41.51
CA ALA D 696 2.35 29.67 -41.93
C ALA D 696 3.77 29.87 -41.41
N MET D 697 4.55 30.67 -42.13
CA MET D 697 5.93 31.00 -41.76
C MET D 697 5.96 32.43 -41.23
N GLY D 698 6.46 32.60 -40.01
CA GLY D 698 6.19 33.77 -39.20
C GLY D 698 6.93 35.08 -39.40
N ILE D 699 8.12 35.06 -40.00
CA ILE D 699 8.87 36.28 -40.26
C ILE D 699 8.81 36.66 -41.73
N ALA D 700 9.11 35.72 -42.62
CA ALA D 700 9.09 35.99 -44.04
C ALA D 700 7.67 36.19 -44.57
N GLY D 701 6.65 35.93 -43.76
CA GLY D 701 5.29 35.91 -44.26
C GLY D 701 4.57 37.24 -44.13
N SER D 702 3.49 37.33 -44.90
CA SER D 702 2.55 38.44 -44.82
C SER D 702 1.45 38.13 -43.80
N ASP D 703 0.63 39.14 -43.50
CA ASP D 703 -0.38 39.01 -42.46
C ASP D 703 -1.72 38.49 -42.97
N ALA D 704 -1.83 38.19 -44.27
CA ALA D 704 -3.02 37.50 -44.77
C ALA D 704 -2.90 35.99 -44.64
N ALA D 705 -1.67 35.47 -44.64
CA ALA D 705 -1.43 34.06 -44.39
C ALA D 705 -1.24 33.73 -42.92
N LYS D 706 -0.91 34.74 -42.09
CA LYS D 706 -0.87 34.53 -40.65
C LYS D 706 -2.25 34.54 -40.02
N ASN D 707 -3.24 35.15 -40.68
CA ASN D 707 -4.59 35.23 -40.16
C ASN D 707 -5.60 34.48 -41.03
N ALA D 708 -5.14 33.73 -42.02
CA ALA D 708 -5.94 32.69 -42.65
C ALA D 708 -5.46 31.30 -42.26
N ALA D 709 -4.40 31.21 -41.47
CA ALA D 709 -3.79 29.93 -41.11
C ALA D 709 -4.42 29.36 -39.86
N ASP D 710 -4.20 28.06 -39.67
CA ASP D 710 -4.54 27.38 -38.43
C ASP D 710 -3.35 27.24 -37.49
N MET D 711 -2.16 27.67 -37.91
CA MET D 711 -0.96 27.50 -37.10
C MET D 711 0.16 28.33 -37.71
N ILE D 712 1.06 28.81 -36.84
CA ILE D 712 2.17 29.67 -37.22
C ILE D 712 3.48 29.00 -36.80
N LEU D 713 4.47 29.00 -37.70
CA LEU D 713 5.84 28.65 -37.37
C LEU D 713 6.62 29.94 -37.15
N LEU D 714 7.36 30.01 -36.04
CA LEU D 714 7.96 31.28 -35.61
C LEU D 714 9.32 31.53 -36.28
N ASP D 715 10.29 30.63 -36.06
CA ASP D 715 11.61 30.77 -36.65
C ASP D 715 11.69 30.22 -38.07
N ASP D 716 10.53 30.01 -38.71
CA ASP D 716 10.42 29.59 -40.10
C ASP D 716 10.98 28.19 -40.35
N ASN D 717 11.40 27.50 -39.29
CA ASN D 717 11.95 26.16 -39.44
C ASN D 717 10.88 25.23 -40.01
N PHE D 718 11.19 24.59 -41.14
CA PHE D 718 10.29 23.65 -41.78
C PHE D 718 10.46 22.23 -41.25
N ALA D 719 11.41 22.01 -40.33
CA ALA D 719 11.50 20.72 -39.65
C ALA D 719 10.43 20.55 -38.59
N SER D 720 9.78 21.64 -38.18
CA SER D 720 8.68 21.58 -37.22
C SER D 720 7.47 20.82 -37.77
N ILE D 721 7.41 20.59 -39.09
CA ILE D 721 6.32 19.80 -39.63
C ILE D 721 6.49 18.33 -39.29
N VAL D 722 7.73 17.83 -39.35
CA VAL D 722 8.00 16.45 -38.97
C VAL D 722 7.75 16.27 -37.48
N THR D 723 7.99 17.30 -36.68
CA THR D 723 7.63 17.25 -35.27
C THR D 723 6.11 17.30 -35.10
N GLY D 724 5.44 18.16 -35.88
CA GLY D 724 4.00 18.28 -35.76
C GLY D 724 3.27 17.02 -36.17
N VAL D 725 3.81 16.28 -37.14
CA VAL D 725 3.27 14.97 -37.45
C VAL D 725 3.58 13.97 -36.35
N GLU D 726 4.63 14.22 -35.55
CA GLU D 726 4.95 13.32 -34.46
C GLU D 726 4.03 13.51 -33.27
N GLN D 727 3.69 14.76 -32.96
CA GLN D 727 2.79 15.05 -31.85
C GLN D 727 1.33 15.09 -32.26
N GLY D 728 1.03 14.87 -33.53
CA GLY D 728 -0.35 14.81 -33.98
C GLY D 728 -0.89 13.40 -33.99
N ARG D 729 0.00 12.45 -34.30
CA ARG D 729 -0.33 11.04 -34.13
C ARG D 729 -0.24 10.63 -32.67
N LEU D 730 0.67 11.26 -31.90
CA LEU D 730 0.83 10.92 -30.49
C LEU D 730 -0.37 11.36 -29.67
N ILE D 731 -0.78 12.62 -29.82
CA ILE D 731 -1.96 13.09 -29.10
C ILE D 731 -3.18 12.28 -29.50
N PHE D 732 -3.23 11.82 -30.75
CA PHE D 732 -4.35 11.01 -31.22
C PHE D 732 -4.45 9.70 -30.46
N ASP D 733 -3.41 8.86 -30.53
CA ASP D 733 -3.42 7.55 -29.89
C ASP D 733 -3.34 7.63 -28.38
N ASN D 734 -2.98 8.78 -27.82
CA ASN D 734 -3.03 8.97 -26.38
C ASN D 734 -4.37 9.53 -25.92
N LEU D 735 -5.12 10.18 -26.82
CA LEU D 735 -6.44 10.68 -26.45
C LEU D 735 -7.42 9.54 -26.21
N LYS D 736 -7.42 8.52 -27.08
CA LYS D 736 -8.30 7.39 -26.85
C LYS D 736 -7.93 6.62 -25.59
N LYS D 737 -6.70 6.77 -25.10
CA LYS D 737 -6.31 6.11 -23.86
C LYS D 737 -6.98 6.78 -22.66
N SER D 738 -7.01 8.12 -22.64
CA SER D 738 -7.69 8.83 -21.57
C SER D 738 -9.21 8.73 -21.73
N ILE D 739 -9.69 8.62 -22.97
CA ILE D 739 -11.11 8.41 -23.19
C ILE D 739 -11.52 7.05 -22.64
N ALA D 740 -10.85 5.97 -23.06
CA ALA D 740 -11.15 4.64 -22.55
C ALA D 740 -11.09 4.61 -21.03
N TYR D 741 -10.25 5.45 -20.42
CA TYR D 741 -10.17 5.52 -18.97
C TYR D 741 -11.37 6.26 -18.39
N THR D 742 -11.74 7.39 -19.00
CA THR D 742 -12.85 8.19 -18.50
C THR D 742 -14.21 7.56 -18.80
N LEU D 743 -14.25 6.50 -19.62
CA LEU D 743 -15.51 5.86 -19.96
C LEU D 743 -15.77 4.60 -19.15
N THR D 744 -14.75 3.78 -18.91
CA THR D 744 -14.97 2.52 -18.22
C THR D 744 -15.63 2.71 -16.86
N LYS D 745 -15.48 3.88 -16.25
CA LYS D 745 -16.06 4.11 -14.94
C LYS D 745 -17.52 4.54 -15.00
N ASN D 746 -17.99 4.96 -16.17
CA ASN D 746 -19.41 5.32 -16.31
C ASN D 746 -20.33 4.13 -16.09
N ILE D 747 -19.81 2.92 -16.21
CA ILE D 747 -20.59 1.71 -16.03
C ILE D 747 -20.79 1.41 -14.55
N PRO D 748 -19.74 1.29 -13.73
CA PRO D 748 -19.97 1.08 -12.29
C PRO D 748 -20.67 2.26 -11.65
N GLU D 749 -20.64 3.43 -12.30
CA GLU D 749 -21.41 4.56 -11.83
C GLU D 749 -22.90 4.37 -12.09
N LEU D 750 -23.25 3.66 -13.17
CA LEU D 750 -24.66 3.53 -13.54
C LEU D 750 -25.31 2.36 -12.81
N THR D 751 -24.75 1.17 -12.98
CA THR D 751 -25.33 -0.10 -12.57
C THR D 751 -25.97 -0.11 -11.18
N PRO D 752 -25.42 0.63 -10.18
CA PRO D 752 -26.15 0.76 -8.91
C PRO D 752 -27.61 1.14 -9.08
N TYR D 753 -27.86 2.28 -9.74
CA TYR D 753 -29.22 2.76 -9.88
C TYR D 753 -30.10 1.70 -10.50
N LEU D 754 -29.63 1.07 -11.58
CA LEU D 754 -30.32 -0.06 -12.17
C LEU D 754 -30.78 -1.05 -11.10
N ILE D 755 -29.81 -1.58 -10.33
CA ILE D 755 -30.14 -2.50 -9.26
C ILE D 755 -31.10 -1.86 -8.26
N TYR D 756 -30.87 -0.58 -7.95
CA TYR D 756 -31.75 0.11 -7.01
C TYR D 756 -33.14 0.33 -7.59
N ILE D 757 -33.24 0.44 -8.91
CA ILE D 757 -34.56 0.54 -9.54
C ILE D 757 -35.20 -0.84 -9.66
N THR D 758 -34.43 -1.82 -10.12
CA THR D 758 -34.96 -3.13 -10.50
C THR D 758 -34.96 -4.15 -9.37
N VAL D 759 -34.16 -3.92 -8.32
CA VAL D 759 -34.20 -4.78 -7.15
C VAL D 759 -34.61 -4.03 -5.90
N SER D 760 -34.48 -2.70 -5.87
CA SER D 760 -34.96 -1.85 -4.78
C SER D 760 -34.20 -2.09 -3.49
N VAL D 761 -32.88 -2.21 -3.60
CA VAL D 761 -31.99 -2.27 -2.44
C VAL D 761 -31.69 -0.83 -2.05
N PRO D 762 -31.10 -0.57 -0.88
CA PRO D 762 -30.69 0.80 -0.56
C PRO D 762 -29.78 1.34 -1.64
N LEU D 763 -29.95 2.61 -1.98
CA LEU D 763 -29.21 3.22 -3.08
C LEU D 763 -27.72 3.03 -2.86
N PRO D 764 -27.03 2.32 -3.73
CA PRO D 764 -25.60 2.07 -3.52
C PRO D 764 -24.78 3.34 -3.66
N LEU D 765 -24.89 4.02 -4.80
CA LEU D 765 -23.98 5.09 -5.17
C LEU D 765 -24.78 6.36 -5.44
N GLY D 766 -24.31 7.48 -4.87
CA GLY D 766 -25.06 8.71 -4.91
C GLY D 766 -24.67 9.61 -6.08
N CYS D 767 -25.67 10.37 -6.56
CA CYS D 767 -25.43 11.35 -7.62
C CYS D 767 -24.30 12.29 -7.23
N ILE D 768 -24.36 12.85 -6.03
CA ILE D 768 -23.30 13.67 -5.46
C ILE D 768 -21.97 12.96 -5.64
N THR D 769 -21.89 11.72 -5.17
CA THR D 769 -20.64 10.96 -5.22
C THR D 769 -20.25 10.53 -6.62
N ILE D 770 -21.14 10.65 -7.59
CA ILE D 770 -20.72 10.48 -8.99
C ILE D 770 -19.97 11.71 -9.45
N LEU D 771 -20.43 12.90 -9.01
CA LEU D 771 -19.83 14.15 -9.44
C LEU D 771 -18.40 14.32 -8.94
N PHE D 772 -17.98 13.55 -7.94
CA PHE D 772 -16.61 13.70 -7.45
C PHE D 772 -15.65 12.72 -8.10
N ILE D 773 -16.13 11.54 -8.50
CA ILE D 773 -15.34 10.69 -9.39
C ILE D 773 -15.28 11.33 -10.77
N GLU D 774 -16.43 11.78 -11.27
CA GLU D 774 -16.54 12.24 -12.65
C GLU D 774 -15.95 13.62 -12.88
N LEU D 775 -15.72 14.39 -11.82
CA LEU D 775 -15.22 15.75 -11.97
C LEU D 775 -14.01 16.06 -11.08
N CYS D 776 -13.38 15.06 -10.49
CA CYS D 776 -12.19 15.35 -9.69
C CYS D 776 -11.23 14.16 -9.61
N THR D 777 -11.52 13.20 -8.72
CA THR D 777 -10.55 12.16 -8.39
C THR D 777 -9.98 11.48 -9.63
N ASP D 778 -10.79 11.33 -10.66
CA ASP D 778 -10.38 10.66 -11.90
C ASP D 778 -10.08 11.63 -13.03
N ILE D 779 -9.95 12.92 -12.75
CA ILE D 779 -9.59 13.89 -13.78
C ILE D 779 -8.14 13.65 -14.16
N PHE D 780 -7.24 13.87 -13.20
CA PHE D 780 -5.81 13.97 -13.45
C PHE D 780 -5.19 12.65 -13.92
N PRO D 781 -5.62 11.48 -13.41
CA PRO D 781 -5.13 10.22 -14.01
C PRO D 781 -5.61 10.00 -15.43
N SER D 782 -6.73 10.61 -15.83
CA SER D 782 -7.10 10.58 -17.24
C SER D 782 -6.15 11.46 -18.05
N VAL D 783 -5.92 12.69 -17.58
CA VAL D 783 -5.11 13.65 -18.33
C VAL D 783 -3.68 13.15 -18.49
N SER D 784 -3.12 12.54 -17.43
CA SER D 784 -1.73 12.11 -17.42
C SER D 784 -1.41 11.04 -18.45
N LEU D 785 -2.36 10.64 -19.31
CA LEU D 785 -2.06 9.77 -20.43
C LEU D 785 -1.71 10.54 -21.70
N ALA D 786 -1.90 11.86 -21.72
CA ALA D 786 -1.48 12.66 -22.85
C ALA D 786 0.04 12.65 -23.05
N TYR D 787 0.79 12.10 -22.10
CA TYR D 787 2.24 12.05 -22.14
C TYR D 787 2.78 10.72 -22.65
N GLU D 788 2.03 9.63 -22.45
CA GLU D 788 2.42 8.27 -22.81
C GLU D 788 3.06 8.20 -24.18
N LYS D 789 4.30 7.74 -24.24
CA LYS D 789 5.02 7.70 -25.51
C LYS D 789 4.55 6.51 -26.34
N ALA D 790 4.81 6.59 -27.65
CA ALA D 790 4.22 5.68 -28.62
C ALA D 790 4.72 4.25 -28.41
N GLU D 791 3.92 3.30 -28.90
CA GLU D 791 4.22 1.88 -28.82
C GLU D 791 4.95 1.35 -30.06
N SER D 792 5.38 2.24 -30.96
CA SER D 792 5.99 1.82 -32.20
C SER D 792 6.81 2.97 -32.79
N ASP D 793 7.49 2.68 -33.89
CA ASP D 793 8.21 3.68 -34.69
C ASP D 793 7.16 4.51 -35.42
N ILE D 794 6.60 5.48 -34.69
CA ILE D 794 5.39 6.14 -35.15
C ILE D 794 5.64 7.03 -36.37
N MET D 795 6.87 7.52 -36.56
CA MET D 795 7.23 8.26 -37.77
C MET D 795 7.72 7.36 -38.89
N HIS D 796 7.23 6.13 -38.94
CA HIS D 796 7.47 5.21 -40.05
C HIS D 796 6.22 4.40 -40.35
N LEU D 797 5.05 4.94 -40.02
CA LEU D 797 3.77 4.28 -40.20
C LEU D 797 2.85 5.16 -41.03
N ARG D 798 2.03 4.52 -41.85
CA ARG D 798 1.17 5.25 -42.78
C ARG D 798 0.10 6.04 -42.01
N PRO D 799 -0.46 7.08 -42.62
CA PRO D 799 -1.39 7.95 -41.90
C PRO D 799 -2.79 7.33 -41.79
N ARG D 800 -3.52 7.81 -40.79
CA ARG D 800 -4.73 7.12 -40.36
C ARG D 800 -5.87 7.31 -41.36
N ASN D 801 -6.62 6.24 -41.57
CA ASN D 801 -7.77 6.19 -42.47
C ASN D 801 -8.94 6.91 -41.81
N PRO D 802 -9.35 8.09 -42.32
CA PRO D 802 -10.37 8.88 -41.62
C PRO D 802 -11.79 8.36 -41.79
N LYS D 803 -11.93 7.10 -42.21
CA LYS D 803 -13.20 6.39 -42.14
C LYS D 803 -13.15 5.18 -41.23
N ARG D 804 -12.04 4.44 -41.28
CA ARG D 804 -11.94 3.14 -40.64
C ARG D 804 -11.23 3.16 -39.29
N ASP D 805 -10.38 4.16 -39.04
CA ASP D 805 -9.59 4.22 -37.81
C ASP D 805 -10.03 5.46 -37.03
N ARG D 806 -10.94 5.27 -36.09
CA ARG D 806 -11.57 6.36 -35.38
C ARG D 806 -11.17 6.34 -33.91
N LEU D 807 -11.33 7.50 -33.26
CA LEU D 807 -10.91 7.63 -31.86
C LEU D 807 -11.65 6.64 -30.97
N VAL D 808 -12.97 6.55 -31.12
CA VAL D 808 -13.80 5.64 -30.32
C VAL D 808 -14.64 4.81 -31.30
N ASN D 809 -14.24 3.57 -31.50
CA ASN D 809 -14.96 2.60 -32.31
C ASN D 809 -15.57 1.54 -31.40
N GLU D 810 -16.37 0.65 -32.00
CA GLU D 810 -17.15 -0.29 -31.20
C GLU D 810 -16.27 -1.14 -30.29
N PRO D 811 -15.27 -1.89 -30.77
CA PRO D 811 -14.46 -2.72 -29.85
C PRO D 811 -13.62 -1.95 -28.84
N LEU D 812 -13.57 -0.62 -28.91
CA LEU D 812 -13.00 0.11 -27.78
C LEU D 812 -14.03 0.25 -26.67
N ALA D 813 -15.24 0.67 -27.02
CA ALA D 813 -16.28 0.91 -26.03
C ALA D 813 -16.67 -0.39 -25.33
N ALA D 814 -17.01 -1.41 -26.13
CA ALA D 814 -17.55 -2.64 -25.57
C ALA D 814 -16.55 -3.34 -24.66
N TYR D 815 -15.25 -3.17 -24.92
CA TYR D 815 -14.25 -3.71 -24.00
C TYR D 815 -14.22 -2.92 -22.70
N SER D 816 -14.07 -1.60 -22.80
CA SER D 816 -14.07 -0.73 -21.63
C SER D 816 -15.36 -0.86 -20.85
N TYR D 817 -16.48 -0.50 -21.48
CA TYR D 817 -17.80 -0.51 -20.85
C TYR D 817 -18.19 -1.86 -20.27
N PHE D 818 -18.43 -2.85 -21.13
CA PHE D 818 -19.11 -4.07 -20.72
C PHE D 818 -18.18 -5.23 -20.36
N GLN D 819 -16.86 -4.99 -20.34
CA GLN D 819 -15.92 -6.00 -19.85
C GLN D 819 -15.12 -5.53 -18.65
N ILE D 820 -14.61 -4.29 -18.67
CA ILE D 820 -13.91 -3.73 -17.52
C ILE D 820 -14.88 -3.07 -16.55
N GLY D 821 -15.70 -2.15 -17.05
CA GLY D 821 -16.75 -1.57 -16.25
C GLY D 821 -17.63 -2.63 -15.61
N ALA D 822 -17.74 -3.80 -16.24
CA ALA D 822 -18.33 -4.96 -15.59
C ALA D 822 -17.57 -5.29 -14.31
N ILE D 823 -16.26 -5.52 -14.44
CA ILE D 823 -15.47 -5.89 -13.27
C ILE D 823 -15.41 -4.74 -12.26
N GLN D 824 -15.43 -3.50 -12.74
CA GLN D 824 -15.51 -2.37 -11.80
C GLN D 824 -16.86 -2.34 -11.10
N SER D 825 -17.94 -2.58 -11.83
CA SER D 825 -19.26 -2.73 -11.21
C SER D 825 -19.24 -3.89 -10.23
N PHE D 826 -18.85 -5.08 -10.71
CA PHE D 826 -18.88 -6.28 -9.89
C PHE D 826 -18.02 -6.12 -8.65
N ALA D 827 -16.87 -5.46 -8.76
CA ALA D 827 -16.08 -5.15 -7.58
C ALA D 827 -16.84 -4.22 -6.64
N GLY D 828 -17.60 -3.27 -7.20
CA GLY D 828 -18.30 -2.30 -6.38
C GLY D 828 -19.45 -2.90 -5.59
N PHE D 829 -20.23 -3.76 -6.23
CA PHE D 829 -21.31 -4.44 -5.52
C PHE D 829 -20.77 -5.43 -4.49
N THR D 830 -19.59 -6.00 -4.75
CA THR D 830 -18.93 -6.85 -3.76
C THR D 830 -18.50 -6.04 -2.55
N ASP D 831 -18.18 -4.76 -2.73
CA ASP D 831 -17.90 -3.87 -1.61
C ASP D 831 -19.19 -3.42 -0.95
N TYR D 832 -20.20 -3.08 -1.76
CA TYR D 832 -21.53 -2.72 -1.25
C TYR D 832 -22.05 -3.76 -0.26
N PHE D 833 -21.95 -5.04 -0.61
CA PHE D 833 -22.46 -6.09 0.27
C PHE D 833 -21.49 -6.48 1.37
N THR D 834 -20.21 -6.13 1.25
CA THR D 834 -19.29 -6.33 2.37
C THR D 834 -19.58 -5.34 3.50
N ALA D 835 -19.96 -4.11 3.15
CA ALA D 835 -20.21 -3.08 4.14
C ALA D 835 -21.57 -3.25 4.83
N MET D 836 -22.62 -3.50 4.05
CA MET D 836 -23.95 -3.76 4.61
C MET D 836 -23.90 -4.88 5.64
N ALA D 837 -23.28 -6.01 5.27
CA ALA D 837 -23.38 -7.22 6.09
C ALA D 837 -22.55 -7.11 7.36
N GLN D 838 -21.35 -6.53 7.27
CA GLN D 838 -20.57 -6.31 8.48
C GLN D 838 -21.17 -5.24 9.38
N GLU D 839 -22.20 -4.53 8.90
CA GLU D 839 -22.95 -3.59 9.72
C GLU D 839 -24.34 -4.10 10.06
N GLY D 840 -24.69 -5.31 9.66
CA GLY D 840 -25.92 -5.96 10.13
C GLY D 840 -26.92 -6.33 9.06
N TRP D 841 -26.78 -5.89 7.81
CA TRP D 841 -27.80 -6.05 6.79
C TRP D 841 -27.30 -7.02 5.72
N PHE D 842 -27.88 -8.21 5.71
CA PHE D 842 -27.41 -9.33 4.89
C PHE D 842 -27.82 -9.09 3.43
N PRO D 843 -27.40 -9.99 2.52
CA PRO D 843 -27.92 -9.93 1.15
C PRO D 843 -29.40 -10.05 0.88
N LEU D 844 -30.04 -11.10 1.42
CA LEU D 844 -31.43 -11.43 1.09
C LEU D 844 -32.32 -10.33 1.66
N LEU D 845 -31.93 -9.78 2.82
CA LEU D 845 -32.72 -8.72 3.43
C LEU D 845 -32.61 -7.41 2.66
N CYS D 846 -31.45 -7.14 2.04
CA CYS D 846 -31.26 -5.90 1.31
C CYS D 846 -32.24 -5.78 0.15
N VAL D 847 -32.62 -6.92 -0.44
CA VAL D 847 -33.54 -6.91 -1.57
C VAL D 847 -34.88 -6.32 -1.15
N GLY D 848 -35.40 -5.39 -1.96
CA GLY D 848 -36.68 -4.77 -1.71
C GLY D 848 -36.76 -3.92 -0.47
N LEU D 849 -35.62 -3.59 0.14
CA LEU D 849 -35.63 -2.86 1.39
C LEU D 849 -35.84 -1.35 1.20
N ARG D 850 -35.57 -0.85 -0.01
CA ARG D 850 -35.67 0.58 -0.33
C ARG D 850 -36.86 1.32 0.30
N PRO D 851 -38.12 0.84 0.17
CA PRO D 851 -39.24 1.62 0.73
C PRO D 851 -39.09 1.85 2.23
N GLN D 852 -38.93 0.77 2.98
CA GLN D 852 -38.66 0.89 4.42
C GLN D 852 -37.45 1.77 4.67
N TRP D 853 -36.38 1.55 3.89
CA TRP D 853 -35.10 2.19 4.15
C TRP D 853 -35.19 3.70 4.06
N GLU D 854 -35.97 4.22 3.11
CA GLU D 854 -36.05 5.65 2.83
C GLU D 854 -37.21 6.33 3.54
N ASN D 855 -37.77 5.71 4.57
CA ASN D 855 -39.04 6.14 5.16
C ASN D 855 -38.77 7.04 6.37
N HIS D 856 -39.10 8.33 6.22
CA HIS D 856 -38.97 9.26 7.34
C HIS D 856 -39.81 8.83 8.54
N HIS D 857 -40.97 8.22 8.31
CA HIS D 857 -41.91 7.90 9.36
C HIS D 857 -41.49 6.68 10.19
N LEU D 858 -40.41 6.00 9.82
CA LEU D 858 -40.03 4.72 10.42
C LEU D 858 -38.68 4.87 11.09
N GLN D 859 -38.70 5.11 12.41
CA GLN D 859 -37.50 5.40 13.19
C GLN D 859 -37.01 4.18 13.98
N ASP D 860 -37.39 2.97 13.58
CA ASP D 860 -37.03 1.78 14.34
C ASP D 860 -37.02 0.54 13.47
N LEU D 861 -36.34 0.60 12.31
CA LEU D 861 -36.29 -0.51 11.37
C LEU D 861 -35.30 -1.57 11.84
N GLN D 862 -35.70 -2.84 11.69
CA GLN D 862 -34.88 -3.97 12.10
C GLN D 862 -33.93 -4.38 10.98
N ASP D 863 -32.73 -4.82 11.35
CA ASP D 863 -31.83 -5.46 10.41
C ASP D 863 -31.91 -6.98 10.57
N SER D 864 -30.93 -7.70 10.03
CA SER D 864 -30.93 -9.16 10.15
C SER D 864 -30.49 -9.62 11.53
N TYR D 865 -29.84 -8.76 12.31
CA TYR D 865 -29.59 -9.02 13.72
C TYR D 865 -30.70 -8.47 14.61
N GLY D 866 -31.82 -8.05 14.04
CA GLY D 866 -32.95 -7.58 14.83
C GLY D 866 -32.68 -6.29 15.58
N GLN D 867 -31.80 -5.44 15.06
CA GLN D 867 -31.49 -4.15 15.70
C GLN D 867 -32.36 -3.06 15.09
N GLU D 868 -32.86 -2.16 15.94
CA GLU D 868 -33.78 -1.12 15.52
C GLU D 868 -33.05 0.20 15.29
N TRP D 869 -33.29 0.81 14.13
CA TRP D 869 -32.50 1.90 13.57
C TRP D 869 -33.38 3.11 13.32
N THR D 870 -32.78 4.30 13.36
CA THR D 870 -33.54 5.48 12.99
C THR D 870 -33.35 5.80 11.52
N PHE D 871 -34.21 6.68 11.00
CA PHE D 871 -34.07 7.16 9.63
C PHE D 871 -32.68 7.73 9.37
N GLY D 872 -32.17 8.51 10.32
CA GLY D 872 -30.86 9.10 10.14
C GLY D 872 -29.75 8.06 10.14
N GLN D 873 -29.78 7.14 11.11
CA GLN D 873 -28.74 6.13 11.19
C GLN D 873 -28.66 5.31 9.91
N ARG D 874 -29.81 5.00 9.32
CA ARG D 874 -29.82 4.30 8.04
C ARG D 874 -29.15 5.15 6.96
N LEU D 875 -29.48 6.44 6.92
CA LEU D 875 -29.05 7.30 5.83
C LEU D 875 -27.54 7.53 5.85
N TYR D 876 -26.92 7.52 7.03
CA TYR D 876 -25.47 7.58 7.10
C TYR D 876 -24.85 6.32 6.53
N GLN D 877 -25.51 5.18 6.69
CA GLN D 877 -25.04 3.93 6.11
C GLN D 877 -25.30 3.89 4.60
N GLN D 878 -26.37 4.55 4.15
CA GLN D 878 -26.53 4.82 2.71
C GLN D 878 -25.35 5.63 2.19
N TYR D 879 -24.79 6.50 3.03
CA TYR D 879 -23.61 7.25 2.63
C TYR D 879 -22.37 6.38 2.67
N THR D 880 -22.29 5.47 3.65
CA THR D 880 -21.21 4.50 3.69
C THR D 880 -21.28 3.55 2.49
N CYS D 881 -22.46 3.39 1.90
CA CYS D 881 -22.59 2.67 0.64
C CYS D 881 -21.95 3.45 -0.50
N TYR D 882 -22.38 4.71 -0.70
CA TYR D 882 -21.80 5.61 -1.70
C TYR D 882 -20.29 5.48 -1.75
N THR D 883 -19.66 5.53 -0.57
CA THR D 883 -18.23 5.74 -0.48
C THR D 883 -17.45 4.46 -0.74
N VAL D 884 -17.96 3.32 -0.27
CA VAL D 884 -17.24 2.08 -0.47
C VAL D 884 -17.32 1.66 -1.94
N PHE D 885 -18.47 1.91 -2.58
CA PHE D 885 -18.58 1.79 -4.02
C PHE D 885 -17.60 2.74 -4.71
N PHE D 886 -17.64 4.01 -4.32
CA PHE D 886 -16.71 5.03 -4.80
C PHE D 886 -15.29 4.53 -4.82
N ILE D 887 -14.81 3.98 -3.70
CA ILE D 887 -13.41 3.56 -3.63
C ILE D 887 -13.18 2.30 -4.43
N SER D 888 -14.16 1.41 -4.51
CA SER D 888 -14.05 0.28 -5.42
C SER D 888 -13.86 0.74 -6.85
N ILE D 889 -14.58 1.79 -7.24
CA ILE D 889 -14.25 2.48 -8.48
C ILE D 889 -12.81 2.98 -8.44
N GLU D 890 -12.45 3.68 -7.37
CA GLU D 890 -11.15 4.33 -7.28
C GLU D 890 -10.01 3.32 -7.25
N MET D 891 -10.24 2.15 -6.65
CA MET D 891 -9.22 1.11 -6.69
C MET D 891 -9.13 0.46 -8.05
N CYS D 892 -10.27 0.31 -8.74
CA CYS D 892 -10.26 -0.28 -10.07
C CYS D 892 -9.79 0.72 -11.11
N GLN D 893 -10.00 2.01 -10.87
CA GLN D 893 -9.48 3.07 -11.73
C GLN D 893 -7.97 3.22 -11.61
N ILE D 894 -7.35 2.59 -10.63
CA ILE D 894 -5.89 2.52 -10.58
C ILE D 894 -5.44 1.44 -11.56
N ALA D 895 -5.89 0.21 -11.36
CA ALA D 895 -5.56 -0.86 -12.30
C ALA D 895 -6.08 -0.57 -13.70
N ASP D 896 -7.01 0.38 -13.82
CA ASP D 896 -7.46 0.82 -15.14
C ASP D 896 -6.43 1.75 -15.78
N VAL D 897 -5.92 2.73 -15.02
CA VAL D 897 -4.99 3.71 -15.59
C VAL D 897 -3.70 3.02 -16.02
N LEU D 898 -3.37 1.87 -15.42
CA LEU D 898 -2.17 1.13 -15.79
C LEU D 898 -2.36 0.31 -17.07
N ILE D 899 -3.58 -0.17 -17.33
CA ILE D 899 -3.85 -0.88 -18.56
C ILE D 899 -4.34 0.02 -19.67
N ARG D 900 -4.41 1.33 -19.43
CA ARG D 900 -4.60 2.31 -20.48
C ARG D 900 -3.30 2.99 -20.86
N LYS D 901 -2.20 2.67 -20.17
CA LYS D 901 -0.87 2.99 -20.67
C LYS D 901 -0.67 2.45 -22.07
N THR D 902 -0.84 1.15 -22.22
CA THR D 902 -0.53 0.44 -23.45
C THR D 902 -1.80 -0.11 -24.07
N ARG D 903 -1.87 -0.04 -25.40
CA ARG D 903 -2.93 -0.71 -26.13
C ARG D 903 -2.47 -2.01 -26.77
N ARG D 904 -1.16 -2.28 -26.77
CA ARG D 904 -0.61 -3.47 -27.41
C ARG D 904 0.54 -4.05 -26.61
N LEU D 905 1.44 -3.19 -26.14
CA LEU D 905 2.67 -3.65 -25.49
C LEU D 905 2.39 -4.14 -24.07
N SER D 906 3.26 -5.01 -23.60
CA SER D 906 3.20 -5.43 -22.20
C SER D 906 3.60 -4.27 -21.30
N ALA D 907 2.87 -4.12 -20.19
CA ALA D 907 3.28 -3.18 -19.16
C ALA D 907 4.45 -3.68 -18.34
N PHE D 908 4.91 -4.92 -18.56
CA PHE D 908 6.23 -5.31 -18.11
C PHE D 908 7.30 -4.73 -19.03
N GLN D 909 7.14 -4.93 -20.33
CA GLN D 909 8.17 -4.51 -21.28
C GLN D 909 8.27 -2.98 -21.36
N GLN D 910 7.16 -2.31 -21.68
CA GLN D 910 7.18 -0.85 -21.63
C GLN D 910 7.39 -0.36 -20.19
N GLY D 911 6.79 -1.04 -19.23
CA GLY D 911 7.04 -0.75 -17.83
C GLY D 911 5.94 0.09 -17.20
N PHE D 912 5.99 0.15 -15.87
CA PHE D 912 5.00 0.90 -15.11
C PHE D 912 5.35 2.39 -15.08
N PHE D 913 6.43 2.73 -14.39
CA PHE D 913 6.63 4.07 -13.84
C PHE D 913 7.28 5.04 -14.81
N ARG D 914 7.59 4.62 -16.03
CA ARG D 914 8.42 5.45 -16.90
C ARG D 914 7.75 6.78 -17.22
N ASN D 915 6.45 6.76 -17.50
CA ASN D 915 5.68 8.00 -17.47
C ASN D 915 5.51 8.41 -16.02
N ARG D 916 6.03 9.58 -15.66
CA ARG D 916 6.11 9.97 -14.27
C ARG D 916 5.06 10.99 -13.85
N ILE D 917 4.47 11.74 -14.78
CA ILE D 917 3.29 12.53 -14.44
C ILE D 917 2.15 11.61 -14.04
N LEU D 918 2.03 10.46 -14.69
CA LEU D 918 0.95 9.53 -14.43
C LEU D 918 0.96 9.07 -12.98
N VAL D 919 2.12 8.66 -12.47
CA VAL D 919 2.19 8.15 -11.10
C VAL D 919 1.89 9.26 -10.11
N ILE D 920 2.15 10.52 -10.48
CA ILE D 920 1.78 11.63 -9.62
C ILE D 920 0.28 11.89 -9.65
N ALA D 921 -0.40 11.46 -10.71
CA ALA D 921 -1.85 11.51 -10.74
C ALA D 921 -2.44 10.42 -9.86
N ILE D 922 -1.94 9.18 -10.02
CA ILE D 922 -2.40 8.04 -9.21
C ILE D 922 -2.45 8.41 -7.73
N VAL D 923 -1.48 9.19 -7.27
CA VAL D 923 -1.37 9.54 -5.86
C VAL D 923 -2.26 10.73 -5.51
N PHE D 924 -2.30 11.74 -6.37
CA PHE D 924 -3.24 12.83 -6.17
C PHE D 924 -4.68 12.33 -6.28
N GLN D 925 -4.90 11.31 -7.12
CA GLN D 925 -6.15 10.56 -7.13
C GLN D 925 -6.46 10.00 -5.75
N VAL D 926 -5.47 9.40 -5.11
CA VAL D 926 -5.70 8.76 -3.81
C VAL D 926 -5.85 9.80 -2.71
N CYS D 927 -4.93 10.77 -2.66
CA CYS D 927 -4.93 11.73 -1.55
C CYS D 927 -6.20 12.56 -1.52
N ILE D 928 -6.76 12.88 -2.69
CA ILE D 928 -8.06 13.56 -2.69
C ILE D 928 -9.13 12.60 -2.20
N GLY D 929 -8.92 11.29 -2.38
CA GLY D 929 -9.82 10.33 -1.76
C GLY D 929 -9.69 10.32 -0.25
N CYS D 930 -8.44 10.28 0.24
CA CYS D 930 -8.19 10.37 1.67
C CYS D 930 -8.32 11.79 2.22
N PHE D 931 -8.66 12.77 1.37
CA PHE D 931 -9.25 13.99 1.89
C PHE D 931 -10.76 13.81 2.06
N LEU D 932 -11.44 13.42 0.97
CA LEU D 932 -12.88 13.23 1.00
C LEU D 932 -13.32 12.35 2.15
N CYS D 933 -12.80 11.13 2.23
CA CYS D 933 -13.26 10.17 3.24
C CYS D 933 -12.98 10.69 4.65
N TYR D 934 -11.71 10.95 4.97
CA TYR D 934 -11.30 11.08 6.36
C TYR D 934 -11.18 12.53 6.84
N CYS D 935 -11.54 13.51 6.03
CA CYS D 935 -11.63 14.87 6.55
C CYS D 935 -12.83 14.98 7.49
N PRO D 936 -12.66 15.61 8.65
CA PRO D 936 -13.80 15.78 9.57
C PRO D 936 -14.75 16.84 9.04
N GLY D 937 -16.00 16.43 8.80
CA GLY D 937 -17.03 17.31 8.29
C GLY D 937 -17.70 16.80 7.03
N MET D 938 -17.02 15.87 6.35
CA MET D 938 -17.42 15.39 5.04
C MET D 938 -18.69 14.52 5.05
N PRO D 939 -18.97 13.72 6.10
CA PRO D 939 -20.24 12.98 6.16
C PRO D 939 -21.46 13.81 5.78
N ASN D 940 -21.65 14.95 6.44
CA ASN D 940 -22.84 15.74 6.19
C ASN D 940 -22.68 16.68 5.00
N ILE D 941 -21.45 17.09 4.70
CA ILE D 941 -21.25 18.11 3.69
C ILE D 941 -21.32 17.51 2.29
N PHE D 942 -20.62 16.41 2.05
CA PHE D 942 -20.53 15.82 0.72
C PHE D 942 -20.88 14.33 0.66
N ASN D 943 -21.35 13.76 1.78
CA ASN D 943 -21.90 12.40 1.82
C ASN D 943 -20.83 11.31 1.68
N PHE D 944 -19.63 11.56 2.20
CA PHE D 944 -18.58 10.56 2.26
C PHE D 944 -18.35 10.14 3.72
N MET D 945 -17.66 9.02 3.89
CA MET D 945 -17.47 8.43 5.21
C MET D 945 -16.05 7.92 5.39
N PRO D 946 -15.52 7.95 6.61
CA PRO D 946 -14.22 7.33 6.88
C PRO D 946 -14.33 5.81 6.90
N ILE D 947 -14.22 5.17 5.74
CA ILE D 947 -14.47 3.73 5.64
C ILE D 947 -13.33 2.96 6.28
N ARG D 948 -13.57 1.69 6.56
CA ARG D 948 -12.59 0.86 7.27
C ARG D 948 -11.48 0.40 6.32
N PHE D 949 -10.36 -0.01 6.91
CA PHE D 949 -9.23 -0.44 6.08
C PHE D 949 -9.57 -1.69 5.30
N GLN D 950 -10.47 -2.53 5.82
CA GLN D 950 -10.85 -3.75 5.13
C GLN D 950 -11.57 -3.49 3.82
N TRP D 951 -12.20 -2.32 3.68
CA TRP D 951 -13.04 -2.02 2.53
C TRP D 951 -12.30 -1.31 1.41
N TRP D 952 -11.08 -0.81 1.65
CA TRP D 952 -10.23 -0.48 0.51
C TRP D 952 -9.75 -1.73 -0.19
N LEU D 953 -9.58 -2.80 0.57
CA LEU D 953 -8.86 -3.97 0.10
C LEU D 953 -9.78 -5.00 -0.53
N VAL D 954 -11.08 -4.84 -0.41
CA VAL D 954 -12.05 -5.70 -1.09
C VAL D 954 -11.89 -5.56 -2.61
N PRO D 955 -11.98 -4.35 -3.19
CA PRO D 955 -11.88 -4.27 -4.65
C PRO D 955 -10.50 -4.59 -5.21
N MET D 956 -9.46 -4.54 -4.40
CA MET D 956 -8.11 -4.67 -4.95
C MET D 956 -7.88 -6.00 -5.67
N PRO D 957 -8.39 -7.15 -5.21
CA PRO D 957 -8.33 -8.36 -6.04
C PRO D 957 -9.19 -8.31 -7.29
N PHE D 958 -9.94 -7.23 -7.52
CA PHE D 958 -10.56 -6.98 -8.82
C PHE D 958 -9.74 -6.01 -9.65
N SER D 959 -9.16 -5.00 -9.01
CA SER D 959 -8.15 -4.19 -9.67
C SER D 959 -7.04 -5.08 -10.21
N LEU D 960 -6.45 -5.89 -9.34
CA LEU D 960 -5.46 -6.87 -9.77
C LEU D 960 -5.99 -7.71 -10.93
N LEU D 961 -7.22 -8.21 -10.80
CA LEU D 961 -7.82 -8.99 -11.87
C LEU D 961 -7.88 -8.20 -13.17
N ILE D 962 -8.37 -6.96 -13.10
CA ILE D 962 -8.42 -6.08 -14.28
C ILE D 962 -7.04 -5.99 -14.92
N PHE D 963 -6.03 -5.65 -14.12
CA PHE D 963 -4.66 -5.57 -14.61
C PHE D 963 -4.25 -6.86 -15.31
N VAL D 964 -4.48 -7.99 -14.65
CA VAL D 964 -4.03 -9.27 -15.20
C VAL D 964 -4.88 -9.70 -16.39
N TYR D 965 -6.13 -9.23 -16.49
CA TYR D 965 -6.97 -9.63 -17.61
C TYR D 965 -6.57 -8.90 -18.89
N ASP D 966 -6.24 -7.60 -18.79
CA ASP D 966 -5.82 -6.85 -19.97
C ASP D 966 -4.42 -7.26 -20.42
N GLU D 967 -3.53 -7.49 -19.44
CA GLU D 967 -2.15 -7.86 -19.77
C GLU D 967 -2.07 -9.20 -20.50
N ILE D 968 -3.07 -10.06 -20.32
CA ILE D 968 -3.13 -11.30 -21.10
C ILE D 968 -3.86 -11.08 -22.43
N ARG D 969 -4.78 -10.10 -22.47
CA ARG D 969 -5.37 -9.71 -23.76
C ARG D 969 -4.35 -9.00 -24.64
N LYS D 970 -3.41 -8.26 -24.05
CA LYS D 970 -2.34 -7.65 -24.83
C LYS D 970 -1.31 -8.69 -25.27
N LEU D 971 -0.95 -9.62 -24.39
CA LEU D 971 -0.05 -10.70 -24.80
C LEU D 971 -0.74 -11.66 -25.76
N GLY D 972 -2.07 -11.71 -25.76
CA GLY D 972 -2.78 -12.54 -26.72
C GLY D 972 -2.70 -11.99 -28.13
N VAL D 973 -2.50 -10.68 -28.28
CA VAL D 973 -2.38 -10.12 -29.62
C VAL D 973 -0.92 -9.96 -30.05
N ARG D 974 0.02 -9.97 -29.10
CA ARG D 974 1.43 -9.99 -29.46
C ARG D 974 1.82 -11.33 -30.07
N CYS D 975 1.22 -12.42 -29.59
CA CYS D 975 1.58 -13.76 -30.02
C CYS D 975 0.58 -14.37 -31.00
N CYS D 976 -0.44 -13.61 -31.41
CA CYS D 976 -1.37 -14.07 -32.44
C CYS D 976 -1.89 -12.84 -33.19
N PRO D 977 -1.07 -12.29 -34.09
CA PRO D 977 -1.46 -11.04 -34.77
C PRO D 977 -2.67 -11.18 -35.69
N GLY D 978 -3.07 -12.40 -36.06
CA GLY D 978 -4.07 -12.55 -37.11
C GLY D 978 -5.31 -13.33 -36.75
N SER D 979 -5.28 -14.08 -35.65
CA SER D 979 -6.35 -15.01 -35.34
C SER D 979 -7.62 -14.25 -34.93
N TRP D 980 -8.60 -14.98 -34.41
CA TRP D 980 -9.87 -14.39 -34.00
C TRP D 980 -9.73 -13.50 -32.77
N TRP D 981 -8.62 -13.62 -32.04
CA TRP D 981 -8.45 -12.85 -30.81
C TRP D 981 -8.12 -11.39 -31.09
N ASP D 982 -7.37 -11.13 -32.16
CA ASP D 982 -7.00 -9.74 -32.48
C ASP D 982 -8.14 -9.01 -33.16
N GLN D 983 -8.92 -9.71 -34.00
CA GLN D 983 -9.94 -9.04 -34.79
C GLN D 983 -11.08 -8.50 -33.94
N GLU D 984 -11.27 -9.03 -32.74
CA GLU D 984 -12.43 -8.69 -31.91
C GLU D 984 -12.05 -8.07 -30.58
N LEU D 985 -11.01 -8.59 -29.92
CA LEU D 985 -10.65 -8.20 -28.57
C LEU D 985 -9.46 -7.25 -28.53
N TYR D 986 -9.17 -6.58 -29.64
CA TYR D 986 -8.25 -5.44 -29.66
C TYR D 986 -9.05 -4.16 -29.72
N TYR D 987 -8.47 -3.07 -29.24
CA TYR D 987 -9.06 -1.77 -29.49
C TYR D 987 -7.97 -0.80 -29.87
#